data_8F7C
#
_entry.id   8F7C
#
_cell.length_a   1.00
_cell.length_b   1.00
_cell.length_c   1.00
_cell.angle_alpha   90.00
_cell.angle_beta   90.00
_cell.angle_gamma   90.00
#
_symmetry.space_group_name_H-M   'P 1'
#
_entity_poly.entity_id   1
_entity_poly.type   'polypeptide(L)'
_entity_poly.pdbx_seq_one_letter_code
;MHHLLEQSADMATALLAGEKLRELILPGAQDDKAGALAALLLQLKLELPFDRVVTIGTVLVPILLVTLVFTKNFAEEPIY
CYTPHNFTRDQALYARGYCWTELRDALPGVDASLWPSLFEHKFLPYALLAFAAIMYVPALGWEFLASTRLTSELNFLLQE
IDNCYHRAAEGRAPKIEKQIQSKGPGITEREKREIIENAEKEKSPEQNLFEKYLERRGRSNFLAKLYLARHVLILLLSAV
PISYLCTYYATQKQNEFTCALGASPDGAAGAGPAVRVSCKLPSVQLQRIIAGVDIVLLCVMNLIILVNLIHLFIFRKSNF
IFDKLHKVGIKTRRQWRRSQFCDINILAMFCNENRDHIKSLNRLDFITNESDADLEDNWETLNDNLKVIEKADNAAQVKD
ALTKMRAAALDAQKATPPKLEDKSPDSPEMKDFRHGFDILVGQIDDALKLANEGKVKEAQAAAEQLKTTRNAYIQKYLSN
SLEVLFQ
;
_entity_poly.pdbx_strand_id   A,B,C,D,E,F,G
#
# COMPACT_ATOMS: atom_id res chain seq x y z
N GLY A 35 -2.11 -5.44 37.05
CA GLY A 35 -1.30 -4.40 36.46
C GLY A 35 -1.49 -4.28 34.96
N ALA A 36 -2.68 -4.69 34.49
CA ALA A 36 -2.98 -4.60 33.05
C ALA A 36 -3.02 -3.15 32.60
N LEU A 37 -3.63 -2.27 33.40
CA LEU A 37 -3.70 -0.86 33.04
C LEU A 37 -2.31 -0.23 32.95
N ALA A 38 -1.45 -0.55 33.91
CA ALA A 38 -0.07 -0.04 33.87
C ALA A 38 0.69 -0.60 32.68
N ALA A 39 0.51 -1.89 32.38
CA ALA A 39 1.20 -2.50 31.25
C ALA A 39 0.76 -1.89 29.93
N LEU A 40 -0.54 -1.62 29.78
CA LEU A 40 -1.04 -1.04 28.53
C LEU A 40 -0.46 0.35 28.29
N LEU A 41 -0.35 1.16 29.34
CA LEU A 41 0.20 2.51 29.25
C LEU A 41 1.63 2.58 29.75
N LEU A 42 2.41 1.52 29.52
CA LEU A 42 3.78 1.46 30.01
C LEU A 42 4.73 2.38 29.24
N GLN A 43 4.29 2.98 28.15
CA GLN A 43 5.14 3.89 27.39
C GLN A 43 5.35 5.18 28.17
N LEU A 44 6.61 5.58 28.31
CA LEU A 44 6.99 6.80 29.03
C LEU A 44 7.51 7.83 28.03
N LYS A 45 6.96 9.04 28.10
CA LYS A 45 7.46 10.11 27.24
C LYS A 45 8.90 10.43 27.57
N LEU A 46 9.73 10.54 26.54
CA LEU A 46 11.17 10.78 26.69
C LEU A 46 11.61 11.87 25.73
N GLU A 47 10.79 12.90 25.60
CA GLU A 47 11.08 14.01 24.68
C GLU A 47 10.28 15.22 25.13
N LEU A 48 10.98 16.29 25.49
CA LEU A 48 10.32 17.51 25.90
C LEU A 48 9.61 18.15 24.71
N PRO A 49 8.49 18.85 24.95
CA PRO A 49 7.79 19.52 23.85
C PRO A 49 8.63 20.56 23.12
N PHE A 50 9.57 21.20 23.82
CA PHE A 50 10.40 22.21 23.17
C PHE A 50 11.25 21.59 22.07
N ASP A 51 11.78 20.39 22.29
CA ASP A 51 12.53 19.70 21.25
C ASP A 51 11.66 19.42 20.04
N ARG A 52 10.41 19.00 20.27
CA ARG A 52 9.50 18.76 19.15
C ARG A 52 9.22 20.04 18.38
N VAL A 53 9.02 21.16 19.09
CA VAL A 53 8.76 22.43 18.42
C VAL A 53 9.96 22.84 17.59
N VAL A 54 11.17 22.70 18.13
CA VAL A 54 12.37 23.07 17.39
C VAL A 54 12.53 22.19 16.15
N THR A 55 12.29 20.88 16.30
CA THR A 55 12.41 19.99 15.15
C THR A 55 11.42 20.36 14.05
N ILE A 56 10.15 20.59 14.43
CA ILE A 56 9.14 20.94 13.44
C ILE A 56 9.49 22.26 12.75
N GLY A 57 9.96 23.23 13.53
CA GLY A 57 10.27 24.53 12.94
C GLY A 57 11.55 24.56 12.13
N THR A 58 12.44 23.58 12.32
CA THR A 58 13.74 23.61 11.66
C THR A 58 13.85 22.64 10.49
N VAL A 59 13.44 21.39 10.66
CA VAL A 59 13.76 20.32 9.70
C VAL A 59 12.60 20.06 8.75
N LEU A 60 11.39 19.92 9.28
CA LEU A 60 10.27 19.41 8.47
C LEU A 60 9.89 20.37 7.34
N VAL A 61 9.81 21.67 7.65
CA VAL A 61 9.32 22.63 6.65
C VAL A 61 10.21 22.71 5.42
N PRO A 62 11.54 22.81 5.54
CA PRO A 62 12.37 22.87 4.32
C PRO A 62 12.19 21.68 3.39
N ILE A 63 11.90 20.48 3.91
CA ILE A 63 11.64 19.34 3.04
C ILE A 63 10.40 19.58 2.19
N LEU A 64 9.35 20.12 2.82
CA LEU A 64 8.12 20.43 2.06
C LEU A 64 8.40 21.48 1.00
N LEU A 65 9.16 22.52 1.34
CA LEU A 65 9.49 23.53 0.33
C LEU A 65 10.31 22.94 -0.81
N VAL A 66 11.27 22.07 -0.50
CA VAL A 66 12.09 21.46 -1.54
C VAL A 66 11.24 20.59 -2.46
N THR A 67 10.33 19.80 -1.88
CA THR A 67 9.50 18.95 -2.74
C THR A 67 8.54 19.79 -3.59
N LEU A 68 8.04 20.90 -3.05
CA LEU A 68 7.22 21.79 -3.87
C LEU A 68 8.03 22.37 -5.03
N VAL A 69 9.27 22.79 -4.75
CA VAL A 69 10.12 23.34 -5.81
C VAL A 69 10.40 22.28 -6.87
N PHE A 70 10.67 21.04 -6.45
CA PHE A 70 10.93 19.97 -7.42
C PHE A 70 9.70 19.71 -8.27
N THR A 71 8.51 19.67 -7.66
CA THR A 71 7.29 19.44 -8.42
C THR A 71 7.06 20.55 -9.44
N LYS A 72 7.30 21.81 -9.04
CA LYS A 72 7.19 22.90 -10.00
C LYS A 72 8.22 22.80 -11.11
N ASN A 73 9.45 22.40 -10.76
CA ASN A 73 10.55 22.42 -11.72
C ASN A 73 10.42 21.30 -12.75
N PHE A 74 9.79 20.18 -12.38
CA PHE A 74 9.61 19.08 -13.31
C PHE A 74 8.25 19.11 -14.02
N ALA A 75 7.72 20.29 -14.30
CA ALA A 75 6.48 20.43 -15.04
C ALA A 75 6.64 21.27 -16.31
N GLU A 76 7.87 21.58 -16.71
CA GLU A 76 8.12 22.40 -17.88
C GLU A 76 9.49 22.06 -18.45
N GLU A 77 9.76 22.58 -19.64
CA GLU A 77 11.06 22.40 -20.26
C GLU A 77 12.11 23.24 -19.52
N PRO A 78 13.39 22.84 -19.59
CA PRO A 78 14.40 23.56 -18.80
C PRO A 78 14.74 24.94 -19.35
N ILE A 79 14.91 25.08 -20.66
CA ILE A 79 15.44 26.31 -21.24
C ILE A 79 14.67 26.65 -22.51
N TYR A 80 14.37 27.94 -22.68
CA TYR A 80 13.66 28.48 -23.84
C TYR A 80 14.54 29.51 -24.52
N CYS A 81 14.76 29.37 -25.82
CA CYS A 81 15.44 30.43 -26.57
C CYS A 81 15.32 30.22 -28.08
N TYR A 82 15.94 31.15 -28.80
CA TYR A 82 15.74 31.46 -30.21
C TYR A 82 16.62 30.57 -31.08
N THR A 83 16.39 30.66 -32.40
CA THR A 83 17.12 29.87 -33.39
C THR A 83 17.04 30.55 -34.75
N PRO A 84 18.15 30.66 -35.48
CA PRO A 84 18.10 31.31 -36.80
C PRO A 84 17.24 30.52 -37.78
N HIS A 85 17.04 31.12 -38.95
CA HIS A 85 16.12 30.55 -39.93
C HIS A 85 16.71 29.33 -40.63
N ASN A 86 18.01 29.34 -40.91
CA ASN A 86 18.63 28.26 -41.68
C ASN A 86 18.72 26.96 -40.91
N PHE A 87 18.65 27.00 -39.58
CA PHE A 87 18.81 25.79 -38.78
C PHE A 87 17.66 24.81 -39.01
N THR A 88 17.98 23.53 -39.02
CA THR A 88 16.99 22.48 -39.03
C THR A 88 16.59 22.13 -37.60
N ARG A 89 15.83 21.05 -37.42
CA ARG A 89 15.34 20.71 -36.09
C ARG A 89 16.45 20.14 -35.21
N ASP A 90 17.26 19.22 -35.76
CA ASP A 90 18.29 18.57 -34.95
C ASP A 90 19.34 19.56 -34.49
N GLN A 91 19.75 20.49 -35.36
CA GLN A 91 20.73 21.49 -34.95
C GLN A 91 20.17 22.39 -33.87
N ALA A 92 18.87 22.71 -33.94
CA ALA A 92 18.24 23.49 -32.88
C ALA A 92 18.25 22.74 -31.56
N LEU A 93 17.95 21.43 -31.60
CA LEU A 93 18.01 20.63 -30.39
C LEU A 93 19.42 20.61 -29.81
N TYR A 94 20.43 20.45 -30.67
CA TYR A 94 21.81 20.49 -30.20
C TYR A 94 22.15 21.83 -29.57
N ALA A 95 21.68 22.92 -30.18
CA ALA A 95 21.95 24.24 -29.64
C ALA A 95 21.34 24.39 -28.25
N ARG A 96 20.09 23.95 -28.08
CA ARG A 96 19.46 24.01 -26.77
C ARG A 96 20.25 23.20 -25.74
N GLY A 97 20.61 21.97 -26.11
CA GLY A 97 21.33 21.12 -25.18
C GLY A 97 22.68 21.69 -24.79
N TYR A 98 23.43 22.20 -25.77
CA TYR A 98 24.75 22.76 -25.50
C TYR A 98 24.65 24.00 -24.64
N CYS A 99 23.71 24.90 -24.94
CA CYS A 99 23.60 26.12 -24.15
C CYS A 99 23.08 25.85 -22.75
N TRP A 100 22.33 24.76 -22.56
CA TRP A 100 21.92 24.39 -21.21
C TRP A 100 23.07 23.73 -20.45
N THR A 101 23.88 22.90 -21.12
CA THR A 101 24.96 22.20 -20.44
C THR A 101 26.08 23.14 -20.04
N GLU A 102 26.52 24.00 -20.97
CA GLU A 102 27.63 24.89 -20.68
C GLU A 102 27.27 25.92 -19.62
N LEU A 103 26.12 26.59 -19.81
CA LEU A 103 25.61 27.57 -18.85
C LEU A 103 26.64 28.67 -18.57
N ARG A 104 27.27 29.16 -19.64
CA ARG A 104 28.30 30.19 -19.54
C ARG A 104 27.87 31.41 -20.34
N ASP A 105 28.05 32.60 -19.76
CA ASP A 105 27.69 33.84 -20.40
C ASP A 105 28.77 34.24 -21.41
N ALA A 106 28.53 35.35 -22.12
CA ALA A 106 29.49 35.87 -23.08
C ALA A 106 29.29 37.37 -23.20
N LEU A 107 30.36 38.07 -23.58
CA LEU A 107 30.34 39.51 -23.73
C LEU A 107 31.18 39.91 -24.94
N PRO A 108 30.85 41.03 -25.58
CA PRO A 108 31.64 41.47 -26.74
C PRO A 108 32.96 42.09 -26.32
N GLY A 109 34.01 41.75 -27.07
CA GLY A 109 35.33 42.31 -26.84
C GLY A 109 36.07 41.76 -25.65
N VAL A 110 35.57 40.70 -25.02
CA VAL A 110 36.20 40.10 -23.86
C VAL A 110 36.46 38.63 -24.15
N ASP A 111 37.66 38.16 -23.82
CA ASP A 111 38.00 36.77 -24.05
C ASP A 111 37.22 35.86 -23.08
N ALA A 112 37.29 34.56 -23.35
CA ALA A 112 36.51 33.59 -22.58
C ALA A 112 37.03 33.41 -21.16
N SER A 113 38.19 33.96 -20.82
CA SER A 113 38.76 33.78 -19.50
C SER A 113 38.03 34.56 -18.41
N LEU A 114 37.15 35.50 -18.78
CA LEU A 114 36.47 36.34 -17.80
C LEU A 114 34.95 36.28 -17.95
N TRP A 115 34.42 35.22 -18.54
CA TRP A 115 32.98 35.11 -18.74
C TRP A 115 32.31 34.61 -17.46
N PRO A 116 31.30 35.31 -16.96
CA PRO A 116 30.65 34.90 -15.71
C PRO A 116 29.85 33.60 -15.88
N SER A 117 29.66 32.92 -14.76
CA SER A 117 28.93 31.66 -14.71
C SER A 117 27.64 31.81 -13.90
N LEU A 118 26.76 30.83 -14.05
CA LEU A 118 25.46 30.84 -13.37
C LEU A 118 25.13 29.46 -12.82
N PHE A 119 26.11 28.83 -12.17
CA PHE A 119 25.95 27.45 -11.73
C PHE A 119 24.95 27.30 -10.58
N GLU A 120 24.76 28.34 -9.77
CA GLU A 120 23.86 28.22 -8.62
C GLU A 120 22.43 27.96 -9.05
N HIS A 121 21.99 28.60 -10.14
CA HIS A 121 20.61 28.41 -10.62
C HIS A 121 20.30 26.96 -10.93
N LYS A 122 21.33 26.15 -11.20
CA LYS A 122 21.16 24.72 -11.43
C LYS A 122 21.47 23.88 -10.21
N PHE A 123 22.36 24.35 -9.33
CA PHE A 123 22.81 23.55 -8.19
C PHE A 123 22.05 23.85 -6.89
N LEU A 124 21.09 24.77 -6.90
CA LEU A 124 20.48 25.21 -5.65
C LEU A 124 19.78 24.12 -4.84
N PRO A 125 18.83 23.35 -5.39
CA PRO A 125 17.99 22.51 -4.51
C PRO A 125 18.77 21.46 -3.71
N TYR A 126 19.84 20.91 -4.26
CA TYR A 126 20.59 19.89 -3.53
C TYR A 126 21.25 20.45 -2.27
N ALA A 127 21.58 21.74 -2.28
CA ALA A 127 22.12 22.37 -1.08
C ALA A 127 21.10 22.32 0.06
N LEU A 128 19.84 22.66 -0.23
CA LEU A 128 18.80 22.57 0.78
C LEU A 128 18.57 21.13 1.20
N LEU A 129 18.62 20.20 0.24
CA LEU A 129 18.43 18.79 0.57
C LEU A 129 19.50 18.30 1.55
N ALA A 130 20.74 18.74 1.38
CA ALA A 130 21.79 18.37 2.32
C ALA A 130 21.65 19.11 3.64
N PHE A 131 21.21 20.37 3.59
CA PHE A 131 21.06 21.17 4.80
C PHE A 131 20.04 20.56 5.74
N ALA A 132 18.96 19.98 5.18
CA ALA A 132 17.96 19.33 6.01
C ALA A 132 18.59 18.26 6.90
N ALA A 133 19.37 17.35 6.30
CA ALA A 133 19.98 16.28 7.07
C ALA A 133 21.04 16.80 8.03
N ILE A 134 21.86 17.76 7.58
CA ILE A 134 22.94 18.22 8.46
C ILE A 134 22.36 18.98 9.64
N MET A 135 21.14 19.52 9.51
CA MET A 135 20.46 20.12 10.66
C MET A 135 19.75 19.07 11.51
N TYR A 136 19.32 17.97 10.90
CA TYR A 136 18.61 16.93 11.65
C TYR A 136 19.54 16.05 12.48
N VAL A 137 20.85 16.03 12.17
CA VAL A 137 21.77 15.13 12.85
C VAL A 137 21.68 15.19 14.39
N PRO A 138 21.74 16.36 15.04
CA PRO A 138 21.81 16.37 16.52
C PRO A 138 20.62 15.72 17.21
N ALA A 139 19.41 15.84 16.64
CA ALA A 139 18.25 15.22 17.28
C ALA A 139 18.39 13.71 17.33
N LEU A 140 18.89 13.11 16.26
CA LEU A 140 19.17 11.67 16.28
C LEU A 140 20.34 11.36 17.19
N GLY A 141 21.32 12.26 17.27
CA GLY A 141 22.49 12.01 18.09
C GLY A 141 22.18 11.95 19.57
N TRP A 142 21.26 12.79 20.05
CA TRP A 142 20.96 12.85 21.47
C TRP A 142 20.38 11.55 22.01
N GLU A 143 19.56 10.86 21.21
CA GLU A 143 18.88 9.66 21.69
C GLU A 143 19.88 8.55 22.03
N PHE A 144 20.90 8.37 21.19
CA PHE A 144 21.86 7.29 21.41
C PHE A 144 22.57 7.42 22.75
N LEU A 145 22.59 8.60 23.34
CA LEU A 145 23.20 8.80 24.65
C LEU A 145 22.18 8.92 25.78
N ALA A 146 20.95 9.34 25.49
CA ALA A 146 19.96 9.55 26.54
C ALA A 146 18.84 8.51 26.54
N SER A 147 19.00 7.39 25.82
CA SER A 147 17.92 6.42 25.74
C SER A 147 17.65 5.73 27.07
N THR A 148 18.67 5.20 27.73
CA THR A 148 18.48 4.19 28.77
C THR A 148 18.65 4.72 30.19
N ARG A 149 19.71 5.49 30.44
CA ARG A 149 20.01 5.92 31.80
C ARG A 149 18.89 6.78 32.38
N LEU A 150 18.40 7.73 31.59
CA LEU A 150 17.33 8.61 32.06
C LEU A 150 16.06 7.82 32.31
N THR A 151 15.74 6.86 31.43
CA THR A 151 14.55 6.03 31.65
C THR A 151 14.66 5.23 32.93
N SER A 152 15.82 4.62 33.18
CA SER A 152 15.98 3.82 34.39
C SER A 152 15.87 4.68 35.64
N GLU A 153 16.54 5.83 35.66
CA GLU A 153 16.51 6.67 36.85
C GLU A 153 15.11 7.22 37.08
N LEU A 154 14.41 7.61 36.01
CA LEU A 154 13.04 8.09 36.14
C LEU A 154 12.11 6.99 36.67
N ASN A 155 12.30 5.75 36.19
CA ASN A 155 11.50 4.65 36.71
C ASN A 155 11.75 4.45 38.20
N PHE A 156 13.02 4.51 38.61
CA PHE A 156 13.33 4.38 40.04
C PHE A 156 12.67 5.49 40.86
N LEU A 157 12.75 6.73 40.38
CA LEU A 157 12.15 7.84 41.11
C LEU A 157 10.64 7.68 41.22
N LEU A 158 9.98 7.33 40.11
CA LEU A 158 8.52 7.18 40.12
C LEU A 158 8.11 6.02 41.03
N GLN A 159 8.89 4.95 41.06
CA GLN A 159 8.63 3.88 42.03
C GLN A 159 8.78 4.37 43.45
N GLU A 160 9.79 5.22 43.70
CA GLU A 160 10.03 5.72 45.05
C GLU A 160 8.91 6.63 45.54
N ILE A 161 8.31 7.41 44.63
CA ILE A 161 7.29 8.39 45.03
C ILE A 161 6.17 7.73 45.83
N ASP A 162 5.89 6.45 45.57
CA ASP A 162 4.88 5.74 46.36
C ASP A 162 5.29 5.63 47.83
N ASN A 163 6.57 5.37 48.08
CA ASN A 163 7.03 5.17 49.45
C ASN A 163 6.89 6.44 50.28
N CYS A 164 7.19 7.59 49.69
CA CYS A 164 7.16 8.86 50.42
C CYS A 164 5.75 9.31 50.78
N TYR A 165 4.71 8.66 50.25
CA TYR A 165 3.34 9.05 50.58
C TYR A 165 3.06 8.85 52.07
N HIS A 166 3.51 7.73 52.63
CA HIS A 166 3.29 7.43 54.03
C HIS A 166 4.13 8.33 54.94
N ASN A 208 16.21 6.37 55.65
CA ASN A 208 16.65 7.62 55.03
C ASN A 208 17.38 7.34 53.71
N LEU A 209 16.86 6.37 52.95
CA LEU A 209 17.47 6.04 51.66
C LEU A 209 17.38 7.21 50.69
N PHE A 210 16.20 7.85 50.63
CA PHE A 210 16.03 8.99 49.74
C PHE A 210 16.71 10.24 50.28
N GLU A 211 16.77 10.39 51.61
CA GLU A 211 17.40 11.57 52.19
C GLU A 211 18.87 11.65 51.81
N LYS A 212 19.58 10.52 51.84
CA LYS A 212 20.95 10.48 51.38
C LYS A 212 21.06 10.34 49.87
N TYR A 213 19.98 9.98 49.18
CA TYR A 213 20.03 9.83 47.73
C TYR A 213 20.28 11.16 47.04
N LEU A 214 19.64 12.23 47.51
CA LEU A 214 19.79 13.53 46.85
C LEU A 214 21.18 14.11 47.07
N GLU A 215 21.85 13.73 48.16
CA GLU A 215 23.20 14.24 48.40
C GLU A 215 24.17 13.78 47.31
N ARG A 216 24.12 12.48 46.97
CA ARG A 216 24.97 11.96 45.91
C ARG A 216 24.48 12.38 44.54
N ARG A 217 23.16 12.34 44.31
CA ARG A 217 22.62 12.66 43.00
C ARG A 217 22.77 14.13 42.66
N GLY A 218 22.72 15.02 43.66
CA GLY A 218 22.78 16.44 43.42
C GLY A 218 24.15 16.98 43.07
N ARG A 219 25.20 16.16 43.20
CA ARG A 219 26.55 16.57 42.87
C ARG A 219 27.05 16.00 41.55
N SER A 220 26.15 15.42 40.75
CA SER A 220 26.48 14.93 39.41
C SER A 220 25.97 15.94 38.39
N ASN A 221 26.82 16.29 37.43
CA ASN A 221 26.47 17.26 36.41
C ASN A 221 26.60 16.68 35.00
N PHE A 222 26.43 15.37 34.87
CA PHE A 222 26.56 14.74 33.56
C PHE A 222 25.40 15.11 32.64
N LEU A 223 24.18 15.04 33.16
CA LEU A 223 23.02 15.36 32.35
C LEU A 223 23.02 16.83 31.94
N ALA A 224 23.38 17.73 32.85
CA ALA A 224 23.45 19.15 32.53
C ALA A 224 24.54 19.41 31.49
N LYS A 225 25.68 18.73 31.60
CA LYS A 225 26.76 18.90 30.64
C LYS A 225 26.41 18.36 29.26
N LEU A 226 25.33 17.58 29.13
CA LEU A 226 24.88 17.04 27.86
C LEU A 226 23.72 17.81 27.25
N TYR A 227 22.75 18.20 28.08
CA TYR A 227 21.62 18.97 27.57
C TYR A 227 22.06 20.33 27.05
N LEU A 228 22.99 20.98 27.74
CA LEU A 228 23.52 22.25 27.26
C LEU A 228 24.28 22.08 25.95
N ALA A 229 25.03 20.99 25.81
CA ALA A 229 25.82 20.77 24.61
C ALA A 229 24.96 20.58 23.37
N ARG A 230 23.79 19.96 23.53
CA ARG A 230 22.92 19.73 22.38
C ARG A 230 22.41 21.04 21.79
N HIS A 231 22.04 21.99 22.65
CA HIS A 231 21.42 23.23 22.15
C HIS A 231 22.46 24.14 21.51
N VAL A 232 23.64 24.27 22.11
CA VAL A 232 24.65 25.17 21.58
C VAL A 232 25.13 24.71 20.22
N LEU A 233 25.21 23.40 19.99
CA LEU A 233 25.67 22.89 18.71
C LEU A 233 24.71 23.27 17.58
N ILE A 234 23.42 23.38 17.89
CA ILE A 234 22.46 23.83 16.89
C ILE A 234 22.77 25.25 16.44
N LEU A 235 23.10 26.13 17.39
CA LEU A 235 23.41 27.51 17.06
C LEU A 235 24.68 27.60 16.20
N LEU A 236 25.69 26.80 16.52
CA LEU A 236 26.93 26.84 15.76
C LEU A 236 26.73 26.34 14.33
N LEU A 237 25.95 25.28 14.16
CA LEU A 237 25.70 24.73 12.84
C LEU A 237 24.80 25.61 11.99
N SER A 238 24.19 26.65 12.56
CA SER A 238 23.32 27.54 11.81
C SER A 238 24.06 28.63 11.07
N ALA A 239 25.39 28.71 11.21
CA ALA A 239 26.16 29.72 10.50
C ALA A 239 26.33 29.38 9.03
N VAL A 240 26.33 28.09 8.68
CA VAL A 240 26.56 27.67 7.30
C VAL A 240 25.34 27.94 6.41
N PRO A 241 24.15 27.42 6.73
CA PRO A 241 23.02 27.63 5.79
C PRO A 241 22.64 29.09 5.61
N ILE A 242 22.73 29.91 6.66
CA ILE A 242 22.34 31.31 6.52
C ILE A 242 23.35 32.08 5.68
N SER A 243 24.64 31.80 5.87
CA SER A 243 25.67 32.55 5.16
C SER A 243 25.58 32.35 3.64
N TYR A 244 25.32 31.11 3.20
CA TYR A 244 25.26 30.84 1.78
C TYR A 244 24.00 31.43 1.14
N LEU A 245 22.88 31.39 1.86
CA LEU A 245 21.63 31.88 1.28
C LEU A 245 21.61 33.40 1.19
N CYS A 246 22.21 34.09 2.17
CA CYS A 246 22.22 35.56 2.14
C CYS A 246 23.03 36.08 0.96
N THR A 247 24.18 35.46 0.66
CA THR A 247 24.98 35.91 -0.46
C THR A 247 24.38 35.52 -1.80
N TYR A 248 23.43 34.58 -1.82
CA TYR A 248 22.75 34.23 -3.06
C TYR A 248 21.60 35.18 -3.37
N TYR A 249 20.94 35.70 -2.34
CA TYR A 249 19.77 36.56 -2.54
C TYR A 249 20.16 37.87 -3.23
N ALA A 250 21.29 38.46 -2.84
CA ALA A 250 21.63 39.80 -3.27
C ALA A 250 22.76 39.82 -4.32
N THR A 251 23.08 38.69 -4.92
CA THR A 251 24.12 38.65 -5.94
C THR A 251 23.61 38.18 -7.30
N GLN A 252 22.86 37.08 -7.35
CA GLN A 252 22.42 36.50 -8.61
C GLN A 252 21.06 37.09 -8.97
N LYS A 253 21.06 38.01 -9.93
CA LYS A 253 19.83 38.59 -10.44
C LYS A 253 19.68 38.49 -11.95
N GLN A 254 20.67 37.97 -12.66
CA GLN A 254 20.60 37.87 -14.11
C GLN A 254 19.56 36.85 -14.54
N ASN A 255 18.94 37.11 -15.69
CA ASN A 255 17.97 36.18 -16.27
C ASN A 255 18.19 35.89 -17.75
N GLU A 256 18.95 36.72 -18.46
CA GLU A 256 19.22 36.51 -19.87
C GLU A 256 20.72 36.57 -20.13
N PHE A 257 21.16 35.81 -21.12
CA PHE A 257 22.57 35.81 -21.51
C PHE A 257 22.67 35.43 -22.98
N THR A 258 23.83 35.71 -23.57
CA THR A 258 24.07 35.47 -24.99
C THR A 258 24.99 34.27 -25.13
N CYS A 259 24.39 33.08 -25.19
CA CYS A 259 25.15 31.85 -25.39
C CYS A 259 25.80 31.86 -26.77
N ALA A 260 27.06 31.42 -26.83
CA ALA A 260 27.84 31.46 -28.06
C ALA A 260 28.46 30.07 -28.28
N LEU A 261 27.78 29.24 -29.07
CA LEU A 261 28.29 27.93 -29.43
C LEU A 261 29.24 28.05 -30.61
N GLY A 262 30.43 27.45 -30.50
CA GLY A 262 31.41 27.54 -31.55
C GLY A 262 31.59 26.27 -32.35
N ALA A 263 31.04 26.24 -33.57
CA ALA A 263 31.24 25.14 -34.50
C ALA A 263 30.69 25.52 -35.87
N SER A 264 31.44 25.24 -36.94
CA SER A 264 30.97 25.46 -38.31
C SER A 264 31.33 24.27 -39.19
N PRO A 265 30.72 23.11 -38.92
CA PRO A 265 30.90 21.95 -39.84
C PRO A 265 29.83 21.92 -40.93
N ASP A 266 29.98 22.82 -41.90
CA ASP A 266 29.02 22.91 -43.00
C ASP A 266 29.00 21.65 -43.85
N PRO A 273 33.45 32.66 -36.89
CA PRO A 273 32.15 32.90 -37.54
C PRO A 273 31.02 32.11 -36.89
N ALA A 274 31.19 31.79 -35.60
CA ALA A 274 30.17 31.03 -34.88
C ALA A 274 28.92 31.88 -34.67
N VAL A 275 27.77 31.21 -34.70
CA VAL A 275 26.50 31.89 -34.48
C VAL A 275 26.32 32.21 -33.00
N ARG A 276 25.38 33.11 -32.72
CA ARG A 276 25.09 33.54 -31.35
C ARG A 276 23.59 33.53 -31.11
N VAL A 277 23.19 33.05 -29.94
CA VAL A 277 21.79 33.02 -29.53
C VAL A 277 21.68 33.57 -28.11
N SER A 278 20.50 34.05 -27.77
CA SER A 278 20.19 34.58 -26.45
C SER A 278 19.12 33.73 -25.81
N CYS A 279 19.39 33.22 -24.60
CA CYS A 279 18.51 32.26 -23.96
C CYS A 279 17.96 32.78 -22.63
N LYS A 280 16.84 32.18 -22.22
CA LYS A 280 16.08 32.61 -21.05
C LYS A 280 15.91 31.43 -20.10
N LEU A 281 15.98 31.71 -18.80
CA LEU A 281 15.87 30.67 -17.78
C LEU A 281 14.57 30.84 -17.01
N PRO A 282 13.53 30.06 -17.29
CA PRO A 282 12.28 30.19 -16.54
C PRO A 282 12.25 29.33 -15.28
N SER A 283 13.32 29.36 -14.49
CA SER A 283 13.39 28.62 -13.24
C SER A 283 14.06 29.48 -12.16
N VAL A 284 13.82 30.78 -12.19
CA VAL A 284 14.48 31.69 -11.24
C VAL A 284 13.50 32.56 -10.46
N GLN A 285 12.29 32.81 -10.96
CA GLN A 285 11.38 33.70 -10.27
C GLN A 285 10.74 33.06 -9.04
N LEU A 286 10.82 31.74 -8.91
CA LEU A 286 10.27 31.04 -7.76
C LEU A 286 11.33 30.65 -6.75
N GLN A 287 12.52 30.25 -7.21
CA GLN A 287 13.61 29.94 -6.29
C GLN A 287 14.09 31.16 -5.53
N ARG A 288 13.79 32.37 -6.01
CA ARG A 288 14.16 33.58 -5.28
C ARG A 288 13.29 33.76 -4.06
N ILE A 289 11.99 33.50 -4.17
CA ILE A 289 11.07 33.69 -3.05
C ILE A 289 11.31 32.64 -1.97
N ILE A 290 11.56 31.39 -2.37
CA ILE A 290 11.80 30.33 -1.39
C ILE A 290 13.06 30.62 -0.58
N ALA A 291 14.10 31.13 -1.23
CA ALA A 291 15.33 31.47 -0.51
C ALA A 291 15.16 32.65 0.43
N GLY A 292 14.06 33.39 0.33
CA GLY A 292 13.81 34.50 1.23
C GLY A 292 13.03 34.10 2.46
N VAL A 293 12.02 33.25 2.28
CA VAL A 293 11.23 32.77 3.40
C VAL A 293 12.07 31.93 4.33
N ASP A 294 12.93 31.07 3.76
CA ASP A 294 13.74 30.18 4.58
C ASP A 294 14.72 30.95 5.46
N ILE A 295 15.14 32.14 5.03
CA ILE A 295 16.05 32.94 5.85
C ILE A 295 15.35 33.41 7.12
N VAL A 296 14.13 33.93 6.97
CA VAL A 296 13.40 34.46 8.14
C VAL A 296 13.02 33.34 9.09
N LEU A 297 12.51 32.23 8.55
CA LEU A 297 12.06 31.13 9.41
C LEU A 297 13.21 30.53 10.20
N LEU A 298 14.38 30.38 9.58
CA LEU A 298 15.51 29.80 10.28
C LEU A 298 16.14 30.77 11.27
N CYS A 299 16.01 32.08 11.02
CA CYS A 299 16.61 33.06 11.92
C CYS A 299 15.79 33.22 13.20
N VAL A 300 14.47 33.14 13.11
CA VAL A 300 13.63 33.27 14.31
C VAL A 300 13.87 32.12 15.27
N MET A 301 13.97 30.90 14.74
CA MET A 301 14.24 29.73 15.59
C MET A 301 15.59 29.85 16.30
N ASN A 302 16.53 30.56 15.69
CA ASN A 302 17.83 30.77 16.34
C ASN A 302 17.69 31.69 17.55
N LEU A 303 16.83 32.70 17.46
CA LEU A 303 16.68 33.65 18.57
C LEU A 303 15.90 33.03 19.73
N ILE A 304 14.85 32.26 19.43
CA ILE A 304 14.01 31.70 20.49
C ILE A 304 14.78 30.71 21.36
N ILE A 305 15.81 30.07 20.82
CA ILE A 305 16.61 29.15 21.62
C ILE A 305 17.42 29.92 22.67
N LEU A 306 17.97 31.07 22.28
CA LEU A 306 18.84 31.82 23.19
C LEU A 306 18.08 32.31 24.42
N VAL A 307 16.85 32.81 24.24
CA VAL A 307 16.12 33.38 25.35
C VAL A 307 15.71 32.29 26.35
N ASN A 308 15.36 31.11 25.85
CA ASN A 308 14.94 30.03 26.75
C ASN A 308 16.10 29.48 27.56
N LEU A 309 17.30 29.42 26.97
CA LEU A 309 18.45 28.87 27.67
C LEU A 309 18.82 29.71 28.89
N ILE A 310 18.80 31.03 28.75
CA ILE A 310 19.15 31.90 29.86
C ILE A 310 18.12 31.79 30.98
N HIS A 311 16.83 31.79 30.63
CA HIS A 311 15.78 31.77 31.64
C HIS A 311 15.81 30.48 32.45
N LEU A 312 16.01 29.35 31.79
CA LEU A 312 15.93 28.06 32.47
C LEU A 312 17.04 27.89 33.50
N PHE A 313 18.27 28.28 33.15
CA PHE A 313 19.42 27.98 33.99
C PHE A 313 19.84 29.11 34.93
N ILE A 314 19.21 30.28 34.82
CA ILE A 314 19.64 31.41 35.65
C ILE A 314 18.48 31.96 36.47
N PHE A 315 17.43 32.45 35.79
CA PHE A 315 16.37 33.17 36.47
C PHE A 315 15.42 32.26 37.24
N ARG A 316 15.15 31.06 36.73
CA ARG A 316 14.18 30.18 37.37
C ARG A 316 14.75 29.59 38.65
N LYS A 317 14.10 29.88 39.77
CA LYS A 317 14.54 29.40 41.08
C LYS A 317 13.49 28.52 41.73
N SER A 318 12.91 27.60 40.96
CA SER A 318 11.89 26.70 41.47
C SER A 318 12.14 25.29 40.94
N ASN A 319 11.94 24.30 41.81
CA ASN A 319 12.09 22.90 41.45
C ASN A 319 10.79 22.16 41.74
N PHE A 320 10.33 21.38 40.78
CA PHE A 320 9.06 20.66 40.94
C PHE A 320 9.14 19.62 42.05
N ILE A 321 10.25 18.89 42.13
CA ILE A 321 10.36 17.82 43.11
C ILE A 321 10.39 18.37 44.53
N PHE A 322 11.00 19.54 44.72
CA PHE A 322 11.10 20.11 46.06
C PHE A 322 9.75 20.64 46.55
N ASP A 323 8.93 21.15 45.63
CA ASP A 323 7.64 21.72 46.04
C ASP A 323 6.65 20.64 46.46
N LYS A 324 6.69 19.49 45.81
CA LYS A 324 5.72 18.42 46.06
C LYS A 324 6.18 17.40 47.08
N LEU A 325 7.34 17.61 47.71
CA LEU A 325 7.86 16.69 48.71
C LEU A 325 7.62 17.17 50.14
N HIS A 326 7.81 18.47 50.38
CA HIS A 326 7.60 19.09 51.69
C HIS A 326 8.50 18.51 52.78
N LYS A 327 9.57 17.82 52.39
CA LYS A 327 10.49 17.25 53.37
C LYS A 327 11.89 17.23 52.73
N VAL A 328 12.66 18.29 53.00
CA VAL A 328 14.04 18.39 52.54
C VAL A 328 14.89 18.90 53.70
N GLY A 329 16.08 18.32 53.84
CA GLY A 329 16.96 18.71 54.91
C GLY A 329 17.63 20.06 54.66
N ILE A 330 18.11 20.65 55.76
CA ILE A 330 18.83 21.91 55.65
C ILE A 330 20.13 21.74 54.89
N LYS A 331 20.72 20.54 54.94
CA LYS A 331 21.97 20.29 54.23
C LYS A 331 21.79 20.41 52.73
N THR A 332 20.58 20.21 52.23
CA THR A 332 20.28 20.33 50.81
C THR A 332 19.81 21.72 50.41
N ARG A 333 19.78 22.68 51.34
CA ARG A 333 19.24 23.99 51.05
C ARG A 333 20.24 24.89 50.32
N ARG A 334 21.38 25.16 50.97
CA ARG A 334 22.34 26.09 50.38
C ARG A 334 22.96 25.54 49.10
N GLN A 335 23.08 24.23 48.95
CA GLN A 335 23.63 23.66 47.74
C GLN A 335 22.71 23.83 46.54
N TRP A 336 21.43 24.13 46.76
CA TRP A 336 20.48 24.21 45.66
C TRP A 336 20.74 25.42 44.78
N ARG A 337 20.91 26.60 45.39
CA ARG A 337 21.17 27.81 44.62
C ARG A 337 22.63 28.24 44.65
N ARG A 338 23.53 27.38 45.16
CA ARG A 338 24.95 27.66 45.03
C ARG A 338 25.41 27.50 43.57
N SER A 339 24.97 26.43 42.92
CA SER A 339 25.27 26.19 41.52
C SER A 339 24.03 25.65 40.83
N GLN A 340 23.79 26.12 39.61
CA GLN A 340 22.64 25.68 38.84
C GLN A 340 22.92 24.47 37.95
N PHE A 341 24.18 24.04 37.87
CA PHE A 341 24.55 22.88 37.05
C PHE A 341 24.35 21.61 37.87
N CYS A 342 23.08 21.34 38.18
CA CYS A 342 22.71 20.21 39.02
C CYS A 342 21.87 19.21 38.23
N ASP A 343 22.04 17.93 38.57
CA ASP A 343 21.29 16.88 37.87
C ASP A 343 19.79 16.98 38.15
N ILE A 344 19.42 17.31 39.40
CA ILE A 344 18.00 17.39 39.75
C ILE A 344 17.29 18.50 39.00
N ASN A 345 18.03 19.52 38.54
CA ASN A 345 17.40 20.59 37.77
C ASN A 345 16.83 20.06 36.46
N ILE A 346 17.59 19.21 35.77
CA ILE A 346 17.09 18.63 34.52
C ILE A 346 15.96 17.64 34.80
N LEU A 347 16.11 16.82 35.84
CA LEU A 347 15.07 15.85 36.17
C LEU A 347 13.79 16.50 36.66
N ALA A 348 13.85 17.75 37.13
CA ALA A 348 12.63 18.42 37.57
C ALA A 348 11.66 18.60 36.41
N MET A 349 12.17 18.95 35.22
CA MET A 349 11.30 19.16 34.07
C MET A 349 10.62 17.86 33.63
N PHE A 350 11.37 16.76 33.60
CA PHE A 350 10.82 15.50 33.10
C PHE A 350 9.74 14.96 34.02
N CYS A 351 9.90 15.11 35.34
CA CYS A 351 8.88 14.66 36.27
C CYS A 351 7.60 15.46 36.10
N ASN A 352 7.72 16.77 35.85
CA ASN A 352 6.53 17.60 35.67
C ASN A 352 5.74 17.19 34.44
N GLU A 353 6.42 16.88 33.34
CA GLU A 353 5.74 16.49 32.11
C GLU A 353 5.12 15.10 32.20
N ASN A 354 5.49 14.31 33.20
CA ASN A 354 4.96 12.97 33.39
C ASN A 354 4.20 12.86 34.72
N ARG A 355 3.55 13.94 35.13
CA ARG A 355 2.79 13.95 36.37
C ARG A 355 1.56 13.05 36.32
N ASP A 356 1.16 12.57 35.15
CA ASP A 356 0.01 11.69 35.06
C ASP A 356 0.29 10.35 35.73
N HIS A 357 1.51 9.82 35.57
CA HIS A 357 1.83 8.48 36.03
C HIS A 357 1.85 8.34 37.55
N ILE A 358 1.83 9.45 38.30
CA ILE A 358 1.77 9.41 39.75
C ILE A 358 0.37 9.81 40.19
N LYS A 359 -0.30 8.92 40.91
CA LYS A 359 -1.69 9.12 41.31
C LYS A 359 -1.84 9.79 42.67
N SER A 360 -0.76 10.05 43.38
CA SER A 360 -0.81 10.70 44.68
C SER A 360 -0.57 12.20 44.61
N LEU A 361 -0.48 12.76 43.40
CA LEU A 361 -0.17 14.18 43.27
C LEU A 361 -1.28 15.05 43.83
N ASN A 362 -2.53 14.80 43.43
CA ASN A 362 -3.63 15.65 43.85
C ASN A 362 -3.89 15.51 45.35
N ARG A 363 -3.83 14.29 45.88
CA ARG A 363 -4.08 14.09 47.30
C ARG A 363 -2.99 14.76 48.15
N LEU A 364 -1.73 14.64 47.73
CA LEU A 364 -0.65 15.24 48.50
C LEU A 364 -0.66 16.76 48.40
N ASP A 365 -1.02 17.29 47.24
CA ASP A 365 -1.02 18.74 47.05
C ASP A 365 -2.04 19.42 47.95
N PHE A 366 -3.23 18.82 48.09
CA PHE A 366 -4.27 19.40 48.92
C PHE A 366 -3.93 19.34 50.41
N ILE A 367 -2.98 18.49 50.81
CA ILE A 367 -2.62 18.37 52.22
C ILE A 367 -2.02 19.67 52.73
N THR A 368 -1.13 20.28 51.96
CA THR A 368 -0.50 21.53 52.36
C THR A 368 -1.46 22.70 52.19
N GLY B 35 -10.82 -5.54 35.54
CA GLY B 35 -10.88 -4.24 34.89
C GLY B 35 -10.52 -4.27 33.42
N ALA B 36 -10.76 -5.43 32.79
CA ALA B 36 -10.45 -5.57 31.36
C ALA B 36 -11.32 -4.64 30.52
N LEU B 37 -12.60 -4.52 30.86
CA LEU B 37 -13.50 -3.64 30.10
C LEU B 37 -13.06 -2.19 30.23
N ALA B 38 -12.69 -1.75 31.43
CA ALA B 38 -12.20 -0.39 31.61
C ALA B 38 -10.89 -0.17 30.88
N ALA B 39 -9.99 -1.15 30.93
CA ALA B 39 -8.70 -1.02 30.25
C ALA B 39 -8.87 -0.91 28.73
N LEU B 40 -9.80 -1.71 28.17
CA LEU B 40 -10.00 -1.68 26.72
C LEU B 40 -10.57 -0.35 26.26
N LEU B 41 -11.38 0.30 27.09
CA LEU B 41 -11.99 1.58 26.77
C LEU B 41 -11.34 2.72 27.56
N LEU B 42 -10.03 2.62 27.76
CA LEU B 42 -9.30 3.60 28.56
C LEU B 42 -9.08 4.93 27.83
N GLN B 43 -9.41 5.01 26.54
CA GLN B 43 -9.24 6.24 25.78
C GLN B 43 -10.32 7.23 26.18
N LEU B 44 -9.92 8.36 26.74
CA LEU B 44 -10.84 9.41 27.15
C LEU B 44 -10.85 10.52 26.11
N LYS B 45 -12.04 10.96 25.72
CA LYS B 45 -12.15 12.04 24.74
C LYS B 45 -11.55 13.32 25.30
N LEU B 46 -10.75 13.99 24.47
CA LEU B 46 -10.08 15.22 24.89
C LEU B 46 -10.41 16.43 24.02
N GLU B 47 -11.05 16.23 22.86
CA GLU B 47 -11.36 17.32 21.94
C GLU B 47 -12.86 17.57 21.95
N LEU B 48 -13.24 18.83 22.19
CA LEU B 48 -14.65 19.19 22.17
C LEU B 48 -15.18 19.14 20.74
N PRO B 49 -16.47 18.81 20.57
CA PRO B 49 -17.05 18.79 19.21
C PRO B 49 -16.96 20.12 18.48
N PHE B 50 -17.06 21.24 19.20
CA PHE B 50 -16.99 22.54 18.55
C PHE B 50 -15.63 22.76 17.89
N ASP B 51 -14.55 22.34 18.55
CA ASP B 51 -13.23 22.45 17.95
C ASP B 51 -13.14 21.62 16.67
N ARG B 52 -13.71 20.41 16.69
CA ARG B 52 -13.71 19.58 15.48
C ARG B 52 -14.48 20.24 14.35
N VAL B 53 -15.65 20.82 14.67
CA VAL B 53 -16.45 21.49 13.64
C VAL B 53 -15.67 22.66 13.05
N VAL B 54 -15.03 23.47 13.90
CA VAL B 54 -14.27 24.61 13.41
C VAL B 54 -13.12 24.14 12.53
N THR B 55 -12.40 23.10 12.95
CA THR B 55 -11.29 22.59 12.16
C THR B 55 -11.76 22.10 10.80
N ILE B 56 -12.85 21.31 10.77
CA ILE B 56 -13.35 20.79 9.50
C ILE B 56 -13.79 21.93 8.60
N GLY B 57 -14.47 22.93 9.16
CA GLY B 57 -14.96 24.04 8.35
C GLY B 57 -13.88 25.01 7.90
N THR B 58 -12.73 25.02 8.57
CA THR B 58 -11.70 26.01 8.27
C THR B 58 -10.54 25.45 7.46
N VAL B 59 -9.99 24.30 7.85
CA VAL B 59 -8.72 23.83 7.30
C VAL B 59 -8.91 22.80 6.19
N LEU B 60 -9.79 21.82 6.41
CA LEU B 60 -9.85 20.67 5.51
C LEU B 60 -10.36 21.04 4.12
N VAL B 61 -11.41 21.86 4.04
CA VAL B 61 -12.03 22.16 2.76
C VAL B 61 -11.08 22.88 1.80
N PRO B 62 -10.34 23.92 2.21
CA PRO B 62 -9.43 24.58 1.26
C PRO B 62 -8.40 23.65 0.65
N ILE B 63 -7.95 22.63 1.37
CA ILE B 63 -7.00 21.68 0.79
C ILE B 63 -7.66 20.92 -0.37
N LEU B 64 -8.92 20.51 -0.19
CA LEU B 64 -9.63 19.84 -1.27
C LEU B 64 -9.80 20.76 -2.47
N LEU B 65 -10.16 22.03 -2.23
CA LEU B 65 -10.28 22.97 -3.35
C LEU B 65 -8.95 23.17 -4.06
N VAL B 66 -7.85 23.28 -3.31
CA VAL B 66 -6.54 23.48 -3.92
C VAL B 66 -6.15 22.27 -4.76
N THR B 67 -6.39 21.06 -4.26
CA THR B 67 -6.04 19.88 -5.05
C THR B 67 -6.92 19.75 -6.29
N LEU B 68 -8.19 20.16 -6.20
CA LEU B 68 -9.03 20.19 -7.39
C LEU B 68 -8.50 21.17 -8.42
N VAL B 69 -8.08 22.36 -7.97
CA VAL B 69 -7.54 23.36 -8.89
C VAL B 69 -6.27 22.84 -9.54
N PHE B 70 -5.39 22.19 -8.76
CA PHE B 70 -4.16 21.65 -9.32
C PHE B 70 -4.44 20.58 -10.36
N THR B 71 -5.39 19.68 -10.07
CA THR B 71 -5.74 18.63 -11.03
C THR B 71 -6.29 19.23 -12.31
N LYS B 72 -7.13 20.26 -12.21
CA LYS B 72 -7.63 20.93 -13.41
C LYS B 72 -6.51 21.62 -14.17
N ASN B 73 -5.59 22.25 -13.45
CA ASN B 73 -4.55 23.07 -14.07
C ASN B 73 -3.48 22.23 -14.76
N PHE B 74 -3.27 21.00 -14.30
CA PHE B 74 -2.27 20.13 -14.93
C PHE B 74 -2.87 19.17 -15.95
N ALA B 75 -3.92 19.60 -16.66
CA ALA B 75 -4.52 18.78 -17.71
C ALA B 75 -4.57 19.49 -19.06
N GLU B 76 -3.84 20.59 -19.22
CA GLU B 76 -3.84 21.36 -20.46
C GLU B 76 -2.53 22.14 -20.58
N GLU B 77 -2.30 22.68 -21.77
CA GLU B 77 -1.15 23.54 -21.99
C GLU B 77 -1.34 24.86 -21.23
N PRO B 78 -0.24 25.52 -20.85
CA PRO B 78 -0.39 26.74 -20.03
C PRO B 78 -0.94 27.93 -20.81
N ILE B 79 -0.46 28.17 -22.02
CA ILE B 79 -0.82 29.38 -22.76
C ILE B 79 -1.04 29.05 -24.23
N TYR B 80 -2.09 29.62 -24.80
CA TYR B 80 -2.42 29.49 -26.22
C TYR B 80 -2.34 30.87 -26.87
N CYS B 81 -1.59 30.98 -27.98
CA CYS B 81 -1.66 32.21 -28.75
C CYS B 81 -1.01 32.03 -30.12
N TYR B 82 -1.04 33.14 -30.88
CA TYR B 82 -0.88 33.20 -32.32
C TYR B 82 0.60 33.23 -32.70
N THR B 83 0.86 33.17 -34.02
CA THR B 83 2.21 33.15 -34.56
C THR B 83 2.16 33.57 -36.03
N PRO B 84 3.04 34.47 -36.48
CA PRO B 84 3.04 34.87 -37.89
C PRO B 84 3.37 33.71 -38.81
N HIS B 85 3.27 33.98 -40.12
CA HIS B 85 3.42 32.93 -41.11
C HIS B 85 4.89 32.54 -41.31
N ASN B 86 5.80 33.52 -41.24
CA ASN B 86 7.20 33.24 -41.54
C ASN B 86 7.89 32.41 -40.48
N PHE B 87 7.34 32.35 -39.27
CA PHE B 87 7.99 31.64 -38.17
C PHE B 87 8.04 30.15 -38.42
N THR B 88 9.14 29.52 -38.02
CA THR B 88 9.24 28.07 -38.01
C THR B 88 8.71 27.53 -36.68
N ARG B 89 8.92 26.24 -36.44
CA ARG B 89 8.37 25.63 -35.23
C ARG B 89 9.14 26.06 -33.97
N ASP B 90 10.47 26.04 -34.05
CA ASP B 90 11.28 26.35 -32.87
C ASP B 90 11.09 27.80 -32.43
N GLN B 91 11.03 28.73 -33.39
CA GLN B 91 10.80 30.12 -33.03
C GLN B 91 9.43 30.32 -32.41
N ALA B 92 8.43 29.59 -32.89
CA ALA B 92 7.11 29.66 -32.27
C ALA B 92 7.15 29.14 -30.83
N LEU B 93 7.86 28.04 -30.60
CA LEU B 93 8.00 27.51 -29.25
C LEU B 93 8.70 28.52 -28.34
N TYR B 94 9.76 29.16 -28.84
CA TYR B 94 10.44 30.18 -28.04
C TYR B 94 9.51 31.34 -27.74
N ALA B 95 8.70 31.76 -28.73
CA ALA B 95 7.78 32.87 -28.50
C ALA B 95 6.78 32.53 -27.40
N ARG B 96 6.20 31.33 -27.47
CA ARG B 96 5.26 30.90 -26.42
C ARG B 96 5.94 30.90 -25.06
N GLY B 97 7.12 30.30 -24.97
CA GLY B 97 7.79 30.21 -23.68
C GLY B 97 8.18 31.56 -23.11
N TYR B 98 8.71 32.44 -23.96
CA TYR B 98 9.11 33.77 -23.52
C TYR B 98 7.91 34.60 -23.07
N CYS B 99 6.81 34.54 -23.82
CA CYS B 99 5.64 35.32 -23.44
C CYS B 99 4.97 34.76 -22.20
N TRP B 100 5.13 33.46 -21.93
CA TRP B 100 4.64 32.91 -20.68
C TRP B 100 5.54 33.30 -19.51
N THR B 101 6.86 33.30 -19.72
CA THR B 101 7.79 33.57 -18.63
C THR B 101 7.76 35.04 -18.22
N GLU B 102 7.80 35.95 -19.20
CA GLU B 102 7.82 37.37 -18.87
C GLU B 102 6.50 37.79 -18.23
N LEU B 103 5.37 37.44 -18.86
CA LEU B 103 4.04 37.75 -18.36
C LEU B 103 3.88 39.25 -18.11
N ARG B 104 4.14 40.03 -19.15
CA ARG B 104 4.08 41.49 -19.08
C ARG B 104 3.23 42.01 -20.23
N ASP B 105 2.37 42.98 -19.92
CA ASP B 105 1.51 43.58 -20.93
C ASP B 105 2.27 44.65 -21.71
N ALA B 106 1.60 45.22 -22.72
CA ALA B 106 2.17 46.28 -23.52
C ALA B 106 1.06 47.17 -24.05
N LEU B 107 1.40 48.42 -24.29
CA LEU B 107 0.45 49.41 -24.80
C LEU B 107 1.14 50.30 -25.82
N PRO B 108 0.40 50.84 -26.78
CA PRO B 108 1.02 51.72 -27.78
C PRO B 108 1.30 53.10 -27.19
N GLY B 109 2.47 53.64 -27.52
CA GLY B 109 2.84 54.98 -27.12
C GLY B 109 3.27 55.12 -25.67
N VAL B 110 3.45 54.02 -24.95
CA VAL B 110 3.83 54.04 -23.54
C VAL B 110 5.13 53.24 -23.40
N ASP B 111 6.09 53.79 -22.68
CA ASP B 111 7.34 53.10 -22.43
C ASP B 111 7.12 51.91 -21.50
N ALA B 112 8.15 51.07 -21.38
CA ALA B 112 8.07 49.85 -20.60
C ALA B 112 8.01 50.10 -19.11
N SER B 113 8.24 51.33 -18.65
CA SER B 113 8.26 51.62 -17.22
C SER B 113 6.87 51.62 -16.60
N LEU B 114 5.80 51.57 -17.40
CA LEU B 114 4.44 51.62 -16.86
C LEU B 114 3.57 50.48 -17.37
N TRP B 115 4.18 49.36 -17.77
CA TRP B 115 3.42 48.24 -18.30
C TRP B 115 2.86 47.40 -17.15
N PRO B 116 1.56 47.13 -17.13
CA PRO B 116 0.98 46.34 -16.04
C PRO B 116 1.44 44.88 -16.07
N SER B 117 1.37 44.25 -14.91
CA SER B 117 1.79 42.86 -14.74
C SER B 117 0.61 42.01 -14.27
N LEU B 118 0.78 40.70 -14.39
CA LEU B 118 -0.26 39.73 -14.03
C LEU B 118 0.35 38.55 -13.27
N PHE B 119 1.28 38.83 -12.35
CA PHE B 119 2.03 37.76 -11.70
C PHE B 119 1.16 36.91 -10.78
N GLU B 120 0.20 37.51 -10.09
CA GLU B 120 -0.58 36.73 -9.14
C GLU B 120 -1.52 35.74 -9.82
N HIS B 121 -1.86 35.97 -11.09
CA HIS B 121 -2.60 34.96 -11.84
C HIS B 121 -1.86 33.63 -11.88
N LYS B 122 -0.53 33.68 -11.89
CA LYS B 122 0.31 32.48 -11.84
C LYS B 122 0.66 32.08 -10.41
N PHE B 123 0.71 33.05 -9.50
CA PHE B 123 1.17 32.81 -8.13
C PHE B 123 0.05 32.42 -7.16
N LEU B 124 -1.21 32.40 -7.61
CA LEU B 124 -2.33 32.25 -6.66
C LEU B 124 -2.30 30.99 -5.81
N PRO B 125 -2.19 29.77 -6.35
CA PRO B 125 -2.46 28.58 -5.52
C PRO B 125 -1.55 28.42 -4.31
N TYR B 126 -0.29 28.82 -4.41
CA TYR B 126 0.62 28.66 -3.29
C TYR B 126 0.20 29.51 -2.09
N ALA B 127 -0.47 30.64 -2.35
CA ALA B 127 -0.98 31.45 -1.26
C ALA B 127 -2.00 30.67 -0.43
N LEU B 128 -2.93 29.98 -1.11
CA LEU B 128 -3.90 29.15 -0.40
C LEU B 128 -3.20 27.99 0.31
N LEU B 129 -2.19 27.41 -0.34
CA LEU B 129 -1.46 26.31 0.27
C LEU B 129 -0.81 26.73 1.58
N ALA B 130 -0.25 27.94 1.63
CA ALA B 130 0.35 28.43 2.86
C ALA B 130 -0.74 28.83 3.87
N PHE B 131 -1.86 29.35 3.38
CA PHE B 131 -2.94 29.78 4.27
C PHE B 131 -3.51 28.60 5.04
N ALA B 132 -3.60 27.45 4.40
CA ALA B 132 -4.08 26.26 5.10
C ALA B 132 -3.26 25.98 6.36
N ALA B 133 -1.94 25.94 6.22
CA ALA B 133 -1.07 25.63 7.37
C ALA B 133 -1.10 26.74 8.40
N ILE B 134 -1.06 28.00 7.96
CA ILE B 134 -1.03 29.09 8.93
C ILE B 134 -2.34 29.15 9.70
N MET B 135 -3.44 28.69 9.11
CA MET B 135 -4.69 28.56 9.84
C MET B 135 -4.68 27.35 10.77
N TYR B 136 -4.02 26.27 10.36
CA TYR B 136 -4.02 25.05 11.17
C TYR B 136 -3.12 25.14 12.39
N VAL B 137 -2.16 26.08 12.42
CA VAL B 137 -1.19 26.13 13.52
C VAL B 137 -1.84 26.10 14.92
N PRO B 138 -2.83 26.94 15.25
CA PRO B 138 -3.30 26.97 16.64
C PRO B 138 -3.87 25.67 17.16
N ALA B 139 -4.51 24.87 16.30
CA ALA B 139 -5.06 23.60 16.75
C ALA B 139 -3.95 22.66 17.24
N LEU B 140 -2.83 22.62 16.51
CA LEU B 140 -1.68 21.86 16.98
C LEU B 140 -1.06 22.51 18.20
N GLY B 141 -1.09 23.84 18.29
CA GLY B 141 -0.47 24.51 19.41
C GLY B 141 -1.16 24.22 20.74
N TRP B 142 -2.49 24.11 20.73
CA TRP B 142 -3.23 23.94 21.98
C TRP B 142 -2.90 22.62 22.68
N GLU B 143 -2.65 21.56 21.90
CA GLU B 143 -2.43 20.24 22.50
C GLU B 143 -1.16 20.21 23.36
N PHE B 144 -0.09 20.85 22.88
CA PHE B 144 1.17 20.81 23.60
C PHE B 144 1.06 21.41 25.00
N LEU B 145 0.04 22.22 25.24
CA LEU B 145 -0.18 22.79 26.57
C LEU B 145 -1.31 22.13 27.33
N ALA B 146 -2.28 21.52 26.64
CA ALA B 146 -3.44 20.94 27.31
C ALA B 146 -3.42 19.41 27.34
N SER B 147 -2.28 18.78 27.00
CA SER B 147 -2.25 17.32 26.92
C SER B 147 -2.45 16.66 28.29
N THR B 148 -1.69 17.08 29.31
CA THR B 148 -1.50 16.26 30.50
C THR B 148 -2.32 16.71 31.70
N ARG B 149 -2.32 18.01 32.01
CA ARG B 149 -2.97 18.50 33.21
C ARG B 149 -4.46 18.21 33.21
N LEU B 150 -5.12 18.48 32.08
CA LEU B 150 -6.56 18.25 31.99
C LEU B 150 -6.88 16.76 32.16
N THR B 151 -6.08 15.89 31.54
CA THR B 151 -6.28 14.46 31.70
C THR B 151 -6.13 14.04 33.16
N SER B 152 -5.11 14.56 33.84
CA SER B 152 -4.89 14.19 35.24
C SER B 152 -6.07 14.63 36.11
N GLU B 153 -6.51 15.87 35.96
CA GLU B 153 -7.61 16.36 36.79
C GLU B 153 -8.91 15.63 36.47
N LEU B 154 -9.16 15.34 35.19
CA LEU B 154 -10.36 14.60 34.83
C LEU B 154 -10.34 13.19 35.42
N ASN B 155 -9.18 12.54 35.37
CA ASN B 155 -9.07 11.21 35.96
C ASN B 155 -9.32 11.25 37.47
N PHE B 156 -8.77 12.26 38.15
CA PHE B 156 -9.00 12.39 39.58
C PHE B 156 -10.48 12.59 39.88
N LEU B 157 -11.15 13.47 39.13
CA LEU B 157 -12.56 13.72 39.36
C LEU B 157 -13.39 12.46 39.13
N LEU B 158 -13.13 11.76 38.02
CA LEU B 158 -13.89 10.54 37.73
C LEU B 158 -13.66 9.47 38.77
N GLN B 159 -12.43 9.39 39.32
CA GLN B 159 -12.18 8.48 40.42
C GLN B 159 -12.97 8.89 41.66
N GLU B 160 -13.05 10.20 41.93
CA GLU B 160 -13.70 10.67 43.14
C GLU B 160 -15.22 10.48 43.09
N ILE B 161 -15.82 10.54 41.89
CA ILE B 161 -17.28 10.45 41.77
C ILE B 161 -17.79 9.17 42.43
N ASP B 162 -17.00 8.11 42.45
CA ASP B 162 -17.41 6.89 43.14
C ASP B 162 -17.59 7.12 44.63
N ASN B 163 -16.68 7.89 45.25
CA ASN B 163 -16.75 8.12 46.69
C ASN B 163 -18.00 8.89 47.08
N CYS B 164 -18.40 9.87 46.27
CA CYS B 164 -19.54 10.71 46.61
C CYS B 164 -20.88 9.99 46.49
N TYR B 165 -20.89 8.78 45.93
CA TYR B 165 -22.15 8.04 45.80
C TYR B 165 -22.73 7.70 47.17
N HIS B 166 -21.88 7.29 48.12
CA HIS B 166 -22.34 6.94 49.45
C HIS B 166 -22.76 8.18 50.23
N ASN B 208 -13.89 15.80 54.37
CA ASN B 208 -14.29 16.95 53.58
C ASN B 208 -13.19 17.33 52.58
N LEU B 209 -12.54 16.32 52.01
CA LEU B 209 -11.48 16.58 51.02
C LEU B 209 -12.04 17.27 49.79
N PHE B 210 -13.18 16.79 49.28
CA PHE B 210 -13.81 17.41 48.11
C PHE B 210 -14.40 18.77 48.45
N GLU B 211 -14.94 18.93 49.66
CA GLU B 211 -15.54 20.21 50.04
C GLU B 211 -14.50 21.33 50.04
N LYS B 212 -13.32 21.06 50.58
CA LYS B 212 -12.25 22.05 50.56
C LYS B 212 -11.55 22.13 49.21
N TYR B 213 -11.70 21.11 48.36
CA TYR B 213 -11.03 21.11 47.07
C TYR B 213 -11.58 22.22 46.17
N LEU B 214 -12.90 22.40 46.17
CA LEU B 214 -13.50 23.42 45.30
C LEU B 214 -13.10 24.83 45.71
N GLU B 215 -12.75 25.04 46.98
CA GLU B 215 -12.30 26.36 47.41
C GLU B 215 -11.00 26.75 46.71
N ARG B 216 -10.03 25.83 46.68
CA ARG B 216 -8.76 26.11 46.00
C ARG B 216 -8.90 26.05 44.49
N ARG B 217 -9.62 25.05 43.97
CA ARG B 217 -9.71 24.87 42.53
C ARG B 217 -10.53 25.97 41.88
N GLY B 218 -11.56 26.48 42.57
CA GLY B 218 -12.43 27.47 41.99
C GLY B 218 -11.83 28.86 41.86
N ARG B 219 -10.65 29.08 42.46
CA ARG B 219 -9.99 30.38 42.41
C ARG B 219 -8.82 30.41 41.44
N SER B 220 -8.64 29.37 40.64
CA SER B 220 -7.63 29.34 39.59
C SER B 220 -8.29 29.64 38.25
N ASN B 221 -7.66 30.50 37.46
CA ASN B 221 -8.20 30.91 36.18
C ASN B 221 -7.23 30.63 35.04
N PHE B 222 -6.38 29.61 35.20
CA PHE B 222 -5.40 29.31 34.16
C PHE B 222 -6.06 28.73 32.91
N LEU B 223 -6.96 27.76 33.09
CA LEU B 223 -7.64 27.16 31.94
C LEU B 223 -8.50 28.17 31.20
N ALA B 224 -9.20 29.03 31.93
CA ALA B 224 -10.00 30.07 31.29
C ALA B 224 -9.11 31.05 30.55
N LYS B 225 -7.96 31.39 31.12
CA LYS B 225 -7.03 32.30 30.45
C LYS B 225 -6.40 31.68 29.20
N LEU B 226 -6.46 30.36 29.07
CA LEU B 226 -5.90 29.68 27.90
C LEU B 226 -6.95 29.39 26.84
N TYR B 227 -8.13 28.94 27.25
CA TYR B 227 -9.19 28.64 26.29
C TYR B 227 -9.63 29.90 25.55
N LEU B 228 -9.73 31.02 26.25
CA LEU B 228 -10.08 32.27 25.61
C LEU B 228 -9.01 32.71 24.61
N ALA B 229 -7.75 32.48 24.94
CA ALA B 229 -6.66 32.92 24.06
C ALA B 229 -6.66 32.14 22.75
N ARG B 230 -7.01 30.85 22.79
CA ARG B 230 -7.00 30.05 21.57
C ARG B 230 -8.03 30.55 20.57
N HIS B 231 -9.23 30.88 21.03
CA HIS B 231 -10.29 31.28 20.11
C HIS B 231 -10.06 32.68 19.55
N VAL B 232 -9.60 33.61 20.39
CA VAL B 232 -9.41 34.98 19.93
C VAL B 232 -8.27 35.06 18.90
N LEU B 233 -7.29 34.15 19.00
CA LEU B 233 -6.19 34.17 18.04
C LEU B 233 -6.65 33.78 16.65
N ILE B 234 -7.65 32.91 16.54
CA ILE B 234 -8.19 32.53 15.24
C ILE B 234 -8.81 33.75 14.55
N LEU B 235 -9.54 34.57 15.31
CA LEU B 235 -10.16 35.75 14.73
C LEU B 235 -9.11 36.73 14.22
N LEU B 236 -8.04 36.93 14.97
CA LEU B 236 -7.00 37.88 14.56
C LEU B 236 -6.28 37.39 13.31
N LEU B 237 -5.99 36.09 13.23
CA LEU B 237 -5.29 35.54 12.07
C LEU B 237 -6.16 35.48 10.83
N SER B 238 -7.46 35.73 10.95
CA SER B 238 -8.36 35.67 9.80
C SER B 238 -8.39 36.97 9.01
N ALA B 239 -7.67 38.00 9.44
CA ALA B 239 -7.67 39.27 8.70
C ALA B 239 -6.78 39.19 7.47
N VAL B 240 -5.78 38.31 7.47
CA VAL B 240 -4.84 38.21 6.35
C VAL B 240 -5.48 37.51 5.15
N PRO B 241 -5.98 36.26 5.27
CA PRO B 241 -6.51 35.60 4.07
C PRO B 241 -7.70 36.29 3.45
N ILE B 242 -8.57 36.91 4.24
CA ILE B 242 -9.74 37.58 3.68
C ILE B 242 -9.34 38.84 2.94
N SER B 243 -8.39 39.60 3.49
CA SER B 243 -8.02 40.88 2.88
C SER B 243 -7.41 40.69 1.49
N TYR B 244 -6.55 39.66 1.34
CA TYR B 244 -5.89 39.46 0.06
C TYR B 244 -6.85 38.91 -0.99
N LEU B 245 -7.69 37.94 -0.61
CA LEU B 245 -8.63 37.36 -1.57
C LEU B 245 -9.70 38.36 -1.98
N CYS B 246 -10.17 39.17 -1.02
CA CYS B 246 -11.21 40.15 -1.34
C CYS B 246 -10.69 41.21 -2.31
N THR B 247 -9.44 41.66 -2.12
CA THR B 247 -8.88 42.67 -3.00
C THR B 247 -8.44 42.09 -4.34
N TYR B 248 -8.47 40.77 -4.50
CA TYR B 248 -8.13 40.14 -5.77
C TYR B 248 -9.36 39.82 -6.61
N TYR B 249 -10.50 39.57 -5.97
CA TYR B 249 -11.70 39.20 -6.71
C TYR B 249 -12.24 40.34 -7.56
N ALA B 250 -11.96 41.58 -7.18
CA ALA B 250 -12.54 42.74 -7.86
C ALA B 250 -11.46 43.74 -8.28
N THR B 251 -10.33 43.23 -8.77
CA THR B 251 -9.30 44.09 -9.33
C THR B 251 -8.74 43.63 -10.67
N GLN B 252 -8.91 42.37 -11.04
CA GLN B 252 -8.32 41.82 -12.26
C GLN B 252 -9.38 41.06 -13.04
N LYS B 253 -9.80 41.63 -14.17
CA LYS B 253 -10.69 40.94 -15.09
C LYS B 253 -10.07 40.76 -16.47
N GLN B 254 -8.82 41.18 -16.66
CA GLN B 254 -8.15 41.03 -17.94
C GLN B 254 -7.89 39.56 -18.24
N ASN B 255 -8.01 39.21 -19.52
CA ASN B 255 -7.73 37.86 -19.99
C ASN B 255 -6.88 37.81 -21.24
N GLU B 256 -6.71 38.92 -21.95
CA GLU B 256 -5.88 38.98 -23.15
C GLU B 256 -4.89 40.13 -23.02
N PHE B 257 -3.72 39.97 -23.63
CA PHE B 257 -2.71 41.01 -23.64
C PHE B 257 -1.86 40.86 -24.89
N THR B 258 -1.13 41.91 -25.22
CA THR B 258 -0.31 41.96 -26.43
C THR B 258 1.16 41.83 -26.02
N CYS B 259 1.62 40.59 -25.92
CA CYS B 259 3.03 40.33 -25.61
C CYS B 259 3.91 40.84 -26.74
N ALA B 260 5.02 41.48 -26.37
CA ALA B 260 5.95 42.09 -27.34
C ALA B 260 7.36 41.61 -27.04
N LEU B 261 7.78 40.56 -27.74
CA LEU B 261 9.14 40.04 -27.60
C LEU B 261 10.08 40.85 -28.50
N GLY B 262 11.20 41.29 -27.93
CA GLY B 262 12.14 42.10 -28.68
C GLY B 262 13.42 41.37 -29.06
N ALA B 263 13.52 40.95 -30.32
CA ALA B 263 14.73 40.34 -30.85
C ALA B 263 14.60 40.19 -32.37
N SER B 264 15.65 40.53 -33.12
CA SER B 264 15.68 40.34 -34.56
C SER B 264 17.03 39.76 -34.99
N PRO B 265 17.35 38.53 -34.57
CA PRO B 265 18.58 37.87 -35.05
C PRO B 265 18.34 37.11 -36.35
N ASP B 266 18.24 37.83 -37.45
CA ASP B 266 17.99 37.22 -38.75
C ASP B 266 19.18 36.37 -39.21
N PRO B 273 11.80 47.07 -34.54
CA PRO B 273 11.11 46.25 -35.54
C PRO B 273 10.70 44.89 -34.99
N ALA B 274 10.56 44.80 -33.67
CA ALA B 274 10.18 43.55 -33.04
C ALA B 274 8.73 43.20 -33.36
N VAL B 275 8.47 41.90 -33.50
CA VAL B 275 7.12 41.43 -33.79
C VAL B 275 6.26 41.50 -32.53
N ARG B 276 4.95 41.42 -32.73
CA ARG B 276 3.98 41.49 -31.65
C ARG B 276 2.95 40.38 -31.79
N VAL B 277 2.61 39.75 -30.68
CA VAL B 277 1.59 38.70 -30.63
C VAL B 277 0.64 39.00 -29.49
N SER B 278 -0.57 38.43 -29.59
CA SER B 278 -1.59 38.57 -28.57
C SER B 278 -1.91 37.20 -28.01
N CYS B 279 -1.85 37.06 -26.69
CA CYS B 279 -1.95 35.75 -26.07
C CYS B 279 -3.10 35.69 -25.07
N LYS B 280 -3.52 34.45 -24.79
CA LYS B 280 -4.71 34.15 -23.99
C LYS B 280 -4.34 33.22 -22.84
N LEU B 281 -4.97 33.44 -21.69
CA LEU B 281 -4.70 32.62 -20.50
C LEU B 281 -5.92 31.79 -20.15
N PRO B 282 -5.94 30.49 -20.49
CA PRO B 282 -7.08 29.63 -20.14
C PRO B 282 -6.97 29.02 -18.74
N SER B 283 -6.59 29.85 -17.76
CA SER B 283 -6.51 29.41 -16.37
C SER B 283 -7.04 30.49 -15.44
N VAL B 284 -8.09 31.20 -15.88
CA VAL B 284 -8.63 32.31 -15.11
C VAL B 284 -10.12 32.20 -14.83
N GLN B 285 -10.88 31.46 -15.63
CA GLN B 285 -12.33 31.39 -15.43
C GLN B 285 -12.71 30.47 -14.28
N LEU B 286 -11.81 29.63 -13.81
CA LEU B 286 -12.09 28.73 -12.68
C LEU B 286 -11.53 29.25 -11.37
N GLN B 287 -10.34 29.85 -11.39
CA GLN B 287 -9.77 30.41 -10.17
C GLN B 287 -10.59 31.58 -9.64
N ARG B 288 -11.40 32.22 -10.49
CA ARG B 288 -12.26 33.30 -10.02
C ARG B 288 -13.38 32.77 -9.13
N ILE B 289 -13.96 31.62 -9.50
CA ILE B 289 -15.07 31.07 -8.73
C ILE B 289 -14.58 30.53 -7.39
N ILE B 290 -13.42 29.87 -7.38
CA ILE B 290 -12.89 29.31 -6.14
C ILE B 290 -12.59 30.42 -5.13
N ALA B 291 -12.04 31.53 -5.60
CA ALA B 291 -11.75 32.65 -4.71
C ALA B 291 -13.00 33.33 -4.17
N GLY B 292 -14.17 33.03 -4.73
CA GLY B 292 -15.41 33.60 -4.25
C GLY B 292 -16.07 32.75 -3.18
N VAL B 293 -16.04 31.43 -3.38
CA VAL B 293 -16.62 30.52 -2.39
C VAL B 293 -15.83 30.58 -1.08
N ASP B 294 -14.50 30.64 -1.17
CA ASP B 294 -13.68 30.61 0.04
C ASP B 294 -13.93 31.85 0.91
N ILE B 295 -14.31 32.96 0.30
CA ILE B 295 -14.60 34.18 1.06
C ILE B 295 -15.83 33.97 1.94
N VAL B 296 -16.89 33.41 1.36
CA VAL B 296 -18.13 33.20 2.11
C VAL B 296 -17.93 32.16 3.20
N LEU B 297 -17.28 31.03 2.85
CA LEU B 297 -17.12 29.95 3.81
C LEU B 297 -16.27 30.38 5.01
N LEU B 298 -15.20 31.15 4.75
CA LEU B 298 -14.34 31.58 5.85
C LEU B 298 -14.97 32.67 6.68
N CYS B 299 -15.86 33.47 6.09
CA CYS B 299 -16.47 34.57 6.84
C CYS B 299 -17.56 34.08 7.78
N VAL B 300 -18.31 33.05 7.40
CA VAL B 300 -19.36 32.52 8.26
C VAL B 300 -18.77 31.93 9.53
N MET B 301 -17.68 31.17 9.39
CA MET B 301 -17.04 30.57 10.57
C MET B 301 -16.48 31.63 11.51
N ASN B 302 -16.14 32.80 10.97
CA ASN B 302 -15.70 33.91 11.83
C ASN B 302 -16.85 34.41 12.70
N LEU B 303 -18.06 34.45 12.14
CA LEU B 303 -19.20 34.97 12.89
C LEU B 303 -19.68 33.97 13.95
N ILE B 304 -19.70 32.68 13.62
CA ILE B 304 -20.22 31.68 14.53
C ILE B 304 -19.38 31.55 15.79
N ILE B 305 -18.08 31.88 15.70
CA ILE B 305 -17.23 31.83 16.89
C ILE B 305 -17.62 32.94 17.86
N LEU B 306 -17.93 34.13 17.35
CA LEU B 306 -18.22 35.27 18.21
C LEU B 306 -19.47 35.05 19.04
N VAL B 307 -20.52 34.48 18.44
CA VAL B 307 -21.79 34.31 19.16
C VAL B 307 -21.65 33.27 20.26
N ASN B 308 -20.87 32.21 20.02
CA ASN B 308 -20.72 31.17 21.03
C ASN B 308 -19.89 31.63 22.22
N LEU B 309 -18.88 32.48 21.97
CA LEU B 309 -18.03 32.94 23.05
C LEU B 309 -18.81 33.77 24.07
N ILE B 310 -19.68 34.65 23.59
CA ILE B 310 -20.45 35.49 24.50
C ILE B 310 -21.43 34.65 25.31
N HIS B 311 -22.12 33.72 24.65
CA HIS B 311 -23.13 32.92 25.35
C HIS B 311 -22.52 32.05 26.44
N LEU B 312 -21.37 31.43 26.15
CA LEU B 312 -20.78 30.49 27.11
C LEU B 312 -20.33 31.18 28.39
N PHE B 313 -19.70 32.35 28.26
CA PHE B 313 -19.06 33.00 29.39
C PHE B 313 -19.91 34.07 30.07
N ILE B 314 -21.08 34.39 29.53
CA ILE B 314 -21.89 35.45 30.13
C ILE B 314 -23.30 34.98 30.46
N PHE B 315 -24.02 34.51 29.43
CA PHE B 315 -25.45 34.22 29.61
C PHE B 315 -25.68 32.90 30.36
N ARG B 316 -24.83 31.90 30.13
CA ARG B 316 -25.07 30.58 30.72
C ARG B 316 -24.75 30.60 32.20
N LYS B 317 -25.75 30.32 33.03
CA LYS B 317 -25.63 30.32 34.48
C LYS B 317 -25.94 28.93 35.05
N SER B 318 -25.38 27.90 34.43
CA SER B 318 -25.59 26.53 34.89
C SER B 318 -24.29 25.75 34.80
N ASN B 319 -24.03 24.94 35.83
CA ASN B 319 -22.85 24.09 35.88
C ASN B 319 -23.28 22.63 36.00
N PHE B 320 -22.73 21.77 35.15
CA PHE B 320 -23.12 20.37 35.14
C PHE B 320 -22.73 19.66 36.44
N ILE B 321 -21.56 19.97 36.98
CA ILE B 321 -21.09 19.27 38.18
C ILE B 321 -21.95 19.63 39.39
N PHE B 322 -22.44 20.87 39.46
CA PHE B 322 -23.24 21.28 40.60
C PHE B 322 -24.61 20.62 40.60
N ASP B 323 -25.19 20.39 39.43
CA ASP B 323 -26.53 19.83 39.35
C ASP B 323 -26.54 18.37 39.77
N LYS B 324 -25.49 17.62 39.46
CA LYS B 324 -25.44 16.19 39.69
C LYS B 324 -24.75 15.82 41.00
N LEU B 325 -24.42 16.80 41.85
CA LEU B 325 -23.74 16.51 43.11
C LEU B 325 -24.73 16.43 44.27
N HIS B 326 -25.65 17.39 44.36
CA HIS B 326 -26.66 17.45 45.41
C HIS B 326 -26.06 17.51 46.82
N LYS B 327 -24.79 17.90 46.93
CA LYS B 327 -24.17 18.11 48.24
C LYS B 327 -23.14 19.23 48.06
N VAL B 328 -23.59 20.46 48.30
CA VAL B 328 -22.79 21.66 48.06
C VAL B 328 -22.99 22.63 49.21
N GLY B 329 -21.94 23.41 49.50
CA GLY B 329 -21.99 24.38 50.57
C GLY B 329 -22.38 25.77 50.12
N ILE B 330 -22.84 26.57 51.08
CA ILE B 330 -23.23 27.94 50.79
C ILE B 330 -22.03 28.84 50.55
N LYS B 331 -20.85 28.47 51.05
CA LYS B 331 -19.68 29.32 50.91
C LYS B 331 -19.28 29.51 49.46
N THR B 332 -19.48 28.49 48.62
CA THR B 332 -19.14 28.57 47.21
C THR B 332 -20.20 29.28 46.38
N ARG B 333 -21.33 29.67 46.99
CA ARG B 333 -22.42 30.24 46.21
C ARG B 333 -22.07 31.62 45.65
N ARG B 334 -21.54 32.51 46.50
CA ARG B 334 -21.23 33.86 46.03
C ARG B 334 -20.17 33.85 44.94
N GLN B 335 -19.14 33.03 45.11
CA GLN B 335 -18.05 32.98 44.13
C GLN B 335 -18.50 32.42 42.79
N TRP B 336 -19.67 31.76 42.74
CA TRP B 336 -20.08 31.10 41.50
C TRP B 336 -20.44 32.12 40.42
N ARG B 337 -21.25 33.13 40.76
CA ARG B 337 -21.64 34.13 39.78
C ARG B 337 -20.96 35.48 40.01
N ARG B 338 -19.98 35.55 40.92
CA ARG B 338 -19.22 36.78 41.07
C ARG B 338 -18.26 36.98 39.90
N SER B 339 -17.61 35.90 39.45
CA SER B 339 -16.71 35.95 38.31
C SER B 339 -16.90 34.69 37.47
N GLN B 340 -16.86 34.86 36.16
CA GLN B 340 -17.05 33.74 35.24
C GLN B 340 -15.73 33.10 34.79
N PHE B 341 -14.59 33.71 35.13
CA PHE B 341 -13.28 33.13 34.80
C PHE B 341 -12.88 32.15 35.89
N CYS B 342 -13.64 31.05 35.97
CA CYS B 342 -13.45 30.03 36.98
C CYS B 342 -13.02 28.72 36.34
N ASP B 343 -12.14 28.00 37.01
CA ASP B 343 -11.59 26.77 36.43
C ASP B 343 -12.66 25.70 36.26
N ILE B 344 -13.56 25.56 37.23
CA ILE B 344 -14.57 24.50 37.16
C ILE B 344 -15.52 24.71 35.99
N ASN B 345 -15.65 25.96 35.53
CA ASN B 345 -16.51 26.24 34.38
C ASN B 345 -16.03 25.49 33.14
N ILE B 346 -14.72 25.51 32.89
CA ILE B 346 -14.18 24.79 31.74
C ILE B 346 -14.29 23.28 31.96
N LEU B 347 -14.02 22.81 33.18
CA LEU B 347 -14.11 21.39 33.47
C LEU B 347 -15.54 20.87 33.40
N ALA B 348 -16.54 21.75 33.54
CA ALA B 348 -17.92 21.31 33.51
C ALA B 348 -18.29 20.73 32.15
N MET B 349 -17.86 21.37 31.07
CA MET B 349 -18.18 20.87 29.73
C MET B 349 -17.53 19.52 29.47
N PHE B 350 -16.28 19.33 29.89
CA PHE B 350 -15.59 18.09 29.61
C PHE B 350 -16.24 16.92 30.36
N CYS B 351 -16.67 17.14 31.59
CA CYS B 351 -17.37 16.10 32.33
C CYS B 351 -18.69 15.73 31.66
N ASN B 352 -19.40 16.73 31.15
CA ASN B 352 -20.69 16.48 30.50
C ASN B 352 -20.54 15.60 29.27
N GLU B 353 -19.50 15.85 28.46
CA GLU B 353 -19.30 15.06 27.25
C GLU B 353 -18.69 13.69 27.52
N ASN B 354 -18.25 13.43 28.75
CA ASN B 354 -17.71 12.13 29.13
C ASN B 354 -18.58 11.46 30.18
N ARG B 355 -19.88 11.71 30.15
CA ARG B 355 -20.81 11.13 31.10
C ARG B 355 -20.94 9.62 30.98
N ASP B 356 -20.46 9.03 29.87
CA ASP B 356 -20.52 7.59 29.72
C ASP B 356 -19.65 6.88 30.75
N HIS B 357 -18.47 7.44 31.04
CA HIS B 357 -17.49 6.78 31.90
C HIS B 357 -17.93 6.70 33.36
N ILE B 358 -18.95 7.43 33.77
CA ILE B 358 -19.49 7.35 35.13
C ILE B 358 -20.79 6.57 35.09
N LYS B 359 -20.88 5.54 35.93
CA LYS B 359 -22.02 4.63 35.91
C LYS B 359 -23.10 4.97 36.93
N SER B 360 -22.83 5.90 37.85
CA SER B 360 -23.78 6.28 38.88
C SER B 360 -24.64 7.48 38.48
N LEU B 361 -24.52 7.95 37.24
CA LEU B 361 -25.25 9.15 36.82
C LEU B 361 -26.75 8.93 36.84
N ASN B 362 -27.21 7.85 36.21
CA ASN B 362 -28.65 7.61 36.10
C ASN B 362 -29.27 7.31 37.46
N ARG B 363 -28.59 6.51 38.29
CA ARG B 363 -29.12 6.18 39.60
C ARG B 363 -29.20 7.41 40.50
N LEU B 364 -28.18 8.27 40.47
CA LEU B 364 -28.18 9.46 41.31
C LEU B 364 -29.19 10.49 40.82
N ASP B 365 -29.36 10.61 39.50
CA ASP B 365 -30.29 11.59 38.95
C ASP B 365 -31.73 11.28 39.35
N PHE B 366 -32.11 10.00 39.33
CA PHE B 366 -33.48 9.63 39.70
C PHE B 366 -33.76 9.80 41.18
N ILE B 367 -32.72 9.94 42.01
CA ILE B 367 -32.93 10.10 43.45
C ILE B 367 -33.65 11.41 43.74
N THR B 368 -33.26 12.48 43.08
CA THR B 368 -33.89 13.78 43.29
C THR B 368 -35.27 13.84 42.64
N GLY C 35 -15.71 -12.04 31.94
CA GLY C 35 -16.41 -11.23 30.98
C GLY C 35 -15.62 -10.98 29.71
N ALA C 36 -14.75 -11.93 29.36
CA ALA C 36 -13.95 -11.80 28.15
C ALA C 36 -14.83 -11.80 26.90
N LEU C 37 -15.85 -12.67 26.86
CA LEU C 37 -16.73 -12.73 25.71
C LEU C 37 -17.49 -11.42 25.54
N ALA C 38 -18.00 -10.85 26.63
CA ALA C 38 -18.70 -9.57 26.54
C ALA C 38 -17.75 -8.45 26.15
N ALA C 39 -16.53 -8.46 26.69
CA ALA C 39 -15.56 -7.41 26.36
C ALA C 39 -15.17 -7.46 24.88
N LEU C 40 -14.99 -8.67 24.34
CA LEU C 40 -14.61 -8.79 22.93
C LEU C 40 -15.70 -8.30 21.99
N LEU C 41 -16.97 -8.44 22.40
CA LEU C 41 -18.10 -7.99 21.60
C LEU C 41 -18.78 -6.78 22.24
N LEU C 42 -17.99 -5.88 22.82
CA LEU C 42 -18.52 -4.71 23.51
C LEU C 42 -19.02 -3.63 22.58
N GLN C 43 -18.82 -3.78 21.27
CA GLN C 43 -19.30 -2.78 20.32
C GLN C 43 -20.82 -2.86 20.23
N LEU C 44 -21.48 -1.70 20.36
CA LEU C 44 -22.93 -1.61 20.31
C LEU C 44 -23.35 -0.91 19.02
N LYS C 45 -24.30 -1.50 18.31
CA LYS C 45 -24.81 -0.87 17.10
C LYS C 45 -25.51 0.43 17.45
N LEU C 46 -25.22 1.47 16.68
CA LEU C 46 -25.76 2.80 16.94
C LEU C 46 -26.46 3.40 15.72
N GLU C 47 -26.32 2.80 14.55
CA GLU C 47 -26.89 3.33 13.32
C GLU C 47 -28.01 2.39 12.86
N LEU C 48 -29.20 2.96 12.65
CA LEU C 48 -30.32 2.16 12.18
C LEU C 48 -30.10 1.73 10.73
N PRO C 49 -30.63 0.57 10.34
CA PRO C 49 -30.48 0.13 8.95
C PRO C 49 -31.10 1.08 7.93
N PHE C 50 -32.19 1.76 8.30
CA PHE C 50 -32.82 2.70 7.37
C PHE C 50 -31.88 3.85 7.03
N ASP C 51 -31.13 4.35 8.01
CA ASP C 51 -30.16 5.40 7.75
C ASP C 51 -29.08 4.91 6.78
N ARG C 52 -28.62 3.67 6.97
CA ARG C 52 -27.63 3.11 6.05
C ARG C 52 -28.17 3.00 4.64
N VAL C 53 -29.42 2.55 4.50
CA VAL C 53 -30.03 2.43 3.17
C VAL C 53 -30.14 3.80 2.51
N VAL C 54 -30.58 4.80 3.27
CA VAL C 54 -30.71 6.15 2.71
C VAL C 54 -29.35 6.68 2.28
N THR C 55 -28.32 6.49 3.11
CA THR C 55 -26.98 6.96 2.77
C THR C 55 -26.47 6.29 1.50
N ILE C 56 -26.62 4.97 1.41
CA ILE C 56 -26.13 4.25 0.23
C ILE C 56 -26.89 4.71 -1.02
N GLY C 57 -28.21 4.90 -0.90
CA GLY C 57 -28.99 5.30 -2.06
C GLY C 57 -28.81 6.75 -2.46
N THR C 58 -28.31 7.59 -1.56
CA THR C 58 -28.23 9.02 -1.84
C THR C 58 -26.82 9.50 -2.16
N VAL C 59 -25.82 9.11 -1.38
CA VAL C 59 -24.50 9.72 -1.46
C VAL C 59 -23.53 8.88 -2.28
N LEU C 60 -23.47 7.57 -2.03
CA LEU C 60 -22.39 6.75 -2.59
C LEU C 60 -22.47 6.65 -4.11
N VAL C 61 -23.68 6.46 -4.65
CA VAL C 61 -23.82 6.21 -6.10
C VAL C 61 -23.37 7.41 -6.93
N PRO C 62 -23.77 8.66 -6.63
CA PRO C 62 -23.30 9.78 -7.46
C PRO C 62 -21.80 9.91 -7.53
N ILE C 63 -21.07 9.54 -6.48
CA ILE C 63 -19.60 9.58 -6.54
C ILE C 63 -19.09 8.60 -7.59
N LEU C 64 -19.67 7.40 -7.63
CA LEU C 64 -19.27 6.43 -8.65
C LEU C 64 -19.59 6.93 -10.05
N LEU C 65 -20.76 7.54 -10.24
CA LEU C 65 -21.08 8.08 -11.56
C LEU C 65 -20.12 9.21 -11.95
N VAL C 66 -19.78 10.08 -11.00
CA VAL C 66 -18.86 11.18 -11.30
C VAL C 66 -17.48 10.65 -11.67
N THR C 67 -16.99 9.65 -10.94
CA THR C 67 -15.67 9.12 -11.27
C THR C 67 -15.69 8.39 -12.60
N LEU C 68 -16.79 7.73 -12.95
CA LEU C 68 -16.90 7.13 -14.28
C LEU C 68 -16.87 8.20 -15.37
N VAL C 69 -17.59 9.30 -15.16
CA VAL C 69 -17.60 10.38 -16.14
C VAL C 69 -16.21 10.98 -16.29
N PHE C 70 -15.51 11.19 -15.18
CA PHE C 70 -14.16 11.74 -15.25
C PHE C 70 -13.21 10.80 -15.99
N THR C 71 -13.29 9.50 -15.70
CA THR C 71 -12.43 8.54 -16.38
C THR C 71 -12.70 8.53 -17.88
N LYS C 72 -13.98 8.57 -18.27
CA LYS C 72 -14.29 8.62 -19.69
C LYS C 72 -13.81 9.93 -20.32
N ASN C 73 -13.95 11.04 -19.61
CA ASN C 73 -13.67 12.35 -20.18
C ASN C 73 -12.17 12.60 -20.33
N PHE C 74 -11.35 11.97 -19.49
CA PHE C 74 -9.90 12.12 -19.61
C PHE C 74 -9.26 11.02 -20.46
N ALA C 75 -9.97 10.51 -21.46
CA ALA C 75 -9.42 9.53 -22.39
C ALA C 75 -9.50 9.97 -23.85
N GLU C 76 -9.74 11.25 -24.10
CA GLU C 76 -9.83 11.77 -25.46
C GLU C 76 -9.45 13.24 -25.47
N GLU C 77 -9.40 13.82 -26.67
CA GLU C 77 -9.17 15.24 -26.81
C GLU C 77 -10.43 16.02 -26.43
N PRO C 78 -10.29 17.29 -26.05
CA PRO C 78 -11.48 18.04 -25.62
C PRO C 78 -12.36 18.52 -26.76
N ILE C 79 -11.79 18.86 -27.92
CA ILE C 79 -12.58 19.45 -28.99
C ILE C 79 -11.94 19.12 -30.33
N TYR C 80 -12.77 18.78 -31.32
CA TYR C 80 -12.34 18.54 -32.69
C TYR C 80 -13.03 19.54 -33.60
N CYS C 81 -12.25 20.21 -34.47
CA CYS C 81 -12.87 20.99 -35.53
C CYS C 81 -11.88 21.34 -36.62
N TYR C 82 -12.40 21.99 -37.66
CA TYR C 82 -11.81 22.17 -38.98
C TYR C 82 -10.80 23.32 -38.96
N THR C 83 -10.07 23.45 -40.07
CA THR C 83 -9.03 24.45 -40.22
C THR C 83 -8.82 24.72 -41.71
N PRO C 84 -8.74 25.98 -42.13
CA PRO C 84 -8.53 26.27 -43.56
C PRO C 84 -7.19 25.74 -44.05
N HIS C 85 -7.00 25.86 -45.36
CA HIS C 85 -5.82 25.26 -46.00
C HIS C 85 -4.56 26.07 -45.73
N ASN C 86 -4.68 27.40 -45.67
CA ASN C 86 -3.50 28.24 -45.54
C ASN C 86 -2.87 28.19 -44.16
N PHE C 87 -3.60 27.73 -43.15
CA PHE C 87 -3.09 27.73 -41.79
C PHE C 87 -1.94 26.75 -41.63
N THR C 88 -0.96 27.11 -40.80
CA THR C 88 0.10 26.19 -40.40
C THR C 88 -0.35 25.42 -39.15
N ARG C 89 0.57 24.68 -38.54
CA ARG C 89 0.21 23.85 -37.39
C ARG C 89 -0.05 24.69 -36.14
N ASP C 90 0.84 25.66 -35.87
CA ASP C 90 0.72 26.45 -34.66
C ASP C 90 -0.56 27.28 -34.67
N GLN C 91 -0.90 27.87 -35.82
CA GLN C 91 -2.13 28.65 -35.90
C GLN C 91 -3.36 27.77 -35.69
N ALA C 92 -3.32 26.53 -36.20
CA ALA C 92 -4.41 25.61 -35.95
C ALA C 92 -4.54 25.28 -34.47
N LEU C 93 -3.40 25.07 -33.79
CA LEU C 93 -3.44 24.81 -32.36
C LEU C 93 -4.02 25.99 -31.60
N TYR C 94 -3.62 27.21 -31.97
CA TYR C 94 -4.17 28.40 -31.34
C TYR C 94 -5.67 28.51 -31.59
N ALA C 95 -6.12 28.19 -32.81
CA ALA C 95 -7.54 28.26 -33.12
C ALA C 95 -8.32 27.29 -32.25
N ARG C 96 -7.84 26.05 -32.12
CA ARG C 96 -8.50 25.08 -31.26
C ARG C 96 -8.57 25.57 -29.82
N GLY C 97 -7.43 26.04 -29.29
CA GLY C 97 -7.42 26.47 -27.90
C GLY C 97 -8.31 27.66 -27.64
N TYR C 98 -8.28 28.66 -28.53
CA TYR C 98 -9.10 29.85 -28.36
C TYR C 98 -10.58 29.53 -28.45
N CYS C 99 -10.97 28.68 -29.42
CA CYS C 99 -12.38 28.35 -29.55
C CYS C 99 -12.86 27.47 -28.40
N TRP C 100 -11.96 26.71 -27.79
CA TRP C 100 -12.35 25.96 -26.59
C TRP C 100 -12.47 26.88 -25.38
N THR C 101 -11.56 27.85 -25.24
CA THR C 101 -11.55 28.69 -24.06
C THR C 101 -12.71 29.68 -24.07
N GLU C 102 -12.94 30.34 -25.20
CA GLU C 102 -14.01 31.33 -25.26
C GLU C 102 -15.38 30.68 -25.12
N LEU C 103 -15.64 29.63 -25.91
CA LEU C 103 -16.88 28.87 -25.85
C LEU C 103 -18.09 29.78 -26.03
N ARG C 104 -18.14 30.44 -27.18
CA ARG C 104 -19.20 31.38 -27.51
C ARG C 104 -19.70 31.10 -28.93
N ASP C 105 -21.01 31.14 -29.10
CA ASP C 105 -21.61 30.93 -30.41
C ASP C 105 -21.59 32.23 -31.23
N ALA C 106 -22.06 32.13 -32.47
CA ALA C 106 -22.13 33.29 -33.35
C ALA C 106 -23.24 33.07 -34.36
N LEU C 107 -23.84 34.17 -34.80
CA LEU C 107 -24.92 34.14 -35.78
C LEU C 107 -24.74 35.30 -36.76
N PRO C 108 -25.21 35.14 -37.99
CA PRO C 108 -25.06 36.23 -38.97
C PRO C 108 -26.05 37.36 -38.68
N GLY C 109 -25.56 38.60 -38.84
CA GLY C 109 -26.40 39.76 -38.68
C GLY C 109 -26.72 40.15 -37.25
N VAL C 110 -26.10 39.51 -36.26
CA VAL C 110 -26.35 39.79 -34.86
C VAL C 110 -25.03 40.18 -34.20
N ASP C 111 -25.06 41.25 -33.41
CA ASP C 111 -23.87 41.69 -32.70
C ASP C 111 -23.52 40.71 -31.59
N ALA C 112 -22.33 40.91 -31.01
CA ALA C 112 -21.81 40.00 -30.00
C ALA C 112 -22.55 40.09 -28.67
N SER C 113 -23.42 41.09 -28.49
CA SER C 113 -24.11 41.27 -27.23
C SER C 113 -25.20 40.24 -26.98
N LEU C 114 -25.58 39.45 -27.99
CA LEU C 114 -26.67 38.49 -27.86
C LEU C 114 -26.24 37.07 -28.24
N TRP C 115 -24.96 36.78 -28.20
CA TRP C 115 -24.47 35.45 -28.59
C TRP C 115 -24.65 34.46 -27.43
N PRO C 116 -25.31 33.33 -27.66
CA PRO C 116 -25.52 32.37 -26.56
C PRO C 116 -24.23 31.70 -26.11
N SER C 117 -24.26 31.21 -24.87
CA SER C 117 -23.12 30.56 -24.25
C SER C 117 -23.44 29.10 -23.95
N LEU C 118 -22.40 28.33 -23.66
CA LEU C 118 -22.52 26.89 -23.41
C LEU C 118 -21.65 26.48 -22.22
N PHE C 119 -21.71 27.26 -21.14
CA PHE C 119 -20.80 27.05 -20.01
C PHE C 119 -21.12 25.78 -19.22
N GLU C 120 -22.37 25.33 -19.24
CA GLU C 120 -22.73 24.15 -18.43
C GLU C 120 -22.00 22.91 -18.91
N HIS C 121 -21.81 22.77 -20.23
CA HIS C 121 -21.14 21.59 -20.77
C HIS C 121 -19.73 21.44 -20.22
N LYS C 122 -19.12 22.53 -19.76
CA LYS C 122 -17.81 22.49 -19.15
C LYS C 122 -17.86 22.48 -17.62
N PHE C 123 -18.90 23.07 -17.03
CA PHE C 123 -18.98 23.23 -15.58
C PHE C 123 -19.79 22.13 -14.89
N LEU C 124 -20.33 21.16 -15.63
CA LEU C 124 -21.26 20.20 -15.02
C LEU C 124 -20.69 19.36 -13.89
N PRO C 125 -19.57 18.63 -14.05
CA PRO C 125 -19.21 17.62 -13.02
C PRO C 125 -18.97 18.19 -11.62
N TYR C 126 -18.42 19.40 -11.53
CA TYR C 126 -18.13 19.97 -10.20
C TYR C 126 -19.41 20.22 -9.43
N ALA C 127 -20.53 20.49 -10.11
CA ALA C 127 -21.80 20.65 -9.43
C ALA C 127 -22.20 19.37 -8.71
N LEU C 128 -22.07 18.23 -9.38
CA LEU C 128 -22.35 16.94 -8.74
C LEU C 128 -21.37 16.66 -7.60
N LEU C 129 -20.10 17.02 -7.82
CA LEU C 129 -19.09 16.80 -6.77
C LEU C 129 -19.45 17.57 -5.50
N ALA C 130 -19.94 18.80 -5.64
CA ALA C 130 -20.36 19.57 -4.48
C ALA C 130 -21.67 19.04 -3.90
N PHE C 131 -22.58 18.58 -4.77
CA PHE C 131 -23.86 18.06 -4.31
C PHE C 131 -23.69 16.84 -3.42
N ALA C 132 -22.70 16.00 -3.74
CA ALA C 132 -22.44 14.83 -2.89
C ALA C 132 -22.18 15.25 -1.45
N ALA C 133 -21.27 16.19 -1.23
CA ALA C 133 -20.94 16.61 0.13
C ALA C 133 -22.10 17.35 0.79
N ILE C 134 -22.78 18.22 0.06
CA ILE C 134 -23.86 18.98 0.68
C ILE C 134 -25.01 18.06 1.06
N MET C 135 -25.17 16.93 0.36
CA MET C 135 -26.13 15.92 0.78
C MET C 135 -25.62 15.09 1.95
N TYR C 136 -24.31 14.86 2.02
CA TYR C 136 -23.74 14.03 3.08
C TYR C 136 -23.67 14.73 4.43
N VAL C 137 -23.73 16.07 4.46
CA VAL C 137 -23.57 16.80 5.72
C VAL C 137 -24.45 16.28 6.87
N PRO C 138 -25.77 16.08 6.69
CA PRO C 138 -26.60 15.71 7.85
C PRO C 138 -26.19 14.41 8.53
N ALA C 139 -25.67 13.43 7.77
CA ALA C 139 -25.22 12.18 8.39
C ALA C 139 -24.09 12.44 9.38
N LEU C 140 -23.15 13.31 9.01
CA LEU C 140 -22.11 13.71 9.95
C LEU C 140 -22.69 14.54 11.09
N GLY C 141 -23.69 15.36 10.82
CA GLY C 141 -24.26 16.19 11.87
C GLY C 141 -24.94 15.40 12.96
N TRP C 142 -25.59 14.29 12.61
CA TRP C 142 -26.33 13.51 13.60
C TRP C 142 -25.42 12.95 14.69
N GLU C 143 -24.25 12.44 14.30
CA GLU C 143 -23.40 11.74 15.25
C GLU C 143 -22.90 12.68 16.35
N PHE C 144 -22.51 13.90 15.98
CA PHE C 144 -21.95 14.83 16.96
C PHE C 144 -22.93 15.16 18.09
N LEU C 145 -24.22 14.91 17.88
CA LEU C 145 -25.22 15.13 18.92
C LEU C 145 -25.74 13.84 19.53
N ALA C 146 -25.66 12.71 18.84
CA ALA C 146 -26.21 11.46 19.36
C ALA C 146 -25.14 10.43 19.73
N SER C 147 -23.88 10.84 19.85
CA SER C 147 -22.83 9.88 20.14
C SER C 147 -22.96 9.26 21.53
N THR C 148 -23.11 10.09 22.57
CA THR C 148 -22.85 9.65 23.93
C THR C 148 -24.11 9.38 24.76
N ARG C 149 -25.09 10.30 24.71
CA ARG C 149 -26.26 10.17 25.57
C ARG C 149 -27.04 8.90 25.27
N LEU C 150 -27.24 8.60 23.99
CA LEU C 150 -27.98 7.40 23.61
C LEU C 150 -27.23 6.15 24.06
N THR C 151 -25.90 6.14 23.90
CA THR C 151 -25.12 4.99 24.34
C THR C 151 -25.23 4.78 25.84
N SER C 152 -25.14 5.86 26.62
CA SER C 152 -25.25 5.73 28.08
C SER C 152 -26.63 5.21 28.49
N GLU C 153 -27.68 5.79 27.90
CA GLU C 153 -29.03 5.35 28.26
C GLU C 153 -29.27 3.89 27.87
N LEU C 154 -28.81 3.50 26.68
CA LEU C 154 -28.96 2.11 26.26
C LEU C 154 -28.18 1.16 27.17
N ASN C 155 -26.97 1.55 27.58
CA ASN C 155 -26.21 0.73 28.50
C ASN C 155 -26.94 0.55 29.83
N PHE C 156 -27.49 1.64 30.36
CA PHE C 156 -28.23 1.55 31.62
C PHE C 156 -29.45 0.64 31.48
N LEU C 157 -30.19 0.79 30.37
CA LEU C 157 -31.38 -0.03 30.18
C LEU C 157 -31.02 -1.51 30.07
N LEU C 158 -30.01 -1.84 29.27
CA LEU C 158 -29.61 -3.23 29.11
C LEU C 158 -29.07 -3.81 30.41
N GLN C 159 -28.42 -2.99 31.22
CA GLN C 159 -28.02 -3.44 32.55
C GLN C 159 -29.24 -3.72 33.42
N GLU C 160 -30.26 -2.87 33.32
CA GLU C 160 -31.45 -3.04 34.14
C GLU C 160 -32.25 -4.28 33.76
N ILE C 161 -32.24 -4.66 32.47
CA ILE C 161 -33.06 -5.79 32.03
C ILE C 161 -32.75 -7.05 32.81
N ASP C 162 -31.51 -7.19 33.30
CA ASP C 162 -31.17 -8.35 34.13
C ASP C 162 -31.97 -8.35 35.42
N ASN C 163 -32.13 -7.18 36.05
CA ASN C 163 -32.82 -7.11 37.33
C ASN C 163 -34.29 -7.50 37.22
N CYS C 164 -34.95 -7.11 36.12
CA CYS C 164 -36.37 -7.38 35.95
C CYS C 164 -36.67 -8.84 35.69
N TYR C 165 -35.66 -9.68 35.45
CA TYR C 165 -35.90 -11.09 35.21
C TYR C 165 -36.52 -11.77 36.43
N HIS C 166 -36.01 -11.45 37.63
CA HIS C 166 -36.52 -12.04 38.86
C HIS C 166 -37.89 -11.51 39.20
N ASN C 208 -39.04 0.02 43.29
CA ASN C 208 -39.78 0.54 42.15
C ASN C 208 -38.98 1.62 41.42
N LEU C 209 -37.67 1.38 41.29
CA LEU C 209 -36.82 2.33 40.59
C LEU C 209 -37.20 2.46 39.12
N PHE C 210 -37.45 1.33 38.46
CA PHE C 210 -37.85 1.37 37.05
C PHE C 210 -39.27 1.88 36.88
N GLU C 211 -40.16 1.56 37.83
CA GLU C 211 -41.56 2.00 37.71
C GLU C 211 -41.65 3.53 37.70
N LYS C 212 -40.90 4.19 38.58
CA LYS C 212 -40.86 5.64 38.58
C LYS C 212 -40.01 6.20 37.44
N TYR C 213 -39.09 5.40 36.89
CA TYR C 213 -38.23 5.89 35.82
C TYR C 213 -39.03 6.18 34.56
N LEU C 214 -39.99 5.31 34.22
CA LEU C 214 -40.76 5.50 32.99
C LEU C 214 -41.62 6.75 33.05
N GLU C 215 -42.08 7.14 34.25
CA GLU C 215 -42.88 8.36 34.38
C GLU C 215 -42.07 9.59 33.98
N ARG C 216 -40.83 9.68 34.47
CA ARG C 216 -40.00 10.83 34.12
C ARG C 216 -39.47 10.72 32.69
N ARG C 217 -39.03 9.53 32.30
CA ARG C 217 -38.45 9.37 30.96
C ARG C 217 -39.50 9.47 29.87
N GLY C 218 -40.72 9.01 30.14
CA GLY C 218 -41.75 8.99 29.12
C GLY C 218 -42.27 10.36 28.73
N ARG C 219 -42.04 11.37 29.55
CA ARG C 219 -42.52 12.73 29.28
C ARG C 219 -41.45 13.61 28.63
N SER C 220 -40.28 13.06 28.33
CA SER C 220 -39.25 13.80 27.61
C SER C 220 -39.43 13.61 26.12
N ASN C 221 -39.07 14.64 25.35
CA ASN C 221 -39.25 14.60 23.89
C ASN C 221 -38.03 15.17 23.17
N PHE C 222 -36.86 15.06 23.78
CA PHE C 222 -35.65 15.60 23.14
C PHE C 222 -35.26 14.78 21.92
N LEU C 223 -35.26 13.45 22.06
CA LEU C 223 -34.87 12.59 20.94
C LEU C 223 -35.86 12.72 19.79
N ALA C 224 -37.16 12.77 20.10
CA ALA C 224 -38.16 12.93 19.05
C ALA C 224 -38.00 14.26 18.32
N LYS C 225 -37.67 15.32 19.05
CA LYS C 225 -37.45 16.62 18.44
C LYS C 225 -36.17 16.68 17.62
N LEU C 226 -35.30 15.67 17.74
CA LEU C 226 -34.06 15.62 16.97
C LEU C 226 -34.13 14.64 15.81
N TYR C 227 -34.72 13.46 16.02
CA TYR C 227 -34.85 12.48 14.94
C TYR C 227 -35.73 13.01 13.82
N LEU C 228 -36.81 13.72 14.17
CA LEU C 228 -37.67 14.31 13.15
C LEU C 228 -36.94 15.40 12.38
N ALA C 229 -36.10 16.18 13.07
CA ALA C 229 -35.39 17.27 12.42
C ALA C 229 -34.41 16.76 11.37
N ARG C 230 -33.73 15.64 11.66
CA ARG C 230 -32.74 15.11 10.73
C ARG C 230 -33.38 14.69 9.41
N HIS C 231 -34.54 14.04 9.47
CA HIS C 231 -35.17 13.53 8.26
C HIS C 231 -35.80 14.64 7.44
N VAL C 232 -36.44 15.61 8.09
CA VAL C 232 -37.10 16.69 7.36
C VAL C 232 -36.08 17.57 6.66
N LEU C 233 -34.86 17.67 7.20
CA LEU C 233 -33.85 18.50 6.57
C LEU C 233 -33.37 17.92 5.25
N ILE C 234 -33.39 16.58 5.12
CA ILE C 234 -33.01 15.95 3.86
C ILE C 234 -33.98 16.34 2.76
N LEU C 235 -35.28 16.37 3.08
CA LEU C 235 -36.29 16.73 2.08
C LEU C 235 -36.11 18.17 1.61
N LEU C 236 -35.83 19.08 2.54
CA LEU C 236 -35.67 20.49 2.16
C LEU C 236 -34.43 20.70 1.30
N LEU C 237 -33.33 20.04 1.64
CA LEU C 237 -32.09 20.19 0.87
C LEU C 237 -32.15 19.52 -0.48
N SER C 238 -33.17 18.70 -0.75
CA SER C 238 -33.29 18.00 -2.03
C SER C 238 -33.90 18.86 -3.13
N ALA C 239 -34.34 20.09 -2.81
CA ALA C 239 -34.92 20.95 -3.83
C ALA C 239 -33.87 21.59 -4.73
N VAL C 240 -32.63 21.72 -4.26
CA VAL C 240 -31.57 22.36 -5.05
C VAL C 240 -31.08 21.44 -6.16
N PRO C 241 -30.60 20.22 -5.88
CA PRO C 241 -30.04 19.40 -6.97
C PRO C 241 -31.06 19.03 -8.04
N ILE C 242 -32.32 18.80 -7.66
CA ILE C 242 -33.32 18.42 -8.65
C ILE C 242 -33.67 19.60 -9.55
N SER C 243 -33.78 20.80 -8.97
CA SER C 243 -34.19 21.97 -9.75
C SER C 243 -33.18 22.29 -10.84
N TYR C 244 -31.89 22.20 -10.52
CA TYR C 244 -30.87 22.55 -11.51
C TYR C 244 -30.74 21.49 -12.59
N LEU C 245 -30.86 20.22 -12.23
CA LEU C 245 -30.71 19.15 -13.22
C LEU C 245 -31.89 19.10 -14.17
N CYS C 246 -33.11 19.39 -13.68
CA CYS C 246 -34.28 19.34 -14.53
C CYS C 246 -34.22 20.40 -15.63
N THR C 247 -33.77 21.61 -15.29
CA THR C 247 -33.69 22.66 -16.30
C THR C 247 -32.52 22.45 -17.25
N TYR C 248 -31.52 21.66 -16.86
CA TYR C 248 -30.41 21.35 -17.76
C TYR C 248 -30.79 20.31 -18.79
N TYR C 249 -31.68 19.37 -18.43
CA TYR C 249 -32.03 18.28 -19.34
C TYR C 249 -32.78 18.78 -20.56
N ALA C 250 -33.69 19.74 -20.38
CA ALA C 250 -34.60 20.16 -21.44
C ALA C 250 -34.24 21.50 -22.06
N THR C 251 -33.04 22.03 -21.79
CA THR C 251 -32.63 23.30 -22.37
C THR C 251 -31.39 23.18 -23.24
N GLN C 252 -30.35 22.50 -22.76
CA GLN C 252 -29.08 22.44 -23.48
C GLN C 252 -29.10 21.22 -24.41
N LYS C 253 -29.32 21.47 -25.70
CA LYS C 253 -29.30 20.42 -26.70
C LYS C 253 -28.37 20.70 -27.87
N GLN C 254 -27.77 21.88 -27.95
CA GLN C 254 -26.89 22.22 -29.06
C GLN C 254 -25.60 21.40 -29.00
N ASN C 255 -25.04 21.12 -30.18
CA ASN C 255 -23.79 20.38 -30.27
C ASN C 255 -22.77 21.00 -31.21
N GLU C 256 -23.18 21.85 -32.15
CA GLU C 256 -22.27 22.50 -33.08
C GLU C 256 -22.48 24.01 -33.02
N PHE C 257 -21.40 24.76 -33.21
CA PHE C 257 -21.47 26.21 -33.23
C PHE C 257 -20.39 26.74 -34.16
N THR C 258 -20.56 27.98 -34.60
CA THR C 258 -19.64 28.63 -35.54
C THR C 258 -18.75 29.60 -34.75
N CYS C 259 -17.66 29.07 -34.20
CA CYS C 259 -16.70 29.91 -33.50
C CYS C 259 -16.06 30.90 -34.45
N ALA C 260 -15.95 32.16 -34.01
CA ALA C 260 -15.43 33.24 -34.84
C ALA C 260 -14.30 33.94 -34.08
N LEU C 261 -13.07 33.53 -34.36
CA LEU C 261 -11.91 34.17 -33.76
C LEU C 261 -11.52 35.41 -34.57
N GLY C 262 -11.34 36.53 -33.87
CA GLY C 262 -11.03 37.77 -34.55
C GLY C 262 -9.59 38.24 -34.36
N ALA C 263 -8.75 38.02 -35.37
CA ALA C 263 -7.39 38.52 -35.42
C ALA C 263 -6.83 38.27 -36.80
N SER C 264 -6.16 39.28 -37.37
CA SER C 264 -5.48 39.14 -38.65
C SER C 264 -4.11 39.82 -38.61
N PRO C 265 -3.18 39.30 -37.80
CA PRO C 265 -1.79 39.82 -37.83
C PRO C 265 -0.94 39.13 -38.89
N ASP C 266 -1.15 39.54 -40.14
CA ASP C 266 -0.42 38.95 -41.27
C ASP C 266 1.07 39.30 -41.22
N PRO C 273 -12.52 41.02 -41.32
CA PRO C 273 -12.10 39.95 -42.23
C PRO C 273 -11.62 38.71 -41.49
N ALA C 274 -12.11 38.51 -40.27
CA ALA C 274 -11.72 37.37 -39.47
C ALA C 274 -12.27 36.07 -40.05
N VAL C 275 -11.50 34.99 -39.88
CA VAL C 275 -11.92 33.69 -40.37
C VAL C 275 -12.97 33.09 -39.45
N ARG C 276 -13.66 32.07 -39.94
CA ARG C 276 -14.71 31.40 -39.18
C ARG C 276 -14.54 29.89 -39.28
N VAL C 277 -14.74 29.20 -38.15
CA VAL C 277 -14.67 27.75 -38.09
C VAL C 277 -15.88 27.23 -37.33
N SER C 278 -16.20 25.97 -37.56
CA SER C 278 -17.31 25.30 -36.89
C SER C 278 -16.77 24.11 -36.10
N CYS C 279 -17.09 24.05 -34.81
CA CYS C 279 -16.49 23.06 -33.94
C CYS C 279 -17.55 22.16 -33.31
N LYS C 280 -17.08 20.99 -32.86
CA LYS C 280 -17.92 19.92 -32.34
C LYS C 280 -17.46 19.54 -30.94
N LEU C 281 -18.41 19.27 -30.05
CA LEU C 281 -18.11 18.93 -28.66
C LEU C 281 -18.43 17.46 -28.42
N PRO C 282 -17.45 16.56 -28.39
CA PRO C 282 -17.70 15.14 -28.11
C PRO C 282 -17.69 14.80 -26.62
N SER C 283 -18.40 15.59 -25.83
CA SER C 283 -18.51 15.36 -24.39
C SER C 283 -19.93 15.65 -23.91
N VAL C 284 -20.91 15.45 -24.78
CA VAL C 284 -22.30 15.78 -24.44
C VAL C 284 -23.24 14.58 -24.54
N GLN C 285 -22.93 13.55 -25.33
CA GLN C 285 -23.86 12.44 -25.49
C GLN C 285 -23.90 11.51 -24.28
N LEU C 286 -22.92 11.60 -23.39
CA LEU C 286 -22.88 10.78 -22.19
C LEU C 286 -23.35 11.53 -20.96
N GLN C 287 -23.00 12.80 -20.82
CA GLN C 287 -23.45 13.60 -19.68
C GLN C 287 -24.96 13.78 -19.69
N ARG C 288 -25.60 13.67 -20.85
CA ARG C 288 -27.05 13.76 -20.91
C ARG C 288 -27.71 12.58 -20.21
N ILE C 289 -27.17 11.37 -20.41
CA ILE C 289 -27.77 10.18 -19.82
C ILE C 289 -27.57 10.16 -18.31
N ILE C 290 -26.38 10.55 -17.85
CA ILE C 290 -26.11 10.55 -16.41
C ILE C 290 -27.02 11.53 -15.68
N ALA C 291 -27.28 12.68 -16.29
CA ALA C 291 -28.16 13.67 -15.68
C ALA C 291 -29.62 13.22 -15.67
N GLY C 292 -29.96 12.15 -16.40
CA GLY C 292 -31.32 11.65 -16.39
C GLY C 292 -31.54 10.56 -15.35
N VAL C 293 -30.56 9.66 -15.21
CA VAL C 293 -30.65 8.60 -14.21
C VAL C 293 -30.64 9.19 -12.81
N ASP C 294 -29.78 10.19 -12.58
CA ASP C 294 -29.65 10.77 -11.25
C ASP C 294 -30.95 11.43 -10.77
N ILE C 295 -31.77 11.90 -11.71
CA ILE C 295 -33.05 12.51 -11.33
C ILE C 295 -33.99 11.45 -10.76
N VAL C 296 -34.10 10.31 -11.44
CA VAL C 296 -35.02 9.26 -10.99
C VAL C 296 -34.55 8.68 -9.66
N LEU C 297 -33.26 8.39 -9.54
CA LEU C 297 -32.76 7.77 -8.32
C LEU C 297 -32.94 8.67 -7.11
N LEU C 298 -32.71 9.98 -7.28
CA LEU C 298 -32.84 10.91 -6.16
C LEU C 298 -34.31 11.17 -5.83
N CYS C 299 -35.20 11.06 -6.81
CA CYS C 299 -36.61 11.36 -6.56
C CYS C 299 -37.30 10.23 -5.80
N VAL C 300 -36.92 8.98 -6.08
CA VAL C 300 -37.53 7.85 -5.41
C VAL C 300 -37.20 7.87 -3.92
N MET C 301 -35.94 8.15 -3.57
CA MET C 301 -35.55 8.19 -2.16
C MET C 301 -36.26 9.31 -1.42
N ASN C 302 -36.67 10.37 -2.14
CA ASN C 302 -37.45 11.43 -1.49
C ASN C 302 -38.84 10.94 -1.11
N LEU C 303 -39.43 10.08 -1.94
CA LEU C 303 -40.78 9.58 -1.65
C LEU C 303 -40.76 8.54 -0.54
N ILE C 304 -39.76 7.66 -0.54
CA ILE C 304 -39.74 6.57 0.44
C ILE C 304 -39.56 7.10 1.85
N ILE C 305 -38.95 8.28 2.00
CA ILE C 305 -38.80 8.86 3.33
C ILE C 305 -40.15 9.32 3.88
N LEU C 306 -40.98 9.91 3.02
CA LEU C 306 -42.26 10.47 3.46
C LEU C 306 -43.19 9.38 3.99
N VAL C 307 -43.25 8.23 3.32
CA VAL C 307 -44.19 7.18 3.72
C VAL C 307 -43.78 6.57 5.05
N ASN C 308 -42.48 6.42 5.29
CA ASN C 308 -42.02 5.80 6.53
C ASN C 308 -42.25 6.73 7.73
N LEU C 309 -42.10 8.04 7.52
CA LEU C 309 -42.25 8.98 8.63
C LEU C 309 -43.68 8.98 9.16
N ILE C 310 -44.68 8.95 8.27
CA ILE C 310 -46.06 8.96 8.71
C ILE C 310 -46.41 7.66 9.44
N HIS C 311 -45.98 6.52 8.89
CA HIS C 311 -46.32 5.23 9.50
C HIS C 311 -45.74 5.09 10.89
N LEU C 312 -44.48 5.49 11.08
CA LEU C 312 -43.81 5.26 12.36
C LEU C 312 -44.46 6.06 13.48
N PHE C 313 -44.80 7.32 13.24
CA PHE C 313 -45.24 8.22 14.29
C PHE C 313 -46.75 8.32 14.43
N ILE C 314 -47.54 7.70 13.56
CA ILE C 314 -48.99 7.83 13.63
C ILE C 314 -49.66 6.47 13.71
N PHE C 315 -49.46 5.63 12.70
CA PHE C 315 -50.23 4.38 12.61
C PHE C 315 -49.73 3.32 13.56
N ARG C 316 -48.43 3.24 13.82
CA ARG C 316 -47.89 2.16 14.63
C ARG C 316 -48.23 2.39 16.10
N LYS C 317 -48.97 1.45 16.68
CA LYS C 317 -49.39 1.54 18.08
C LYS C 317 -48.83 0.38 18.89
N SER C 318 -47.55 0.06 18.70
CA SER C 318 -46.91 -1.03 19.42
C SER C 318 -45.52 -0.61 19.86
N ASN C 319 -45.16 -0.98 21.09
CA ASN C 319 -43.84 -0.70 21.64
C ASN C 319 -43.17 -2.01 22.01
N PHE C 320 -41.91 -2.17 21.59
CA PHE C 320 -41.19 -3.41 21.84
C PHE C 320 -40.93 -3.63 23.33
N ILE C 321 -40.59 -2.55 24.05
CA ILE C 321 -40.25 -2.69 25.46
C ILE C 321 -41.47 -3.12 26.28
N PHE C 322 -42.65 -2.63 25.91
CA PHE C 322 -43.85 -2.95 26.67
C PHE C 322 -44.27 -4.41 26.49
N ASP C 323 -44.01 -4.97 25.30
CA ASP C 323 -44.45 -6.34 25.03
C ASP C 323 -43.61 -7.37 25.77
N LYS C 324 -42.32 -7.09 25.98
CA LYS C 324 -41.40 -8.05 26.58
C LYS C 324 -41.20 -7.83 28.07
N LEU C 325 -41.98 -6.95 28.70
CA LEU C 325 -41.88 -6.68 30.13
C LEU C 325 -43.03 -7.27 30.93
N HIS C 326 -44.26 -7.22 30.40
CA HIS C 326 -45.45 -7.75 31.04
C HIS C 326 -45.72 -7.11 32.40
N LYS C 327 -45.20 -5.90 32.62
CA LYS C 327 -45.41 -5.19 33.89
C LYS C 327 -45.39 -3.70 33.57
N VAL C 328 -46.58 -3.14 33.37
CA VAL C 328 -46.75 -1.71 33.08
C VAL C 328 -47.86 -1.16 33.97
N GLY C 329 -47.60 0.01 34.56
CA GLY C 329 -48.58 0.61 35.43
C GLY C 329 -49.76 1.18 34.66
N ILE C 330 -50.87 1.33 35.37
CA ILE C 330 -52.08 1.89 34.77
C ILE C 330 -51.85 3.37 34.42
N LYS C 331 -51.06 4.08 35.23
CA LYS C 331 -50.85 5.50 34.98
C LYS C 331 -50.16 5.74 33.64
N THR C 332 -49.16 4.92 33.32
CA THR C 332 -48.43 5.08 32.06
C THR C 332 -49.22 4.59 30.84
N ARG C 333 -50.34 3.89 31.06
CA ARG C 333 -51.08 3.33 29.93
C ARG C 333 -51.70 4.43 29.06
N ARG C 334 -52.42 5.37 29.67
CA ARG C 334 -53.08 6.40 28.87
C ARG C 334 -52.11 7.43 28.33
N GLN C 335 -50.97 7.63 28.99
CA GLN C 335 -49.99 8.57 28.48
C GLN C 335 -49.36 8.08 27.18
N TRP C 336 -49.37 6.76 26.93
CA TRP C 336 -48.72 6.23 25.75
C TRP C 336 -49.46 6.60 24.48
N ARG C 337 -50.79 6.47 24.47
CA ARG C 337 -51.57 6.81 23.28
C ARG C 337 -52.06 8.25 23.27
N ARG C 338 -51.79 9.02 24.33
CA ARG C 338 -52.18 10.43 24.32
C ARG C 338 -51.30 11.23 23.37
N SER C 339 -49.99 10.98 23.38
CA SER C 339 -49.06 11.66 22.50
C SER C 339 -48.06 10.66 21.95
N GLN C 340 -47.52 10.97 20.77
CA GLN C 340 -46.55 10.10 20.11
C GLN C 340 -45.12 10.62 20.20
N PHE C 341 -44.94 11.88 20.57
CA PHE C 341 -43.59 12.45 20.74
C PHE C 341 -43.05 12.06 22.12
N CYS C 342 -42.79 10.76 22.26
CA CYS C 342 -42.32 10.19 23.51
C CYS C 342 -40.88 9.71 23.35
N ASP C 343 -40.07 9.94 24.38
CA ASP C 343 -38.68 9.50 24.34
C ASP C 343 -38.57 7.98 24.29
N ILE C 344 -39.51 7.27 24.92
CA ILE C 344 -39.45 5.81 24.93
C ILE C 344 -39.70 5.26 23.52
N ASN C 345 -40.44 5.98 22.68
CA ASN C 345 -40.76 5.49 21.35
C ASN C 345 -39.49 5.31 20.51
N ILE C 346 -38.59 6.30 20.54
CA ILE C 346 -37.34 6.17 19.80
C ILE C 346 -36.45 5.11 20.44
N LEU C 347 -36.46 5.01 21.77
CA LEU C 347 -35.63 4.02 22.45
C LEU C 347 -36.11 2.60 22.17
N ALA C 348 -37.41 2.43 21.87
CA ALA C 348 -37.94 1.09 21.61
C ALA C 348 -37.30 0.49 20.36
N MET C 349 -37.13 1.29 19.31
CA MET C 349 -36.56 0.76 18.07
C MET C 349 -35.12 0.29 18.27
N PHE C 350 -34.33 1.05 19.02
CA PHE C 350 -32.92 0.69 19.20
C PHE C 350 -32.76 -0.59 19.99
N CYS C 351 -33.63 -0.82 20.98
CA CYS C 351 -33.57 -2.06 21.74
C CYS C 351 -33.90 -3.27 20.88
N ASN C 352 -34.85 -3.12 19.94
CA ASN C 352 -35.22 -4.23 19.08
C ASN C 352 -34.05 -4.67 18.20
N GLU C 353 -33.30 -3.71 17.66
CA GLU C 353 -32.18 -4.04 16.80
C GLU C 353 -30.98 -4.56 17.57
N ASN C 354 -30.98 -4.47 18.90
CA ASN C 354 -29.89 -4.98 19.74
C ASN C 354 -30.39 -6.08 20.67
N ARG C 355 -31.37 -6.85 20.22
CA ARG C 355 -31.93 -7.93 21.05
C ARG C 355 -30.94 -9.07 21.28
N ASP C 356 -29.83 -9.10 20.54
CA ASP C 356 -28.83 -10.14 20.75
C ASP C 356 -28.17 -9.99 22.13
N HIS C 357 -27.89 -8.76 22.55
CA HIS C 357 -27.13 -8.52 23.76
C HIS C 357 -27.87 -8.90 25.04
N ILE C 358 -29.17 -9.13 24.98
CA ILE C 358 -29.95 -9.58 26.13
C ILE C 358 -30.21 -11.08 25.98
N LYS C 359 -29.78 -11.84 26.97
CA LYS C 359 -29.84 -13.30 26.91
C LYS C 359 -31.11 -13.89 27.52
N SER C 360 -31.98 -13.05 28.09
CA SER C 360 -33.22 -13.51 28.71
C SER C 360 -34.43 -13.31 27.83
N LEU C 361 -34.24 -12.93 26.56
CA LEU C 361 -35.37 -12.64 25.69
C LEU C 361 -36.20 -13.89 25.40
N ASN C 362 -35.54 -14.98 25.00
CA ASN C 362 -36.28 -16.19 24.62
C ASN C 362 -36.94 -16.84 25.84
N ARG C 363 -36.23 -16.87 26.97
CA ARG C 363 -36.79 -17.49 28.17
C ARG C 363 -38.01 -16.72 28.67
N LEU C 364 -37.93 -15.38 28.66
CA LEU C 364 -39.05 -14.57 29.13
C LEU C 364 -40.23 -14.62 28.17
N ASP C 365 -39.95 -14.68 26.86
CA ASP C 365 -41.02 -14.69 25.87
C ASP C 365 -41.87 -15.94 25.99
N PHE C 366 -41.22 -17.10 26.21
CA PHE C 366 -41.96 -18.35 26.32
C PHE C 366 -42.78 -18.45 27.60
N ILE C 367 -42.49 -17.59 28.59
CA ILE C 367 -43.24 -17.64 29.85
C ILE C 367 -44.70 -17.29 29.62
N THR C 368 -44.97 -16.26 28.81
CA THR C 368 -46.33 -15.85 28.52
C THR C 368 -47.02 -16.81 27.56
N GLY D 35 -13.10 -19.96 28.99
CA GLY D 35 -13.79 -19.84 27.72
C GLY D 35 -13.01 -19.09 26.67
N ALA D 36 -11.67 -19.12 26.80
CA ALA D 36 -10.82 -18.45 25.84
C ALA D 36 -10.94 -19.08 24.45
N LEU D 37 -10.99 -20.41 24.39
CA LEU D 37 -11.12 -21.09 23.10
C LEU D 37 -12.44 -20.74 22.42
N ALA D 38 -13.54 -20.72 23.19
CA ALA D 38 -14.82 -20.34 22.62
C ALA D 38 -14.83 -18.88 22.17
N ALA D 39 -14.23 -18.00 22.96
CA ALA D 39 -14.19 -16.58 22.60
C ALA D 39 -13.38 -16.35 21.33
N LEU D 40 -12.26 -17.06 21.19
CA LEU D 40 -11.43 -16.88 20.01
C LEU D 40 -12.12 -17.35 18.74
N LEU D 41 -12.96 -18.38 18.84
CA LEU D 41 -13.71 -18.91 17.71
C LEU D 41 -15.19 -18.61 17.82
N LEU D 42 -15.52 -17.40 18.30
CA LEU D 42 -16.90 -17.00 18.52
C LEU D 42 -17.62 -16.61 17.24
N GLN D 43 -16.92 -16.55 16.11
CA GLN D 43 -17.56 -16.21 14.85
C GLN D 43 -18.44 -17.36 14.39
N LEU D 44 -19.70 -17.06 14.08
CA LEU D 44 -20.66 -18.04 13.64
C LEU D 44 -20.97 -17.84 12.16
N LYS D 45 -20.89 -18.92 11.38
CA LYS D 45 -21.24 -18.84 9.97
C LYS D 45 -22.70 -18.49 9.82
N LEU D 46 -22.99 -17.54 8.93
CA LEU D 46 -24.34 -17.01 8.74
C LEU D 46 -24.70 -17.00 7.26
N GLU D 47 -23.94 -17.74 6.45
CA GLU D 47 -24.11 -17.72 4.99
C GLU D 47 -23.98 -19.14 4.47
N LEU D 48 -25.04 -19.65 3.87
CA LEU D 48 -25.01 -21.00 3.32
C LEU D 48 -24.08 -21.07 2.12
N PRO D 49 -23.45 -22.23 1.89
CA PRO D 49 -22.56 -22.37 0.73
C PRO D 49 -23.25 -22.14 -0.60
N PHE D 50 -24.54 -22.49 -0.71
CA PHE D 50 -25.25 -22.31 -1.97
C PHE D 50 -25.33 -20.85 -2.36
N ASP D 51 -25.56 -19.96 -1.37
CA ASP D 51 -25.58 -18.53 -1.66
C ASP D 51 -24.22 -18.06 -2.16
N ARG D 52 -23.13 -18.56 -1.55
CA ARG D 52 -21.80 -18.20 -2.02
C ARG D 52 -21.56 -18.66 -3.45
N VAL D 53 -21.99 -19.89 -3.77
CA VAL D 53 -21.82 -20.39 -5.13
C VAL D 53 -22.59 -19.54 -6.13
N VAL D 54 -23.83 -19.19 -5.78
CA VAL D 54 -24.64 -18.35 -6.68
C VAL D 54 -23.99 -16.99 -6.88
N THR D 55 -23.50 -16.39 -5.80
CA THR D 55 -22.85 -15.08 -5.91
C THR D 55 -21.61 -15.16 -6.80
N ILE D 56 -20.76 -16.17 -6.59
CA ILE D 56 -19.55 -16.30 -7.40
C ILE D 56 -19.91 -16.52 -8.87
N GLY D 57 -20.91 -17.37 -9.12
CA GLY D 57 -21.28 -17.64 -10.49
C GLY D 57 -22.02 -16.53 -11.19
N THR D 58 -22.60 -15.59 -10.44
CA THR D 58 -23.43 -14.55 -11.05
C THR D 58 -22.74 -13.19 -11.12
N VAL D 59 -22.12 -12.72 -10.04
CA VAL D 59 -21.67 -11.34 -9.95
C VAL D 59 -20.19 -11.19 -10.26
N LEU D 60 -19.34 -12.04 -9.66
CA LEU D 60 -17.89 -11.80 -9.72
C LEU D 60 -17.34 -11.92 -11.14
N VAL D 61 -17.76 -12.95 -11.88
CA VAL D 61 -17.17 -13.19 -13.20
C VAL D 61 -17.42 -12.05 -14.18
N PRO D 62 -18.63 -11.50 -14.31
CA PRO D 62 -18.82 -10.38 -15.26
C PRO D 62 -17.93 -9.20 -14.99
N ILE D 63 -17.58 -8.92 -13.73
CA ILE D 63 -16.67 -7.81 -13.44
C ILE D 63 -15.29 -8.10 -14.05
N LEU D 64 -14.81 -9.34 -13.94
CA LEU D 64 -13.54 -9.70 -14.54
C LEU D 64 -13.59 -9.57 -16.06
N LEU D 65 -14.69 -10.02 -16.68
CA LEU D 65 -14.80 -9.87 -18.12
C LEU D 65 -14.83 -8.40 -18.54
N VAL D 66 -15.55 -7.56 -17.78
CA VAL D 66 -15.62 -6.14 -18.11
C VAL D 66 -14.25 -5.48 -17.98
N THR D 67 -13.49 -5.81 -16.94
CA THR D 67 -12.18 -5.20 -16.79
C THR D 67 -11.22 -5.70 -17.87
N LEU D 68 -11.35 -6.95 -18.29
CA LEU D 68 -10.55 -7.43 -19.42
C LEU D 68 -10.88 -6.68 -20.69
N VAL D 69 -12.17 -6.46 -20.96
CA VAL D 69 -12.58 -5.72 -22.15
C VAL D 69 -12.05 -4.30 -22.11
N PHE D 70 -12.13 -3.65 -20.93
CA PHE D 70 -11.61 -2.29 -20.80
C PHE D 70 -10.11 -2.23 -21.04
N THR D 71 -9.37 -3.19 -20.48
CA THR D 71 -7.92 -3.22 -20.69
C THR D 71 -7.58 -3.40 -22.16
N LYS D 72 -8.30 -4.29 -22.85
CA LYS D 72 -8.06 -4.45 -24.29
C LYS D 72 -8.43 -3.20 -25.06
N ASN D 73 -9.52 -2.53 -24.67
CA ASN D 73 -10.04 -1.41 -25.44
C ASN D 73 -9.18 -0.17 -25.28
N PHE D 74 -8.48 -0.02 -24.15
CA PHE D 74 -7.62 1.13 -23.92
C PHE D 74 -6.16 0.85 -24.28
N ALA D 75 -5.91 0.03 -25.30
CA ALA D 75 -4.56 -0.23 -25.78
C ALA D 75 -4.39 0.06 -27.26
N GLU D 76 -5.35 0.74 -27.89
CA GLU D 76 -5.28 1.04 -29.31
C GLU D 76 -6.10 2.30 -29.59
N GLU D 77 -5.91 2.84 -30.79
CA GLU D 77 -6.71 3.98 -31.23
C GLU D 77 -8.17 3.54 -31.46
N PRO D 78 -9.12 4.46 -31.32
CA PRO D 78 -10.53 4.03 -31.42
C PRO D 78 -10.97 3.70 -32.83
N ILE D 79 -10.59 4.49 -33.83
CA ILE D 79 -11.09 4.32 -35.19
C ILE D 79 -9.96 4.53 -36.19
N TYR D 80 -9.89 3.67 -37.19
CA TYR D 80 -8.94 3.78 -38.30
C TYR D 80 -9.72 3.98 -39.60
N CYS D 81 -9.37 5.00 -40.38
CA CYS D 81 -9.92 5.11 -41.73
C CYS D 81 -9.14 6.10 -42.57
N TYR D 82 -9.55 6.19 -43.83
CA TYR D 82 -8.81 6.74 -44.96
C TYR D 82 -8.98 8.26 -45.02
N THR D 83 -8.21 8.88 -45.92
CA THR D 83 -8.21 10.33 -46.07
C THR D 83 -7.71 10.67 -47.48
N PRO D 84 -8.38 11.59 -48.19
CA PRO D 84 -7.92 11.96 -49.54
C PRO D 84 -6.53 12.59 -49.52
N HIS D 85 -6.01 12.82 -50.73
CA HIS D 85 -4.64 13.30 -50.86
C HIS D 85 -4.51 14.78 -50.49
N ASN D 86 -5.52 15.59 -50.84
CA ASN D 86 -5.41 17.03 -50.65
C ASN D 86 -5.46 17.44 -49.17
N PHE D 87 -5.99 16.59 -48.31
CA PHE D 87 -6.15 16.94 -46.90
C PHE D 87 -4.80 17.11 -46.22
N THR D 88 -4.71 18.08 -45.32
CA THR D 88 -3.55 18.23 -44.44
C THR D 88 -3.74 17.37 -43.20
N ARG D 89 -2.86 17.53 -42.21
CA ARG D 89 -2.92 16.69 -41.02
C ARG D 89 -4.09 17.07 -40.12
N ASP D 90 -4.28 18.38 -39.87
CA ASP D 90 -5.32 18.81 -38.96
C ASP D 90 -6.71 18.48 -39.47
N GLN D 91 -6.94 18.65 -40.78
CA GLN D 91 -8.24 18.29 -41.35
C GLN D 91 -8.49 16.78 -41.24
N ALA D 92 -7.44 15.98 -41.39
CA ALA D 92 -7.59 14.54 -41.20
C ALA D 92 -7.96 14.21 -39.76
N LEU D 93 -7.33 14.88 -38.80
CA LEU D 93 -7.68 14.67 -37.40
C LEU D 93 -9.13 15.06 -37.13
N TYR D 94 -9.57 16.19 -37.70
CA TYR D 94 -10.97 16.59 -37.56
C TYR D 94 -11.91 15.57 -38.17
N ALA D 95 -11.54 15.03 -39.34
CA ALA D 95 -12.38 14.03 -39.98
C ALA D 95 -12.52 12.78 -39.10
N ARG D 96 -11.40 12.30 -38.56
CA ARG D 96 -11.45 11.14 -37.68
C ARG D 96 -12.34 11.41 -36.47
N GLY D 97 -12.14 12.55 -35.82
CA GLY D 97 -12.91 12.85 -34.62
C GLY D 97 -14.39 13.01 -34.90
N TYR D 98 -14.73 13.71 -35.98
CA TYR D 98 -16.14 13.91 -36.33
C TYR D 98 -16.82 12.60 -36.69
N CYS D 99 -16.15 11.74 -37.46
CA CYS D 99 -16.76 10.48 -37.85
C CYS D 99 -16.86 9.52 -36.67
N TRP D 100 -15.99 9.66 -35.68
CA TRP D 100 -16.14 8.85 -34.47
C TRP D 100 -17.27 9.38 -33.59
N THR D 101 -17.42 10.71 -33.50
CA THR D 101 -18.42 11.28 -32.62
C THR D 101 -19.84 11.08 -33.17
N GLU D 102 -20.03 11.34 -34.46
CA GLU D 102 -21.37 11.22 -35.03
C GLU D 102 -21.84 9.77 -35.03
N LEU D 103 -21.01 8.87 -35.55
CA LEU D 103 -21.30 7.43 -35.59
C LEU D 103 -22.63 7.17 -36.30
N ARG D 104 -22.72 7.65 -37.54
CA ARG D 104 -23.92 7.53 -38.35
C ARG D 104 -23.55 7.03 -39.73
N ASP D 105 -24.30 6.06 -40.23
CA ASP D 105 -24.07 5.50 -41.55
C ASP D 105 -24.67 6.40 -42.63
N ALA D 106 -24.41 6.03 -43.88
CA ALA D 106 -24.96 6.77 -45.02
C ALA D 106 -25.17 5.80 -46.17
N LEU D 107 -26.11 6.13 -47.04
CA LEU D 107 -26.44 5.32 -48.20
C LEU D 107 -26.75 6.23 -49.38
N PRO D 108 -26.51 5.76 -50.60
CA PRO D 108 -26.80 6.60 -51.79
C PRO D 108 -28.29 6.65 -52.08
N GLY D 109 -28.75 7.84 -52.42
CA GLY D 109 -30.14 8.05 -52.82
C GLY D 109 -31.14 8.06 -51.69
N VAL D 110 -30.69 8.07 -50.44
CA VAL D 110 -31.56 8.06 -49.27
C VAL D 110 -31.24 9.28 -48.42
N ASP D 111 -32.27 9.99 -47.98
CA ASP D 111 -32.08 11.15 -47.13
C ASP D 111 -31.59 10.73 -45.74
N ALA D 112 -31.18 11.72 -44.96
CA ALA D 112 -30.59 11.46 -43.65
C ALA D 112 -31.61 10.98 -42.63
N SER D 113 -32.90 11.02 -42.94
CA SER D 113 -33.93 10.62 -41.98
C SER D 113 -33.99 9.11 -41.76
N LEU D 114 -33.33 8.31 -42.61
CA LEU D 114 -33.41 6.86 -42.50
C LEU D 114 -32.03 6.22 -42.39
N TRP D 115 -31.02 6.96 -41.95
CA TRP D 115 -29.67 6.42 -41.86
C TRP D 115 -29.52 5.61 -40.57
N PRO D 116 -29.06 4.36 -40.65
CA PRO D 116 -28.91 3.55 -39.44
C PRO D 116 -27.82 4.06 -38.53
N SER D 117 -27.93 3.70 -37.25
CA SER D 117 -26.99 4.10 -36.22
C SER D 117 -26.32 2.88 -35.60
N LEU D 118 -25.22 3.12 -34.89
CA LEU D 118 -24.44 2.07 -34.25
C LEU D 118 -24.03 2.47 -32.84
N PHE D 119 -24.94 3.07 -32.09
CA PHE D 119 -24.59 3.67 -30.80
C PHE D 119 -24.22 2.61 -29.77
N GLU D 120 -24.89 1.45 -29.79
CA GLU D 120 -24.63 0.47 -28.75
C GLU D 120 -23.25 -0.18 -28.88
N HIS D 121 -22.67 -0.16 -30.08
CA HIS D 121 -21.29 -0.62 -30.22
C HIS D 121 -20.35 0.16 -29.33
N LYS D 122 -20.65 1.44 -29.08
CA LYS D 122 -19.88 2.27 -28.18
C LYS D 122 -20.41 2.23 -26.76
N PHE D 123 -21.72 1.99 -26.59
CA PHE D 123 -22.36 2.06 -25.29
C PHE D 123 -22.36 0.73 -24.52
N LEU D 124 -21.85 -0.35 -25.11
CA LEU D 124 -22.03 -1.68 -24.52
C LEU D 124 -21.48 -1.85 -23.10
N PRO D 125 -20.21 -1.54 -22.80
CA PRO D 125 -19.65 -1.98 -21.50
C PRO D 125 -20.36 -1.43 -20.27
N TYR D 126 -20.88 -0.20 -20.34
CA TYR D 126 -21.56 0.37 -19.18
C TYR D 126 -22.82 -0.40 -18.82
N ALA D 127 -23.46 -1.02 -19.81
CA ALA D 127 -24.63 -1.86 -19.52
C ALA D 127 -24.25 -3.03 -18.63
N LEU D 128 -23.14 -3.71 -18.94
CA LEU D 128 -22.67 -4.79 -18.09
C LEU D 128 -22.26 -4.27 -16.72
N LEU D 129 -21.61 -3.09 -16.69
CA LEU D 129 -21.20 -2.52 -15.41
C LEU D 129 -22.40 -2.27 -14.50
N ALA D 130 -23.51 -1.81 -15.07
CA ALA D 130 -24.72 -1.60 -14.27
C ALA D 130 -25.39 -2.94 -13.92
N PHE D 131 -25.34 -3.91 -14.84
CA PHE D 131 -25.96 -5.20 -14.60
C PHE D 131 -25.31 -5.90 -13.42
N ALA D 132 -24.00 -5.75 -13.26
CA ALA D 132 -23.33 -6.35 -12.11
C ALA D 132 -23.96 -5.90 -10.79
N ALA D 133 -24.11 -4.58 -10.62
CA ALA D 133 -24.67 -4.07 -9.38
C ALA D 133 -26.14 -4.44 -9.21
N ILE D 134 -26.92 -4.35 -10.30
CA ILE D 134 -28.34 -4.66 -10.15
C ILE D 134 -28.55 -6.14 -9.84
N MET D 135 -27.60 -6.99 -10.25
CA MET D 135 -27.66 -8.39 -9.83
C MET D 135 -27.18 -8.57 -8.39
N TYR D 136 -26.22 -7.76 -7.95
CA TYR D 136 -25.68 -7.90 -6.61
C TYR D 136 -26.61 -7.39 -5.51
N VAL D 137 -27.59 -6.53 -5.86
CA VAL D 137 -28.44 -5.92 -4.84
C VAL D 137 -29.06 -6.91 -3.85
N PRO D 138 -29.72 -8.01 -4.28
CA PRO D 138 -30.42 -8.85 -3.30
C PRO D 138 -29.53 -9.47 -2.23
N ALA D 139 -28.28 -9.82 -2.57
CA ALA D 139 -27.39 -10.40 -1.57
C ALA D 139 -27.12 -9.43 -0.43
N LEU D 140 -26.92 -8.16 -0.77
CA LEU D 140 -26.78 -7.14 0.28
C LEU D 140 -28.10 -6.90 0.99
N GLY D 141 -29.22 -7.01 0.27
CA GLY D 141 -30.51 -6.76 0.89
C GLY D 141 -30.87 -7.78 1.96
N TRP D 142 -30.50 -9.04 1.76
CA TRP D 142 -30.89 -10.09 2.69
C TRP D 142 -30.28 -9.89 4.08
N GLU D 143 -29.04 -9.39 4.14
CA GLU D 143 -28.35 -9.29 5.43
C GLU D 143 -29.05 -8.31 6.36
N PHE D 144 -29.51 -7.17 5.83
CA PHE D 144 -30.14 -6.16 6.67
C PHE D 144 -31.37 -6.70 7.39
N LEU D 145 -31.96 -7.77 6.91
CA LEU D 145 -33.11 -8.39 7.56
C LEU D 145 -32.76 -9.65 8.34
N ALA D 146 -31.69 -10.36 7.97
CA ALA D 146 -31.36 -11.61 8.61
C ALA D 146 -30.12 -11.53 9.51
N SER D 147 -29.65 -10.32 9.83
CA SER D 147 -28.42 -10.21 10.62
C SER D 147 -28.58 -10.74 12.04
N THR D 148 -29.62 -10.30 12.75
CA THR D 148 -29.65 -10.41 14.22
C THR D 148 -30.57 -11.52 14.73
N ARG D 149 -31.79 -11.61 14.20
CA ARG D 149 -32.77 -12.55 14.74
C ARG D 149 -32.29 -13.98 14.60
N LEU D 150 -31.77 -14.34 13.42
CA LEU D 150 -31.29 -15.70 13.21
C LEU D 150 -30.10 -16.01 14.10
N THR D 151 -29.20 -15.04 14.30
CA THR D 151 -28.06 -15.26 15.19
C THR D 151 -28.52 -15.51 16.62
N SER D 152 -29.47 -14.71 17.10
CA SER D 152 -29.96 -14.90 18.47
C SER D 152 -30.63 -16.26 18.63
N GLU D 153 -31.48 -16.63 17.66
CA GLU D 153 -32.16 -17.91 17.75
C GLU D 153 -31.18 -19.07 17.71
N LEU D 154 -30.17 -19.00 16.83
CA LEU D 154 -29.17 -20.05 16.75
C LEU D 154 -28.37 -20.15 18.04
N ASN D 155 -28.01 -19.01 18.63
CA ASN D 155 -27.29 -19.03 19.90
C ASN D 155 -28.11 -19.69 20.98
N PHE D 156 -29.40 -19.34 21.07
CA PHE D 156 -30.25 -19.96 22.08
C PHE D 156 -30.38 -21.46 21.87
N LEU D 157 -30.56 -21.89 20.61
CA LEU D 157 -30.69 -23.31 20.34
C LEU D 157 -29.41 -24.07 20.70
N LEU D 158 -28.25 -23.52 20.32
CA LEU D 158 -26.99 -24.17 20.64
C LEU D 158 -26.76 -24.25 22.14
N GLN D 159 -27.17 -23.20 22.88
CA GLN D 159 -27.10 -23.28 24.33
C GLN D 159 -28.03 -24.37 24.86
N GLU D 160 -29.22 -24.50 24.26
CA GLU D 160 -30.20 -25.48 24.73
C GLU D 160 -29.76 -26.91 24.47
N ILE D 161 -28.96 -27.15 23.42
CA ILE D 161 -28.53 -28.50 23.10
C ILE D 161 -27.78 -29.13 24.28
N ASP D 162 -27.09 -28.32 25.07
CA ASP D 162 -26.38 -28.84 26.23
C ASP D 162 -27.34 -29.45 27.24
N ASN D 163 -28.49 -28.80 27.46
CA ASN D 163 -29.43 -29.28 28.47
C ASN D 163 -30.01 -30.64 28.11
N CYS D 164 -30.30 -30.87 26.83
CA CYS D 164 -30.90 -32.12 26.41
C CYS D 164 -29.95 -33.31 26.46
N TYR D 165 -28.65 -33.06 26.69
CA TYR D 165 -27.69 -34.17 26.77
C TYR D 165 -28.01 -35.09 27.94
N HIS D 166 -28.35 -34.52 29.09
CA HIS D 166 -28.64 -35.31 30.28
C HIS D 166 -30.00 -36.02 30.14
N ASN D 208 -40.21 -29.12 30.88
CA ASN D 208 -40.60 -29.24 29.49
C ASN D 208 -40.50 -27.90 28.76
N LEU D 209 -39.47 -27.12 29.11
CA LEU D 209 -39.28 -25.83 28.48
C LEU D 209 -39.00 -25.97 26.98
N PHE D 210 -38.16 -26.93 26.61
CA PHE D 210 -37.84 -27.12 25.20
C PHE D 210 -38.98 -27.78 24.44
N GLU D 211 -39.69 -28.72 25.07
CA GLU D 211 -40.77 -29.41 24.39
C GLU D 211 -41.88 -28.45 23.98
N LYS D 212 -42.25 -27.52 24.88
CA LYS D 212 -43.27 -26.53 24.54
C LYS D 212 -42.77 -25.51 23.53
N TYR D 213 -41.46 -25.32 23.43
CA TYR D 213 -40.92 -24.33 22.51
C TYR D 213 -41.17 -24.73 21.06
N LEU D 214 -41.04 -26.02 20.74
CA LEU D 214 -41.22 -26.48 19.37
C LEU D 214 -42.64 -26.24 18.88
N GLU D 215 -43.62 -26.33 19.79
CA GLU D 215 -45.01 -26.11 19.40
C GLU D 215 -45.22 -24.68 18.91
N ARG D 216 -44.69 -23.70 19.64
CA ARG D 216 -44.84 -22.31 19.23
C ARG D 216 -43.95 -21.97 18.04
N ARG D 217 -42.71 -22.44 18.06
CA ARG D 217 -41.76 -22.10 16.99
C ARG D 217 -42.12 -22.78 15.68
N GLY D 218 -42.71 -23.97 15.73
CA GLY D 218 -43.00 -24.73 14.52
C GLY D 218 -44.17 -24.21 13.73
N ARG D 219 -44.95 -23.27 14.27
CA ARG D 219 -46.09 -22.70 13.56
C ARG D 219 -45.81 -21.31 13.01
N SER D 220 -44.57 -20.83 13.11
CA SER D 220 -44.17 -19.55 12.55
C SER D 220 -43.55 -19.79 11.18
N ASN D 221 -43.89 -18.92 10.22
CA ASN D 221 -43.42 -19.07 8.85
C ASN D 221 -42.79 -17.80 8.32
N PHE D 222 -42.21 -16.98 9.22
CA PHE D 222 -41.60 -15.74 8.78
C PHE D 222 -40.31 -15.99 8.00
N LEU D 223 -39.44 -16.87 8.52
CA LEU D 223 -38.19 -17.17 7.82
C LEU D 223 -38.44 -17.82 6.47
N ALA D 224 -39.42 -18.73 6.40
CA ALA D 224 -39.74 -19.36 5.13
C ALA D 224 -40.28 -18.34 4.12
N LYS D 225 -41.10 -17.39 4.59
CA LYS D 225 -41.63 -16.37 3.71
C LYS D 225 -40.57 -15.38 3.24
N LEU D 226 -39.39 -15.38 3.85
CA LEU D 226 -38.30 -14.50 3.45
C LEU D 226 -37.24 -15.21 2.61
N TYR D 227 -36.88 -16.44 2.97
CA TYR D 227 -35.90 -17.19 2.18
C TYR D 227 -36.42 -17.48 0.78
N LEU D 228 -37.71 -17.80 0.67
CA LEU D 228 -38.29 -18.03 -0.65
C LEU D 228 -38.31 -16.76 -1.48
N ALA D 229 -38.58 -15.61 -0.85
CA ALA D 229 -38.66 -14.36 -1.57
C ALA D 229 -37.31 -13.95 -2.17
N ARG D 230 -36.21 -14.25 -1.48
CA ARG D 230 -34.89 -13.88 -1.99
C ARG D 230 -34.56 -14.60 -3.29
N HIS D 231 -34.89 -15.90 -3.37
CA HIS D 231 -34.50 -16.68 -4.55
C HIS D 231 -35.36 -16.34 -5.75
N VAL D 232 -36.67 -16.16 -5.56
CA VAL D 232 -37.55 -15.90 -6.69
C VAL D 232 -37.25 -14.54 -7.31
N LEU D 233 -36.85 -13.55 -6.51
CA LEU D 233 -36.54 -12.23 -7.03
C LEU D 233 -35.33 -12.27 -7.96
N ILE D 234 -34.39 -13.18 -7.72
CA ILE D 234 -33.25 -13.35 -8.62
C ILE D 234 -33.73 -13.79 -9.99
N LEU D 235 -34.67 -14.74 -10.03
CA LEU D 235 -35.19 -15.22 -11.31
C LEU D 235 -35.90 -14.11 -12.08
N LEU D 236 -36.69 -13.29 -11.39
CA LEU D 236 -37.42 -12.22 -12.06
C LEU D 236 -36.47 -11.17 -12.61
N LEU D 237 -35.44 -10.81 -11.85
CA LEU D 237 -34.48 -9.80 -12.30
C LEU D 237 -33.57 -10.31 -13.41
N SER D 238 -33.59 -11.61 -13.72
CA SER D 238 -32.73 -12.15 -14.76
C SER D 238 -33.30 -12.01 -16.15
N ALA D 239 -34.53 -11.49 -16.29
CA ALA D 239 -35.12 -11.33 -17.61
C ALA D 239 -34.58 -10.11 -18.35
N VAL D 240 -34.02 -9.13 -17.64
CA VAL D 240 -33.51 -7.92 -18.26
C VAL D 240 -32.18 -8.18 -18.98
N PRO D 241 -31.12 -8.66 -18.31
CA PRO D 241 -29.84 -8.80 -19.01
C PRO D 241 -29.87 -9.80 -20.16
N ILE D 242 -30.64 -10.89 -20.03
CA ILE D 242 -30.67 -11.88 -21.10
C ILE D 242 -31.40 -11.35 -22.32
N SER D 243 -32.48 -10.58 -22.10
CA SER D 243 -33.26 -10.07 -23.23
C SER D 243 -32.44 -9.10 -24.07
N TYR D 244 -31.67 -8.23 -23.42
CA TYR D 244 -30.91 -7.23 -24.18
C TYR D 244 -29.72 -7.85 -24.89
N LEU D 245 -29.04 -8.80 -24.25
CA LEU D 245 -27.89 -9.44 -24.88
C LEU D 245 -28.32 -10.34 -26.03
N CYS D 246 -29.48 -10.98 -25.90
CA CYS D 246 -29.96 -11.87 -26.97
C CYS D 246 -30.29 -11.09 -28.23
N THR D 247 -30.83 -9.88 -28.08
CA THR D 247 -31.19 -9.06 -29.23
C THR D 247 -30.01 -8.26 -29.77
N TYR D 248 -28.83 -8.39 -29.17
CA TYR D 248 -27.63 -7.74 -29.67
C TYR D 248 -26.68 -8.70 -30.37
N TYR D 249 -26.68 -9.97 -29.97
CA TYR D 249 -25.76 -10.94 -30.56
C TYR D 249 -26.12 -11.28 -31.99
N ALA D 250 -27.40 -11.26 -32.34
CA ALA D 250 -27.85 -11.71 -33.66
C ALA D 250 -28.61 -10.62 -34.40
N THR D 251 -28.28 -9.35 -34.15
CA THR D 251 -28.91 -8.24 -34.84
C THR D 251 -27.92 -7.39 -35.61
N GLN D 252 -26.81 -7.00 -34.99
CA GLN D 252 -25.83 -6.11 -35.61
C GLN D 252 -24.55 -6.88 -35.89
N LYS D 253 -24.19 -6.97 -37.18
CA LYS D 253 -22.93 -7.56 -37.59
C LYS D 253 -22.10 -6.63 -38.47
N GLN D 254 -22.52 -5.38 -38.63
CA GLN D 254 -21.81 -4.46 -39.51
C GLN D 254 -20.47 -4.06 -38.92
N ASN D 255 -19.50 -3.81 -39.81
CA ASN D 255 -18.17 -3.37 -39.41
C ASN D 255 -17.65 -2.17 -40.19
N GLU D 256 -18.18 -1.90 -41.38
CA GLU D 256 -17.73 -0.77 -42.20
C GLU D 256 -18.93 0.08 -42.57
N PHE D 257 -18.68 1.38 -42.72
CA PHE D 257 -19.71 2.31 -43.13
C PHE D 257 -19.05 3.49 -43.85
N THR D 258 -19.87 4.27 -44.54
CA THR D 258 -19.40 5.40 -45.34
C THR D 258 -19.78 6.70 -44.64
N CYS D 259 -18.90 7.14 -43.74
CA CYS D 259 -19.11 8.42 -43.06
C CYS D 259 -19.08 9.56 -44.06
N ALA D 260 -20.02 10.50 -43.93
CA ALA D 260 -20.16 11.63 -44.85
C ALA D 260 -20.19 12.91 -44.04
N LEU D 261 -19.03 13.55 -43.89
CA LEU D 261 -18.93 14.83 -43.21
C LEU D 261 -19.27 15.95 -44.19
N GLY D 262 -20.18 16.84 -43.78
CA GLY D 262 -20.61 17.91 -44.65
C GLY D 262 -20.08 19.28 -44.27
N ALA D 263 -19.06 19.74 -45.01
CA ALA D 263 -18.52 21.09 -44.87
C ALA D 263 -17.54 21.39 -45.99
N SER D 264 -17.64 22.56 -46.60
CA SER D 264 -16.68 23.01 -47.61
C SER D 264 -16.30 24.47 -47.37
N PRO D 265 -15.63 24.77 -46.23
CA PRO D 265 -15.08 26.13 -46.04
C PRO D 265 -13.66 26.25 -46.56
N ASP D 266 -13.54 26.37 -47.89
CA ASP D 266 -12.24 26.46 -48.54
C ASP D 266 -11.48 27.72 -48.12
N PRO D 273 -21.38 19.04 -52.21
CA PRO D 273 -20.03 18.67 -52.67
C PRO D 273 -19.14 18.17 -51.53
N ALA D 274 -19.76 17.68 -50.46
CA ALA D 274 -19.02 17.19 -49.31
C ALA D 274 -18.27 15.90 -49.67
N VAL D 275 -17.09 15.73 -49.07
CA VAL D 275 -16.30 14.54 -49.31
C VAL D 275 -16.89 13.36 -48.54
N ARG D 276 -16.45 12.15 -48.91
CA ARG D 276 -16.92 10.92 -48.30
C ARG D 276 -15.75 10.03 -47.98
N VAL D 277 -15.79 9.40 -46.80
CA VAL D 277 -14.77 8.46 -46.35
C VAL D 277 -15.46 7.20 -45.83
N SER D 278 -14.71 6.10 -45.82
CA SER D 278 -15.19 4.83 -45.32
C SER D 278 -14.33 4.42 -44.13
N CYS D 279 -14.96 4.12 -43.00
CA CYS D 279 -14.22 3.89 -41.77
C CYS D 279 -14.50 2.50 -41.20
N LYS D 280 -13.60 2.09 -40.31
CA LYS D 280 -13.57 0.73 -39.75
C LYS D 280 -13.51 0.81 -38.24
N LEU D 281 -14.20 -0.14 -37.58
CA LEU D 281 -14.26 -0.18 -36.12
C LEU D 281 -13.54 -1.42 -35.60
N PRO D 282 -12.30 -1.29 -35.11
CA PRO D 282 -11.57 -2.44 -34.56
C PRO D 282 -11.87 -2.69 -33.08
N SER D 283 -13.15 -2.66 -32.72
CA SER D 283 -13.57 -2.89 -31.34
C SER D 283 -14.84 -3.73 -31.30
N VAL D 284 -15.01 -4.62 -32.28
CA VAL D 284 -16.22 -5.42 -32.38
C VAL D 284 -15.98 -6.92 -32.39
N GLN D 285 -14.80 -7.40 -32.82
CA GLN D 285 -14.58 -8.83 -32.91
C GLN D 285 -14.39 -9.49 -31.55
N LEU D 286 -14.14 -8.71 -30.50
CA LEU D 286 -13.98 -9.26 -29.15
C LEU D 286 -15.24 -9.11 -28.31
N GLN D 287 -15.94 -7.97 -28.43
CA GLN D 287 -17.18 -7.79 -27.69
C GLN D 287 -18.26 -8.76 -28.13
N ARG D 288 -18.17 -9.29 -29.36
CA ARG D 288 -19.12 -10.29 -29.81
C ARG D 288 -18.98 -11.59 -29.02
N ILE D 289 -17.74 -12.01 -28.75
CA ILE D 289 -17.50 -13.26 -28.05
C ILE D 289 -17.91 -13.14 -26.58
N ILE D 290 -17.60 -12.02 -25.95
CA ILE D 290 -17.93 -11.83 -24.53
C ILE D 290 -19.44 -11.86 -24.32
N ALA D 291 -20.19 -11.27 -25.26
CA ALA D 291 -21.65 -11.28 -25.15
C ALA D 291 -22.24 -12.67 -25.37
N GLY D 292 -21.45 -13.64 -25.87
CA GLY D 292 -21.93 -14.98 -26.06
C GLY D 292 -21.71 -15.87 -24.85
N VAL D 293 -20.55 -15.71 -24.20
CA VAL D 293 -20.26 -16.47 -23.00
C VAL D 293 -21.18 -16.06 -21.87
N ASP D 294 -21.45 -14.76 -21.75
CA ASP D 294 -22.29 -14.27 -20.66
C ASP D 294 -23.71 -14.83 -20.74
N ILE D 295 -24.20 -15.13 -21.95
CA ILE D 295 -25.54 -15.68 -22.09
C ILE D 295 -25.60 -17.09 -21.50
N VAL D 296 -24.61 -17.93 -21.83
CA VAL D 296 -24.63 -19.31 -21.36
C VAL D 296 -24.41 -19.37 -19.85
N LEU D 297 -23.44 -18.61 -19.34
CA LEU D 297 -23.13 -18.66 -17.92
C LEU D 297 -24.30 -18.20 -17.07
N LEU D 298 -24.99 -17.14 -17.51
CA LEU D 298 -26.10 -16.61 -16.73
C LEU D 298 -27.33 -17.51 -16.82
N CYS D 299 -27.49 -18.25 -17.92
CA CYS D 299 -28.65 -19.10 -18.07
C CYS D 299 -28.53 -20.37 -17.22
N VAL D 300 -27.32 -20.89 -17.07
CA VAL D 300 -27.12 -22.09 -16.27
C VAL D 300 -27.47 -21.83 -14.81
N MET D 301 -27.03 -20.70 -14.27
CA MET D 301 -27.34 -20.35 -12.89
C MET D 301 -28.84 -20.20 -12.67
N ASN D 302 -29.58 -19.79 -13.70
CA ASN D 302 -31.03 -19.67 -13.58
C ASN D 302 -31.68 -21.04 -13.46
N LEU D 303 -31.16 -22.04 -14.18
CA LEU D 303 -31.77 -23.37 -14.16
C LEU D 303 -31.46 -24.10 -12.86
N ILE D 304 -30.24 -23.97 -12.34
CA ILE D 304 -29.85 -24.71 -11.15
C ILE D 304 -30.65 -24.25 -9.94
N ILE D 305 -31.16 -23.02 -9.95
CA ILE D 305 -31.96 -22.55 -8.83
C ILE D 305 -33.31 -23.26 -8.80
N LEU D 306 -33.92 -23.46 -9.97
CA LEU D 306 -35.25 -24.07 -10.03
C LEU D 306 -35.26 -25.49 -9.50
N VAL D 307 -34.25 -26.29 -9.83
CA VAL D 307 -34.24 -27.69 -9.43
C VAL D 307 -34.06 -27.81 -7.92
N ASN D 308 -33.24 -26.93 -7.33
CA ASN D 308 -33.00 -27.02 -5.89
C ASN D 308 -34.23 -26.60 -5.09
N LEU D 309 -34.94 -25.56 -5.55
CA LEU D 309 -36.09 -25.06 -4.81
C LEU D 309 -37.22 -26.10 -4.75
N ILE D 310 -37.49 -26.76 -5.87
CA ILE D 310 -38.58 -27.75 -5.88
C ILE D 310 -38.23 -28.94 -5.01
N HIS D 311 -36.99 -29.43 -5.11
CA HIS D 311 -36.57 -30.58 -4.32
C HIS D 311 -36.59 -30.27 -2.82
N LEU D 312 -36.18 -29.06 -2.45
CA LEU D 312 -35.99 -28.73 -1.04
C LEU D 312 -37.30 -28.73 -0.27
N PHE D 313 -38.31 -28.04 -0.80
CA PHE D 313 -39.53 -27.79 -0.06
C PHE D 313 -40.61 -28.85 -0.30
N ILE D 314 -40.35 -29.84 -1.15
CA ILE D 314 -41.38 -30.84 -1.46
C ILE D 314 -40.86 -32.25 -1.19
N PHE D 315 -39.78 -32.63 -1.86
CA PHE D 315 -39.34 -34.03 -1.82
C PHE D 315 -38.62 -34.39 -0.53
N ARG D 316 -37.83 -33.48 0.03
CA ARG D 316 -37.02 -33.79 1.20
C ARG D 316 -37.91 -33.89 2.44
N LYS D 317 -37.93 -35.07 3.07
CA LYS D 317 -38.73 -35.30 4.26
C LYS D 317 -37.85 -35.67 5.44
N SER D 318 -36.75 -34.95 5.65
CA SER D 318 -35.83 -35.21 6.74
C SER D 318 -35.44 -33.91 7.41
N ASN D 319 -35.33 -33.94 8.73
CA ASN D 319 -34.92 -32.78 9.53
C ASN D 319 -33.73 -33.19 10.39
N PHE D 320 -32.67 -32.37 10.36
CA PHE D 320 -31.46 -32.68 11.11
C PHE D 320 -31.70 -32.65 12.61
N ILE D 321 -32.47 -31.67 13.09
CA ILE D 321 -32.66 -31.52 14.53
C ILE D 321 -33.45 -32.69 15.11
N PHE D 322 -34.41 -33.23 14.34
CA PHE D 322 -35.22 -34.34 14.86
C PHE D 322 -34.42 -35.62 14.96
N ASP D 323 -33.45 -35.84 14.06
CA ASP D 323 -32.69 -37.08 14.06
C ASP D 323 -31.74 -37.16 15.25
N LYS D 324 -31.18 -36.02 15.68
CA LYS D 324 -30.17 -35.99 16.71
C LYS D 324 -30.73 -35.69 18.10
N LEU D 325 -32.05 -35.65 18.25
CA LEU D 325 -32.67 -35.39 19.54
C LEU D 325 -33.23 -36.63 20.20
N HIS D 326 -33.87 -37.52 19.44
CA HIS D 326 -34.40 -38.79 19.92
C HIS D 326 -35.45 -38.62 21.00
N LYS D 327 -36.02 -37.43 21.14
CA LYS D 327 -37.11 -37.20 22.10
C LYS D 327 -38.02 -36.12 21.52
N VAL D 328 -39.05 -36.55 20.80
CA VAL D 328 -40.03 -35.65 20.21
C VAL D 328 -41.43 -36.23 20.44
N GLY D 329 -42.36 -35.36 20.82
CA GLY D 329 -43.70 -35.80 21.13
C GLY D 329 -44.51 -36.17 19.90
N ILE D 330 -45.56 -36.94 20.13
CA ILE D 330 -46.43 -37.38 19.03
C ILE D 330 -47.28 -36.23 18.49
N LYS D 331 -47.42 -35.15 19.25
CA LYS D 331 -48.23 -34.02 18.78
C LYS D 331 -47.57 -33.30 17.61
N THR D 332 -46.26 -33.42 17.46
CA THR D 332 -45.53 -32.80 16.37
C THR D 332 -45.36 -33.70 15.16
N ARG D 333 -45.95 -34.89 15.18
CA ARG D 333 -45.77 -35.82 14.05
C ARG D 333 -46.51 -35.33 12.81
N ARG D 334 -47.83 -35.20 12.90
CA ARG D 334 -48.63 -34.85 11.72
C ARG D 334 -48.36 -33.44 11.25
N GLN D 335 -47.99 -32.53 12.16
CA GLN D 335 -47.73 -31.16 11.77
C GLN D 335 -46.55 -31.07 10.80
N TRP D 336 -45.51 -31.87 11.04
CA TRP D 336 -44.30 -31.77 10.22
C TRP D 336 -44.56 -32.18 8.77
N ARG D 337 -45.35 -33.23 8.55
CA ARG D 337 -45.66 -33.65 7.19
C ARG D 337 -46.93 -33.03 6.63
N ARG D 338 -47.58 -32.13 7.38
CA ARG D 338 -48.74 -31.44 6.84
C ARG D 338 -48.32 -30.28 5.93
N SER D 339 -47.55 -29.34 6.46
CA SER D 339 -47.08 -28.18 5.72
C SER D 339 -45.56 -28.07 5.86
N GLN D 340 -44.89 -27.78 4.76
CA GLN D 340 -43.45 -27.62 4.75
C GLN D 340 -43.00 -26.18 5.00
N PHE D 341 -43.93 -25.24 5.07
CA PHE D 341 -43.60 -23.83 5.34
C PHE D 341 -43.47 -23.63 6.85
N CYS D 342 -42.46 -24.27 7.42
CA CYS D 342 -42.22 -24.26 8.85
C CYS D 342 -40.88 -23.61 9.15
N ASP D 343 -40.80 -22.96 10.31
CA ASP D 343 -39.57 -22.26 10.70
C ASP D 343 -38.44 -23.24 10.97
N ILE D 344 -38.75 -24.39 11.59
CA ILE D 344 -37.71 -25.35 11.94
C ILE D 344 -37.04 -25.94 10.71
N ASN D 345 -37.70 -25.88 9.55
CA ASN D 345 -37.09 -26.39 8.33
C ASN D 345 -35.87 -25.56 7.95
N ILE D 346 -35.99 -24.24 7.97
CA ILE D 346 -34.86 -23.37 7.65
C ILE D 346 -33.81 -23.44 8.75
N LEU D 347 -34.25 -23.49 10.01
CA LEU D 347 -33.31 -23.54 11.13
C LEU D 347 -32.53 -24.85 11.17
N ALA D 348 -33.02 -25.90 10.51
CA ALA D 348 -32.32 -27.18 10.52
C ALA D 348 -30.98 -27.09 9.80
N MET D 349 -30.89 -26.26 8.74
CA MET D 349 -29.67 -26.19 7.95
C MET D 349 -28.53 -25.58 8.74
N PHE D 350 -28.78 -24.44 9.40
CA PHE D 350 -27.69 -23.72 10.05
C PHE D 350 -27.11 -24.51 11.21
N CYS D 351 -27.93 -25.30 11.90
CA CYS D 351 -27.40 -26.22 12.90
C CYS D 351 -26.54 -27.29 12.26
N ASN D 352 -26.99 -27.81 11.11
CA ASN D 352 -26.21 -28.83 10.41
C ASN D 352 -24.88 -28.29 9.92
N GLU D 353 -24.88 -27.08 9.37
CA GLU D 353 -23.66 -26.48 8.86
C GLU D 353 -22.75 -25.98 9.98
N ASN D 354 -23.24 -25.90 11.22
CA ASN D 354 -22.45 -25.48 12.36
C ASN D 354 -22.33 -26.60 13.40
N ARG D 355 -22.27 -27.85 12.93
CA ARG D 355 -22.17 -28.99 13.83
C ARG D 355 -20.86 -29.03 14.60
N ASP D 356 -19.87 -28.24 14.20
CA ASP D 356 -18.61 -28.21 14.94
C ASP D 356 -18.83 -27.66 16.34
N HIS D 357 -19.63 -26.60 16.47
CA HIS D 357 -19.76 -25.89 17.74
C HIS D 357 -20.45 -26.72 18.82
N ILE D 358 -21.13 -27.81 18.44
CA ILE D 358 -21.73 -28.71 19.42
C ILE D 358 -20.82 -29.92 19.59
N LYS D 359 -20.36 -30.14 20.83
CA LYS D 359 -19.38 -31.17 21.11
C LYS D 359 -20.00 -32.50 21.54
N SER D 360 -21.32 -32.57 21.68
CA SER D 360 -21.99 -33.80 22.07
C SER D 360 -22.58 -34.55 20.89
N LEU D 361 -22.28 -34.13 19.66
CA LEU D 361 -22.87 -34.76 18.48
C LEU D 361 -22.42 -36.21 18.33
N ASN D 362 -21.11 -36.44 18.38
CA ASN D 362 -20.59 -37.79 18.16
C ASN D 362 -21.00 -38.74 19.29
N ARG D 363 -20.93 -38.27 20.53
CA ARG D 363 -21.30 -39.11 21.66
C ARG D 363 -22.77 -39.49 21.63
N LEU D 364 -23.64 -38.53 21.29
CA LEU D 364 -25.08 -38.81 21.26
C LEU D 364 -25.45 -39.68 20.07
N ASP D 365 -24.77 -39.50 18.94
CA ASP D 365 -25.07 -40.29 17.75
C ASP D 365 -24.79 -41.77 17.96
N PHE D 366 -23.68 -42.09 18.64
CA PHE D 366 -23.33 -43.48 18.86
C PHE D 366 -24.25 -44.16 19.88
N ILE D 367 -25.02 -43.38 20.65
CA ILE D 367 -25.91 -43.97 21.64
C ILE D 367 -26.99 -44.80 20.95
N THR D 368 -27.58 -44.27 19.89
CA THR D 368 -28.63 -44.98 19.16
C THR D 368 -28.04 -46.13 18.34
N GLY E 35 -4.88 -23.36 28.98
CA GLY E 35 -4.94 -23.80 27.60
C GLY E 35 -4.57 -22.71 26.61
N ALA E 36 -3.74 -21.76 27.07
CA ALA E 36 -3.32 -20.67 26.20
C ALA E 36 -2.47 -21.19 25.03
N LEU E 37 -1.58 -22.14 25.30
CA LEU E 37 -0.75 -22.70 24.24
C LEU E 37 -1.59 -23.41 23.19
N ALA E 38 -2.58 -24.19 23.64
CA ALA E 38 -3.47 -24.87 22.70
C ALA E 38 -4.32 -23.88 21.92
N ALA E 39 -4.80 -22.83 22.59
CA ALA E 39 -5.61 -21.82 21.91
C ALA E 39 -4.81 -21.08 20.84
N LEU E 40 -3.55 -20.75 21.15
CA LEU E 40 -2.73 -20.02 20.19
C LEU E 40 -2.46 -20.85 18.94
N LEU E 41 -2.25 -22.16 19.09
CA LEU E 41 -1.99 -23.06 17.97
C LEU E 41 -3.22 -23.89 17.63
N LEU E 42 -4.40 -23.29 17.74
CA LEU E 42 -5.65 -23.99 17.50
C LEU E 42 -5.89 -24.30 16.02
N GLN E 43 -5.08 -23.74 15.12
CA GLN E 43 -5.26 -24.01 13.70
C GLN E 43 -4.85 -25.43 13.38
N LEU E 44 -5.70 -26.13 12.63
CA LEU E 44 -5.46 -27.52 12.23
C LEU E 44 -5.23 -27.59 10.74
N LYS E 45 -4.15 -28.25 10.33
CA LYS E 45 -3.87 -28.43 8.92
C LYS E 45 -4.97 -29.28 8.28
N LEU E 46 -5.43 -28.83 7.11
CA LEU E 46 -6.54 -29.48 6.42
C LEU E 46 -6.22 -29.90 5.00
N GLU E 47 -5.18 -29.32 4.38
CA GLU E 47 -4.81 -29.66 3.02
C GLU E 47 -3.59 -30.57 3.02
N LEU E 48 -3.71 -31.70 2.33
CA LEU E 48 -2.58 -32.61 2.22
C LEU E 48 -1.49 -32.00 1.34
N PRO E 49 -0.22 -32.33 1.61
CA PRO E 49 0.87 -31.79 0.78
C PRO E 49 0.76 -32.14 -0.69
N PHE E 50 0.21 -33.30 -1.02
CA PHE E 50 0.08 -33.69 -2.42
C PHE E 50 -0.85 -32.73 -3.17
N ASP E 51 -1.95 -32.31 -2.53
CA ASP E 51 -2.84 -31.35 -3.14
C ASP E 51 -2.13 -30.03 -3.40
N ARG E 52 -1.31 -29.58 -2.45
CA ARG E 52 -0.56 -28.34 -2.64
C ARG E 52 0.42 -28.47 -3.80
N VAL E 53 1.11 -29.61 -3.89
CA VAL E 53 2.05 -29.82 -4.99
C VAL E 53 1.33 -29.81 -6.33
N VAL E 54 0.18 -30.48 -6.41
CA VAL E 54 -0.59 -30.51 -7.66
C VAL E 54 -1.04 -29.10 -8.03
N THR E 55 -1.53 -28.33 -7.06
CA THR E 55 -1.98 -26.97 -7.34
C THR E 55 -0.83 -26.11 -7.85
N ILE E 56 0.33 -26.17 -7.18
CA ILE E 56 1.47 -25.37 -7.61
C ILE E 56 1.91 -25.77 -9.01
N GLY E 57 1.94 -27.08 -9.29
CA GLY E 57 2.39 -27.53 -10.59
C GLY E 57 1.39 -27.30 -11.71
N THR E 58 0.12 -27.09 -11.38
CA THR E 58 -0.91 -26.97 -12.41
C THR E 58 -1.38 -25.54 -12.67
N VAL E 59 -1.68 -24.79 -11.61
CA VAL E 59 -2.38 -23.50 -11.76
C VAL E 59 -1.43 -22.31 -11.73
N LEU E 60 -0.52 -22.28 -10.75
CA LEU E 60 0.26 -21.07 -10.50
C LEU E 60 1.20 -20.73 -11.66
N VAL E 61 1.89 -21.73 -12.19
CA VAL E 61 2.91 -21.45 -13.22
C VAL E 61 2.31 -20.86 -14.49
N PRO E 62 1.21 -21.37 -15.05
CA PRO E 62 0.66 -20.73 -16.26
C PRO E 62 0.31 -19.27 -16.09
N ILE E 63 -0.11 -18.84 -14.90
CA ILE E 63 -0.39 -17.43 -14.68
C ILE E 63 0.89 -16.60 -14.84
N LEU E 64 2.01 -17.10 -14.29
CA LEU E 64 3.27 -16.40 -14.46
C LEU E 64 3.70 -16.35 -15.91
N LEU E 65 3.53 -17.44 -16.65
CA LEU E 65 3.87 -17.41 -18.08
C LEU E 65 2.99 -16.44 -18.85
N VAL E 66 1.69 -16.40 -18.53
CA VAL E 66 0.79 -15.48 -19.22
C VAL E 66 1.17 -14.03 -18.93
N THR E 67 1.49 -13.72 -17.68
CA THR E 67 1.85 -12.34 -17.37
C THR E 67 3.18 -11.96 -18.00
N LEU E 68 4.13 -12.90 -18.10
CA LEU E 68 5.37 -12.62 -18.81
C LEU E 68 5.10 -12.34 -20.29
N VAL E 69 4.23 -13.14 -20.92
CA VAL E 69 3.90 -12.92 -22.32
C VAL E 69 3.23 -11.56 -22.51
N PHE E 70 2.31 -11.20 -21.62
CA PHE E 70 1.64 -9.91 -21.72
C PHE E 70 2.63 -8.76 -21.57
N THR E 71 3.56 -8.87 -20.60
CA THR E 71 4.56 -7.83 -20.43
C THR E 71 5.45 -7.68 -21.65
N LYS E 72 5.85 -8.80 -22.25
CA LYS E 72 6.66 -8.72 -23.47
C LYS E 72 5.85 -8.13 -24.62
N ASN E 73 4.58 -8.50 -24.74
CA ASN E 73 3.78 -8.11 -25.89
C ASN E 73 3.36 -6.64 -25.83
N PHE E 74 3.26 -6.07 -24.63
CA PHE E 74 2.87 -4.67 -24.48
C PHE E 74 4.08 -3.75 -24.39
N ALA E 75 5.16 -4.06 -25.10
CA ALA E 75 6.35 -3.22 -25.14
C ALA E 75 6.79 -2.88 -26.56
N GLU E 76 5.95 -3.14 -27.56
CA GLU E 76 6.30 -2.86 -28.95
C GLU E 76 5.02 -2.61 -29.75
N GLU E 77 5.20 -2.18 -30.98
CA GLU E 77 4.08 -1.97 -31.88
C GLU E 77 3.53 -3.31 -32.36
N PRO E 78 2.25 -3.37 -32.73
CA PRO E 78 1.66 -4.68 -33.07
C PRO E 78 2.13 -5.23 -34.41
N ILE E 79 2.19 -4.41 -35.45
CA ILE E 79 2.44 -4.90 -36.80
C ILE E 79 3.43 -3.97 -37.50
N TYR E 80 4.37 -4.57 -38.23
CA TYR E 80 5.41 -3.86 -38.97
C TYR E 80 5.29 -4.23 -40.45
N CYS E 81 5.14 -3.24 -41.33
CA CYS E 81 5.18 -3.51 -42.76
C CYS E 81 5.30 -2.23 -43.58
N TYR E 82 5.16 -2.41 -44.89
CA TYR E 82 5.66 -1.53 -45.94
C TYR E 82 4.60 -0.50 -46.34
N THR E 83 4.98 0.38 -47.27
CA THR E 83 4.12 1.45 -47.78
C THR E 83 4.68 2.00 -49.08
N PRO E 84 3.87 2.19 -50.12
CA PRO E 84 4.37 2.77 -51.36
C PRO E 84 4.84 4.21 -51.15
N HIS E 85 5.42 4.77 -52.21
CA HIS E 85 6.03 6.09 -52.12
C HIS E 85 4.98 7.20 -52.10
N ASN E 86 3.89 7.04 -52.85
CA ASN E 86 2.91 8.11 -52.99
C ASN E 86 2.08 8.33 -51.73
N PHE E 87 2.02 7.35 -50.84
CA PHE E 87 1.18 7.46 -49.65
C PHE E 87 1.68 8.55 -48.71
N THR E 88 0.75 9.27 -48.10
CA THR E 88 1.07 10.20 -47.04
C THR E 88 1.07 9.46 -45.69
N ARG E 89 1.14 10.21 -44.59
CA ARG E 89 1.24 9.58 -43.28
C ARG E 89 -0.09 8.96 -42.85
N ASP E 90 -1.18 9.70 -43.02
CA ASP E 90 -2.48 9.22 -42.56
C ASP E 90 -2.92 7.97 -43.32
N GLN E 91 -2.69 7.93 -44.63
CA GLN E 91 -3.04 6.74 -45.40
C GLN E 91 -2.20 5.54 -44.97
N ALA E 92 -0.92 5.77 -44.64
CA ALA E 92 -0.10 4.69 -44.13
C ALA E 92 -0.63 4.16 -42.80
N LEU E 93 -1.04 5.07 -41.91
CA LEU E 93 -1.61 4.64 -40.63
C LEU E 93 -2.89 3.84 -40.85
N TYR E 94 -3.74 4.29 -41.77
CA TYR E 94 -4.96 3.54 -42.08
C TYR E 94 -4.63 2.17 -42.64
N ALA E 95 -3.62 2.08 -43.52
CA ALA E 95 -3.23 0.79 -44.07
C ALA E 95 -2.77 -0.15 -42.98
N ARG E 96 -1.92 0.32 -42.06
CA ARG E 96 -1.46 -0.51 -40.97
C ARG E 96 -2.63 -0.99 -40.12
N GLY E 97 -3.52 -0.08 -39.74
CA GLY E 97 -4.63 -0.46 -38.89
C GLY E 97 -5.58 -1.44 -39.55
N TYR E 98 -5.90 -1.20 -40.83
CA TYR E 98 -6.81 -2.08 -41.55
C TYR E 98 -6.21 -3.47 -41.73
N CYS E 99 -4.92 -3.54 -42.07
CA CYS E 99 -4.30 -4.85 -42.27
C CYS E 99 -4.12 -5.59 -40.95
N TRP E 100 -4.01 -4.86 -39.83
CA TRP E 100 -4.00 -5.53 -38.53
C TRP E 100 -5.39 -6.01 -38.13
N THR E 101 -6.42 -5.23 -38.45
CA THR E 101 -7.77 -5.58 -38.03
C THR E 101 -8.31 -6.76 -38.83
N GLU E 102 -8.12 -6.75 -40.15
CA GLU E 102 -8.66 -7.82 -40.98
C GLU E 102 -7.95 -9.14 -40.69
N LEU E 103 -6.62 -9.13 -40.69
CA LEU E 103 -5.81 -10.31 -40.42
C LEU E 103 -6.17 -11.46 -41.36
N ARG E 104 -6.30 -11.12 -42.64
CA ARG E 104 -6.69 -12.08 -43.68
C ARG E 104 -5.62 -12.12 -44.75
N ASP E 105 -5.25 -13.34 -45.15
CA ASP E 105 -4.24 -13.54 -46.18
C ASP E 105 -4.86 -13.35 -47.57
N ALA E 106 -4.00 -13.41 -48.58
CA ALA E 106 -4.44 -13.31 -49.97
C ALA E 106 -3.49 -14.11 -50.85
N LEU E 107 -4.01 -14.55 -51.98
CA LEU E 107 -3.23 -15.34 -52.95
C LEU E 107 -3.61 -14.93 -54.36
N PRO E 108 -2.70 -15.07 -55.31
CA PRO E 108 -3.02 -14.71 -56.70
C PRO E 108 -3.88 -15.77 -57.37
N GLY E 109 -4.88 -15.30 -58.11
CA GLY E 109 -5.75 -16.17 -58.88
C GLY E 109 -6.79 -16.91 -58.08
N VAL E 110 -6.97 -16.58 -56.81
CA VAL E 110 -7.94 -17.25 -55.94
C VAL E 110 -8.88 -16.19 -55.38
N ASP E 111 -10.18 -16.48 -55.41
CA ASP E 111 -11.17 -15.57 -54.87
C ASP E 111 -11.06 -15.49 -53.36
N ALA E 112 -11.77 -14.52 -52.78
CA ALA E 112 -11.69 -14.27 -51.34
C ALA E 112 -12.36 -15.35 -50.51
N SER E 113 -13.10 -16.28 -51.13
CA SER E 113 -13.81 -17.30 -50.38
C SER E 113 -12.89 -18.37 -49.81
N LEU E 114 -11.62 -18.42 -50.22
CA LEU E 114 -10.71 -19.45 -49.77
C LEU E 114 -9.42 -18.88 -49.17
N TRP E 115 -9.46 -17.64 -48.68
CA TRP E 115 -8.28 -17.01 -48.12
C TRP E 115 -8.07 -17.46 -46.67
N PRO E 116 -6.90 -17.99 -46.32
CA PRO E 116 -6.68 -18.44 -44.95
C PRO E 116 -6.65 -17.29 -43.95
N SER E 117 -6.96 -17.62 -42.70
CA SER E 117 -6.99 -16.67 -41.60
C SER E 117 -5.94 -17.03 -40.56
N LEU E 118 -5.66 -16.07 -39.67
CA LEU E 118 -4.65 -16.22 -38.63
C LEU E 118 -5.16 -15.67 -37.30
N PHE E 119 -6.42 -15.95 -36.96
CA PHE E 119 -7.06 -15.30 -35.82
C PHE E 119 -6.48 -15.79 -34.49
N GLU E 120 -6.04 -17.03 -34.41
CA GLU E 120 -5.57 -17.55 -33.13
C GLU E 120 -4.26 -16.90 -32.71
N HIS E 121 -3.46 -16.42 -33.67
CA HIS E 121 -2.24 -15.69 -33.33
C HIS E 121 -2.55 -14.47 -32.47
N LYS E 122 -3.72 -13.87 -32.65
CA LYS E 122 -4.18 -12.76 -31.83
C LYS E 122 -5.00 -13.21 -30.62
N PHE E 123 -5.69 -14.34 -30.73
CA PHE E 123 -6.59 -14.80 -29.68
C PHE E 123 -5.95 -15.71 -28.63
N LEU E 124 -4.67 -16.04 -28.77
CA LEU E 124 -4.07 -17.09 -27.94
C LEU E 124 -4.11 -16.80 -26.44
N PRO E 125 -3.62 -15.67 -25.91
CA PRO E 125 -3.42 -15.58 -24.45
C PRO E 125 -4.69 -15.72 -23.62
N TYR E 126 -5.84 -15.27 -24.12
CA TYR E 126 -7.08 -15.38 -23.35
C TYR E 126 -7.48 -16.83 -23.14
N ALA E 127 -7.10 -17.72 -24.07
CA ALA E 127 -7.38 -19.14 -23.87
C ALA E 127 -6.65 -19.67 -22.64
N LEU E 128 -5.38 -19.33 -22.49
CA LEU E 128 -4.63 -19.73 -21.30
C LEU E 128 -5.20 -19.08 -20.04
N LEU E 129 -5.62 -17.82 -20.16
CA LEU E 129 -6.21 -17.13 -19.01
C LEU E 129 -7.45 -17.84 -18.52
N ALA E 130 -8.30 -18.32 -19.45
CA ALA E 130 -9.48 -19.08 -19.04
C ALA E 130 -9.11 -20.48 -18.54
N PHE E 131 -8.09 -21.08 -19.15
CA PHE E 131 -7.67 -22.43 -18.75
C PHE E 131 -7.20 -22.46 -17.30
N ALA E 132 -6.52 -21.40 -16.87
CA ALA E 132 -6.08 -21.33 -15.48
C ALA E 132 -7.25 -21.49 -14.52
N ALA E 133 -8.31 -20.72 -14.71
CA ALA E 133 -9.46 -20.78 -13.80
C ALA E 133 -10.21 -22.10 -13.94
N ILE E 134 -10.41 -22.59 -15.17
CA ILE E 134 -11.16 -23.83 -15.32
C ILE E 134 -10.39 -25.00 -14.72
N MET E 135 -9.06 -24.91 -14.67
CA MET E 135 -8.28 -25.92 -13.95
C MET E 135 -8.35 -25.72 -12.44
N TYR E 136 -8.44 -24.47 -11.98
CA TYR E 136 -8.44 -24.20 -10.55
C TYR E 136 -9.77 -24.54 -9.88
N VAL E 137 -10.86 -24.66 -10.65
CA VAL E 137 -12.19 -24.86 -10.04
C VAL E 137 -12.23 -26.02 -9.02
N PRO E 138 -11.74 -27.23 -9.32
CA PRO E 138 -11.94 -28.34 -8.36
C PRO E 138 -11.31 -28.11 -7.00
N ALA E 139 -10.18 -27.40 -6.93
CA ALA E 139 -9.56 -27.13 -5.63
C ALA E 139 -10.49 -26.31 -4.75
N LEU E 140 -11.16 -25.31 -5.33
CA LEU E 140 -12.17 -24.57 -4.59
C LEU E 140 -13.40 -25.42 -4.29
N GLY E 141 -13.75 -26.33 -5.20
CA GLY E 141 -14.90 -27.19 -4.97
C GLY E 141 -14.74 -28.13 -3.79
N TRP E 142 -13.52 -28.60 -3.55
CA TRP E 142 -13.29 -29.56 -2.46
C TRP E 142 -13.65 -28.96 -1.10
N GLU E 143 -13.27 -27.70 -0.87
CA GLU E 143 -13.41 -27.12 0.47
C GLU E 143 -14.87 -27.00 0.88
N PHE E 144 -15.74 -26.59 -0.04
CA PHE E 144 -17.15 -26.36 0.31
C PHE E 144 -17.83 -27.62 0.80
N LEU E 145 -17.28 -28.79 0.52
CA LEU E 145 -17.81 -30.05 1.03
C LEU E 145 -16.99 -30.65 2.16
N ALA E 146 -15.69 -30.35 2.25
CA ALA E 146 -14.85 -30.97 3.26
C ALA E 146 -14.48 -30.01 4.40
N SER E 147 -15.13 -28.86 4.50
CA SER E 147 -14.75 -27.89 5.53
C SER E 147 -15.04 -28.40 6.94
N THR E 148 -16.25 -28.88 7.20
CA THR E 148 -16.73 -29.02 8.57
C THR E 148 -16.69 -30.45 9.11
N ARG E 149 -17.17 -31.42 8.34
CA ARG E 149 -17.28 -32.78 8.84
C ARG E 149 -15.92 -33.36 9.19
N LEU E 150 -14.93 -33.18 8.31
CA LEU E 150 -13.60 -33.69 8.58
C LEU E 150 -12.99 -33.04 9.81
N THR E 151 -13.19 -31.73 9.97
CA THR E 151 -12.67 -31.03 11.14
C THR E 151 -13.31 -31.58 12.42
N SER E 152 -14.63 -31.80 12.40
CA SER E 152 -15.29 -32.33 13.58
C SER E 152 -14.79 -33.72 13.94
N GLU E 153 -14.66 -34.59 12.93
CA GLU E 153 -14.18 -35.95 13.17
C GLU E 153 -12.76 -35.94 13.72
N LEU E 154 -11.89 -35.12 13.12
CA LEU E 154 -10.51 -35.03 13.59
C LEU E 154 -10.45 -34.51 15.02
N ASN E 155 -11.25 -33.49 15.34
CA ASN E 155 -11.27 -32.97 16.70
C ASN E 155 -11.72 -34.02 17.70
N PHE E 156 -12.78 -34.77 17.36
CA PHE E 156 -13.24 -35.81 18.27
C PHE E 156 -12.19 -36.89 18.48
N LEU E 157 -11.53 -37.32 17.39
CA LEU E 157 -10.52 -38.37 17.51
C LEU E 157 -9.34 -37.90 18.35
N LEU E 158 -8.87 -36.66 18.10
CA LEU E 158 -7.76 -36.13 18.88
C LEU E 158 -8.11 -35.96 20.35
N GLN E 159 -9.36 -35.55 20.64
CA GLN E 159 -9.78 -35.47 22.03
C GLN E 159 -9.83 -36.86 22.68
N GLU E 160 -10.32 -37.85 21.95
CA GLU E 160 -10.47 -39.19 22.52
C GLU E 160 -9.11 -39.84 22.77
N ILE E 161 -8.13 -39.61 21.90
CA ILE E 161 -6.87 -40.34 21.95
C ILE E 161 -6.18 -40.22 23.30
N ASP E 162 -6.55 -39.22 24.11
CA ASP E 162 -6.02 -39.13 25.47
C ASP E 162 -6.53 -40.28 26.34
N ASN E 163 -7.79 -40.66 26.16
CA ASN E 163 -8.39 -41.69 27.02
C ASN E 163 -7.72 -43.05 26.81
N CYS E 164 -7.36 -43.38 25.57
CA CYS E 164 -6.76 -44.67 25.27
C CYS E 164 -5.36 -44.84 25.84
N TYR E 165 -4.74 -43.75 26.32
CA TYR E 165 -3.42 -43.86 26.91
C TYR E 165 -3.44 -44.73 28.16
N HIS E 166 -4.45 -44.55 29.01
CA HIS E 166 -4.56 -45.32 30.25
C HIS E 166 -4.97 -46.76 29.96
N ASN E 208 -16.66 -49.48 26.16
CA ASN E 208 -16.23 -49.93 24.84
C ASN E 208 -16.82 -49.04 23.74
N LEU E 209 -16.91 -47.74 24.01
CA LEU E 209 -17.43 -46.80 23.02
C LEU E 209 -16.54 -46.76 21.78
N PHE E 210 -15.21 -46.71 21.98
CA PHE E 210 -14.30 -46.69 20.85
C PHE E 210 -14.24 -48.05 20.15
N GLU E 211 -14.37 -49.14 20.89
CA GLU E 211 -14.33 -50.46 20.28
C GLU E 211 -15.49 -50.65 19.31
N LYS E 212 -16.69 -50.22 19.69
CA LYS E 212 -17.84 -50.28 18.80
C LYS E 212 -17.88 -49.16 17.79
N TYR E 213 -17.07 -48.11 17.98
CA TYR E 213 -17.06 -46.98 17.05
C TYR E 213 -16.55 -47.40 15.68
N LEU E 214 -15.52 -48.25 15.65
CA LEU E 214 -14.97 -48.69 14.36
C LEU E 214 -15.97 -49.51 13.56
N GLU E 215 -16.93 -50.15 14.23
CA GLU E 215 -17.92 -50.94 13.51
C GLU E 215 -18.80 -50.06 12.64
N ARG E 216 -19.33 -48.98 13.21
CA ARG E 216 -20.17 -48.07 12.44
C ARG E 216 -19.34 -47.19 11.50
N ARG E 217 -18.21 -46.67 11.97
CA ARG E 217 -17.41 -45.77 11.15
C ARG E 217 -16.70 -46.51 10.02
N GLY E 218 -16.28 -47.74 10.28
CA GLY E 218 -15.50 -48.49 9.30
C GLY E 218 -16.30 -48.99 8.11
N ARG E 219 -17.63 -48.96 8.18
CA ARG E 219 -18.46 -49.40 7.06
C ARG E 219 -18.98 -48.24 6.22
N SER E 220 -18.63 -47.00 6.57
CA SER E 220 -18.99 -45.85 5.76
C SER E 220 -17.96 -45.63 4.67
N ASN E 221 -18.40 -45.06 3.55
CA ASN E 221 -17.52 -44.83 2.41
C ASN E 221 -17.80 -43.50 1.74
N PHE E 222 -18.30 -42.51 2.48
CA PHE E 222 -18.61 -41.23 1.88
C PHE E 222 -17.34 -40.47 1.52
N LEU E 223 -16.37 -40.42 2.43
CA LEU E 223 -15.13 -39.71 2.16
C LEU E 223 -14.37 -40.35 1.01
N ALA E 224 -14.31 -41.68 0.96
CA ALA E 224 -13.64 -42.36 -0.13
C ALA E 224 -14.35 -42.09 -1.46
N LYS E 225 -15.68 -42.06 -1.45
CA LYS E 225 -16.42 -41.78 -2.67
C LYS E 225 -16.27 -40.33 -3.13
N LEU E 226 -15.74 -39.46 -2.27
CA LEU E 226 -15.51 -38.06 -2.61
C LEU E 226 -14.07 -37.76 -2.98
N TYR E 227 -13.11 -38.36 -2.28
CA TYR E 227 -11.70 -38.12 -2.58
C TYR E 227 -11.35 -38.63 -3.97
N LEU E 228 -11.88 -39.79 -4.35
CA LEU E 228 -11.62 -40.31 -5.69
C LEU E 228 -12.24 -39.42 -6.76
N ALA E 229 -13.40 -38.84 -6.47
CA ALA E 229 -14.08 -38.00 -7.45
C ALA E 229 -13.27 -36.76 -7.77
N ARG E 230 -12.64 -36.16 -6.76
CA ARG E 230 -11.87 -34.93 -6.97
C ARG E 230 -10.68 -35.18 -7.89
N HIS E 231 -9.97 -36.30 -7.69
CA HIS E 231 -8.77 -36.55 -8.47
C HIS E 231 -9.12 -36.99 -9.89
N VAL E 232 -10.14 -37.84 -10.05
CA VAL E 232 -10.50 -38.32 -11.38
C VAL E 232 -11.04 -37.20 -12.25
N LEU E 233 -11.59 -36.13 -11.65
CA LEU E 233 -12.13 -35.03 -12.44
C LEU E 233 -11.01 -34.19 -13.06
N ILE E 234 -9.85 -34.12 -12.40
CA ILE E 234 -8.72 -33.38 -12.94
C ILE E 234 -8.25 -34.02 -14.24
N LEU E 235 -8.19 -35.36 -14.27
CA LEU E 235 -7.73 -36.05 -15.47
C LEU E 235 -8.67 -35.81 -16.64
N LEU E 236 -9.99 -35.84 -16.38
CA LEU E 236 -10.96 -35.64 -17.46
C LEU E 236 -10.89 -34.22 -18.01
N LEU E 237 -10.73 -33.22 -17.13
CA LEU E 237 -10.65 -31.84 -17.57
C LEU E 237 -9.35 -31.50 -18.27
N SER E 238 -8.37 -32.40 -18.26
CA SER E 238 -7.08 -32.15 -18.90
C SER E 238 -7.09 -32.47 -20.39
N ALA E 239 -8.19 -32.98 -20.93
CA ALA E 239 -8.25 -33.28 -22.36
C ALA E 239 -8.44 -32.03 -23.20
N VAL E 240 -9.02 -30.97 -22.64
CA VAL E 240 -9.30 -29.75 -23.40
C VAL E 240 -8.02 -28.94 -23.63
N PRO E 241 -7.27 -28.54 -22.59
CA PRO E 241 -6.08 -27.71 -22.86
C PRO E 241 -5.01 -28.44 -23.67
N ILE E 242 -4.87 -29.75 -23.51
CA ILE E 242 -3.84 -30.48 -24.24
C ILE E 242 -4.19 -30.57 -25.73
N SER E 243 -5.47 -30.83 -26.03
CA SER E 243 -5.86 -31.03 -27.43
C SER E 243 -5.69 -29.75 -28.24
N TYR E 244 -6.05 -28.60 -27.67
CA TYR E 244 -5.98 -27.35 -28.42
C TYR E 244 -4.54 -26.89 -28.63
N LEU E 245 -3.70 -27.06 -27.61
CA LEU E 245 -2.30 -26.65 -27.75
C LEU E 245 -1.54 -27.57 -28.69
N CYS E 246 -1.88 -28.87 -28.68
CA CYS E 246 -1.19 -29.81 -29.57
C CYS E 246 -1.48 -29.52 -31.04
N THR E 247 -2.71 -29.09 -31.35
CA THR E 247 -3.08 -28.80 -32.72
C THR E 247 -2.72 -27.38 -33.14
N TYR E 248 -2.09 -26.60 -32.26
CA TYR E 248 -1.60 -25.27 -32.60
C TYR E 248 -0.09 -25.22 -32.78
N TYR E 249 0.65 -26.09 -32.07
CA TYR E 249 2.10 -26.06 -32.14
C TYR E 249 2.63 -26.51 -33.49
N ALA E 250 1.95 -27.46 -34.13
CA ALA E 250 2.45 -28.07 -35.36
C ALA E 250 1.46 -27.92 -36.52
N THR E 251 0.69 -26.84 -36.53
CA THR E 251 -0.24 -26.58 -37.62
C THR E 251 0.03 -25.28 -38.34
N GLN E 252 0.22 -24.19 -37.61
CA GLN E 252 0.43 -22.87 -38.19
C GLN E 252 1.84 -22.39 -37.90
N LYS E 253 2.61 -22.15 -38.96
CA LYS E 253 3.96 -21.60 -38.83
C LYS E 253 4.16 -20.36 -39.70
N GLN E 254 3.11 -19.86 -40.34
CA GLN E 254 3.23 -18.70 -41.20
C GLN E 254 3.58 -17.46 -40.40
N ASN E 255 4.37 -16.58 -41.01
CA ASN E 255 4.77 -15.33 -40.39
C ASN E 255 4.60 -14.11 -41.29
N GLU E 256 4.51 -14.28 -42.60
CA GLU E 256 4.31 -13.18 -43.53
C GLU E 256 3.10 -13.45 -44.40
N PHE E 257 2.42 -12.39 -44.82
CA PHE E 257 1.28 -12.50 -45.70
C PHE E 257 1.14 -11.22 -46.51
N THR E 258 0.38 -11.30 -47.59
CA THR E 258 0.20 -10.18 -48.51
C THR E 258 -1.19 -9.60 -48.30
N CYS E 259 -1.29 -8.65 -47.36
CA CYS E 259 -2.55 -7.96 -47.12
C CYS E 259 -2.93 -7.13 -48.34
N ALA E 260 -4.21 -7.18 -48.71
CA ALA E 260 -4.71 -6.50 -49.90
C ALA E 260 -5.93 -5.66 -49.50
N LEU E 261 -5.69 -4.39 -49.17
CA LEU E 261 -6.77 -3.47 -48.86
C LEU E 261 -7.40 -2.95 -50.15
N GLY E 262 -8.73 -3.01 -50.22
CA GLY E 262 -9.42 -2.59 -51.41
C GLY E 262 -10.17 -1.28 -51.28
N ALA E 263 -9.58 -0.20 -51.82
CA ALA E 263 -10.23 1.10 -51.91
C ALA E 263 -9.39 2.04 -52.77
N SER E 264 -10.03 2.76 -53.69
CA SER E 264 -9.35 3.80 -54.48
C SER E 264 -10.25 5.02 -54.62
N PRO E 265 -10.55 5.71 -53.51
CA PRO E 265 -11.25 7.00 -53.62
C PRO E 265 -10.29 8.18 -53.75
N ASP E 266 -9.72 8.34 -54.95
CA ASP E 266 -8.75 9.39 -55.21
C ASP E 266 -9.34 10.79 -55.00
N PRO E 273 -8.02 -2.30 -58.96
CA PRO E 273 -6.73 -1.60 -58.98
C PRO E 273 -6.23 -1.28 -57.57
N ALA E 274 -6.66 -2.06 -56.59
CA ALA E 274 -6.25 -1.83 -55.21
C ALA E 274 -4.77 -2.16 -55.02
N VAL E 275 -4.13 -1.42 -54.12
CA VAL E 275 -2.72 -1.63 -53.83
C VAL E 275 -2.56 -2.88 -52.96
N ARG E 276 -1.32 -3.37 -52.89
CA ARG E 276 -1.00 -4.57 -52.12
C ARG E 276 0.25 -4.32 -51.28
N VAL E 277 0.22 -4.79 -50.03
CA VAL E 277 1.35 -4.68 -49.12
C VAL E 277 1.58 -6.04 -48.48
N SER E 278 2.81 -6.25 -48.00
CA SER E 278 3.20 -7.47 -47.32
C SER E 278 3.62 -7.13 -45.90
N CYS E 279 3.02 -7.80 -44.92
CA CYS E 279 3.21 -7.42 -43.53
C CYS E 279 3.77 -8.57 -42.70
N LYS E 280 4.41 -8.19 -41.59
CA LYS E 280 5.15 -9.10 -40.73
C LYS E 280 4.61 -9.02 -39.30
N LEU E 281 4.53 -10.16 -38.63
CA LEU E 281 4.00 -10.22 -37.27
C LEU E 281 5.11 -10.53 -36.28
N PRO E 282 5.61 -9.53 -35.53
CA PRO E 282 6.66 -9.81 -34.55
C PRO E 282 6.11 -10.23 -33.20
N SER E 283 5.16 -11.16 -33.17
CA SER E 283 4.60 -11.66 -31.92
C SER E 283 4.35 -13.16 -32.02
N VAL E 284 5.18 -13.85 -32.80
CA VAL E 284 4.99 -15.28 -33.02
C VAL E 284 6.18 -16.13 -32.60
N GLN E 285 7.39 -15.58 -32.50
CA GLN E 285 8.55 -16.39 -32.17
C GLN E 285 8.63 -16.73 -30.68
N LEU E 286 7.89 -16.02 -29.84
CA LEU E 286 7.90 -16.29 -28.40
C LEU E 286 6.70 -17.12 -27.95
N GLN E 287 5.52 -16.87 -28.52
CA GLN E 287 4.35 -17.66 -28.17
C GLN E 287 4.49 -19.12 -28.59
N ARG E 288 5.36 -19.40 -29.57
CA ARG E 288 5.61 -20.78 -29.96
C ARG E 288 6.31 -21.56 -28.85
N ILE E 289 7.27 -20.92 -28.18
CA ILE E 289 8.04 -21.60 -27.14
C ILE E 289 7.17 -21.83 -25.90
N ILE E 290 6.36 -20.84 -25.53
CA ILE E 290 5.52 -20.97 -24.34
C ILE E 290 4.51 -22.10 -24.53
N ALA E 291 3.96 -22.24 -25.74
CA ALA E 291 3.02 -23.32 -26.01
C ALA E 291 3.67 -24.69 -26.00
N GLY E 292 5.00 -24.76 -26.00
CA GLY E 292 5.69 -26.04 -25.96
C GLY E 292 6.01 -26.48 -24.55
N VAL E 293 6.47 -25.54 -23.71
CA VAL E 293 6.77 -25.85 -22.32
C VAL E 293 5.50 -26.24 -21.58
N ASP E 294 4.39 -25.54 -21.85
CA ASP E 294 3.15 -25.81 -21.15
C ASP E 294 2.63 -27.22 -21.42
N ILE E 295 2.92 -27.77 -22.61
CA ILE E 295 2.48 -29.12 -22.93
C ILE E 295 3.19 -30.14 -22.04
N VAL E 296 4.51 -30.02 -21.93
CA VAL E 296 5.28 -30.99 -21.14
C VAL E 296 4.93 -30.88 -19.67
N LEU E 297 4.84 -29.66 -19.14
CA LEU E 297 4.58 -29.48 -17.71
C LEU E 297 3.21 -30.02 -17.33
N LEU E 298 2.20 -29.79 -18.17
CA LEU E 298 0.85 -30.24 -17.85
C LEU E 298 0.72 -31.75 -18.03
N CYS E 299 1.51 -32.35 -18.90
CA CYS E 299 1.41 -33.78 -19.13
C CYS E 299 2.05 -34.59 -18.01
N VAL E 300 3.14 -34.07 -17.42
CA VAL E 300 3.80 -34.79 -16.33
C VAL E 300 2.89 -34.91 -15.12
N MET E 301 2.21 -33.81 -14.76
CA MET E 301 1.31 -33.85 -13.61
C MET E 301 0.14 -34.80 -13.85
N ASN E 302 -0.23 -35.04 -15.10
CA ASN E 302 -1.27 -36.01 -15.40
C ASN E 302 -0.81 -37.43 -15.09
N LEU E 303 0.45 -37.73 -15.37
CA LEU E 303 0.97 -39.08 -15.13
C LEU E 303 1.20 -39.34 -13.65
N ILE E 304 1.72 -38.34 -12.92
CA ILE E 304 2.05 -38.55 -11.51
C ILE E 304 0.81 -38.82 -10.67
N ILE E 305 -0.35 -38.31 -11.11
CA ILE E 305 -1.58 -38.57 -10.38
C ILE E 305 -1.98 -40.03 -10.51
N LEU E 306 -1.84 -40.61 -11.71
CA LEU E 306 -2.29 -41.97 -11.95
C LEU E 306 -1.52 -42.97 -11.11
N VAL E 307 -0.20 -42.80 -10.98
CA VAL E 307 0.61 -43.78 -10.27
C VAL E 307 0.30 -43.75 -8.77
N ASN E 308 0.04 -42.56 -8.22
CA ASN E 308 -0.24 -42.46 -6.79
C ASN E 308 -1.60 -43.04 -6.44
N LEU E 309 -2.58 -42.87 -7.32
CA LEU E 309 -3.93 -43.36 -7.02
C LEU E 309 -3.96 -44.88 -6.91
N ILE E 310 -3.27 -45.58 -7.82
CA ILE E 310 -3.27 -47.04 -7.79
C ILE E 310 -2.57 -47.54 -6.53
N HIS E 311 -1.43 -46.94 -6.18
CA HIS E 311 -0.68 -47.39 -5.03
C HIS E 311 -1.42 -47.19 -3.71
N LEU E 312 -2.10 -46.05 -3.56
CA LEU E 312 -2.70 -45.73 -2.27
C LEU E 312 -3.85 -46.68 -1.93
N PHE E 313 -4.67 -47.03 -2.91
CA PHE E 313 -5.88 -47.80 -2.66
C PHE E 313 -5.74 -49.29 -2.90
N ILE E 314 -4.58 -49.76 -3.37
CA ILE E 314 -4.42 -51.17 -3.68
C ILE E 314 -3.24 -51.78 -2.93
N PHE E 315 -2.05 -51.27 -3.19
CA PHE E 315 -0.83 -51.91 -2.67
C PHE E 315 -0.59 -51.63 -1.19
N ARG E 316 -0.94 -50.44 -0.71
CA ARG E 316 -0.64 -50.07 0.66
C ARG E 316 -1.60 -50.77 1.62
N LYS E 317 -1.05 -51.60 2.51
CA LYS E 317 -1.83 -52.36 3.47
C LYS E 317 -1.47 -51.98 4.90
N SER E 318 -1.33 -50.68 5.17
CA SER E 318 -0.96 -50.20 6.50
C SER E 318 -1.85 -49.04 6.89
N ASN E 319 -2.22 -48.99 8.17
CA ASN E 319 -3.03 -47.92 8.73
C ASN E 319 -2.29 -47.32 9.92
N PHE E 320 -2.23 -45.99 9.97
CA PHE E 320 -1.50 -45.32 11.04
C PHE E 320 -2.13 -45.57 12.40
N ILE E 321 -3.46 -45.49 12.49
CA ILE E 321 -4.13 -45.65 13.77
C ILE E 321 -3.97 -47.07 14.29
N PHE E 322 -4.12 -48.07 13.42
CA PHE E 322 -4.01 -49.46 13.87
C PHE E 322 -2.61 -49.79 14.39
N ASP E 323 -1.59 -49.08 13.90
CA ASP E 323 -0.23 -49.36 14.33
C ASP E 323 0.03 -48.81 15.74
N LYS E 324 -0.51 -47.64 16.05
CA LYS E 324 -0.23 -46.96 17.30
C LYS E 324 -1.31 -47.17 18.36
N LEU E 325 -2.26 -48.07 18.13
CA LEU E 325 -3.31 -48.35 19.09
C LEU E 325 -3.05 -49.62 19.90
N HIS E 326 -2.56 -50.67 19.26
CA HIS E 326 -2.18 -51.92 19.90
C HIS E 326 -3.35 -52.61 20.61
N LYS E 327 -4.58 -52.22 20.28
CA LYS E 327 -5.76 -52.86 20.88
C LYS E 327 -6.88 -52.81 19.83
N VAL E 328 -6.98 -53.87 19.04
CA VAL E 328 -8.02 -53.99 18.03
C VAL E 328 -8.57 -55.41 18.07
N GLY E 329 -9.89 -55.53 17.94
CA GLY E 329 -10.51 -56.84 17.94
C GLY E 329 -10.30 -57.58 16.63
N ILE E 330 -10.54 -58.89 16.69
CA ILE E 330 -10.41 -59.72 15.49
C ILE E 330 -11.54 -59.45 14.50
N LYS E 331 -12.62 -58.81 14.94
CA LYS E 331 -13.72 -58.52 14.03
C LYS E 331 -13.34 -57.52 12.95
N THR E 332 -12.45 -56.58 13.27
CA THR E 332 -12.02 -55.56 12.32
C THR E 332 -10.88 -56.02 11.42
N ARG E 333 -10.40 -57.26 11.59
CA ARG E 333 -9.28 -57.73 10.78
C ARG E 333 -9.72 -58.05 9.35
N ARG E 334 -10.68 -58.97 9.19
CA ARG E 334 -11.08 -59.37 7.84
C ARG E 334 -11.78 -58.24 7.09
N GLN E 335 -12.46 -57.35 7.80
CA GLN E 335 -13.14 -56.23 7.15
C GLN E 335 -12.13 -55.31 6.46
N TRP E 336 -11.00 -55.03 7.13
CA TRP E 336 -10.03 -54.10 6.58
C TRP E 336 -9.30 -54.68 5.37
N ARG E 337 -9.03 -55.98 5.38
CA ARG E 337 -8.33 -56.61 4.26
C ARG E 337 -9.27 -57.04 3.13
N ARG E 338 -10.58 -56.85 3.29
CA ARG E 338 -11.51 -57.23 2.23
C ARG E 338 -11.66 -56.13 1.20
N SER E 339 -12.09 -54.95 1.64
CA SER E 339 -12.30 -53.81 0.75
C SER E 339 -11.51 -52.61 1.26
N GLN E 340 -10.90 -51.88 0.32
CA GLN E 340 -10.13 -50.69 0.66
C GLN E 340 -10.96 -49.42 0.62
N PHE E 341 -12.22 -49.48 0.18
CA PHE E 341 -13.11 -48.32 0.14
C PHE E 341 -13.72 -48.13 1.54
N CYS E 342 -12.86 -47.78 2.49
CA CYS E 342 -13.25 -47.64 3.88
C CYS E 342 -12.95 -46.23 4.35
N ASP E 343 -13.76 -45.74 5.29
CA ASP E 343 -13.65 -44.35 5.71
C ASP E 343 -12.43 -44.09 6.57
N ILE E 344 -12.00 -45.08 7.37
CA ILE E 344 -10.87 -44.84 8.27
C ILE E 344 -9.58 -44.70 7.46
N ASN E 345 -9.55 -45.22 6.24
CA ASN E 345 -8.35 -45.13 5.41
C ASN E 345 -8.01 -43.67 5.11
N ILE E 346 -9.02 -42.87 4.76
CA ILE E 346 -8.78 -41.45 4.50
C ILE E 346 -8.45 -40.72 5.80
N LEU E 347 -9.14 -41.09 6.90
CA LEU E 347 -8.88 -40.46 8.19
C LEU E 347 -7.48 -40.76 8.71
N ALA E 348 -6.90 -41.90 8.32
CA ALA E 348 -5.58 -42.26 8.81
C ALA E 348 -4.51 -41.26 8.36
N MET E 349 -4.59 -40.81 7.10
CA MET E 349 -3.57 -39.91 6.57
C MET E 349 -3.55 -38.58 7.32
N PHE E 350 -4.72 -38.03 7.61
CA PHE E 350 -4.78 -36.72 8.27
C PHE E 350 -4.22 -36.78 9.68
N CYS E 351 -4.49 -37.88 10.40
CA CYS E 351 -3.91 -38.05 11.73
C CYS E 351 -2.40 -38.13 11.67
N ASN E 352 -1.86 -38.83 10.66
CA ASN E 352 -0.42 -38.96 10.53
C ASN E 352 0.24 -37.61 10.28
N GLU E 353 -0.37 -36.78 9.43
CA GLU E 353 0.22 -35.48 9.12
C GLU E 353 0.03 -34.49 10.26
N ASN E 354 -0.87 -34.77 11.20
CA ASN E 354 -1.09 -33.94 12.37
C ASN E 354 -0.64 -34.62 13.66
N ARG E 355 0.44 -35.40 13.58
CA ARG E 355 0.97 -36.11 14.75
C ARG E 355 1.56 -35.17 15.79
N ASP E 356 1.76 -33.89 15.45
CA ASP E 356 2.29 -32.94 16.43
C ASP E 356 1.30 -32.71 17.56
N HIS E 357 0.01 -32.64 17.24
CA HIS E 357 -0.99 -32.24 18.23
C HIS E 357 -1.23 -33.31 19.30
N ILE E 358 -0.75 -34.53 19.10
CA ILE E 358 -0.85 -35.59 20.10
C ILE E 358 0.49 -35.73 20.80
N LYS E 359 0.47 -35.60 22.13
CA LYS E 359 1.70 -35.59 22.92
C LYS E 359 2.06 -36.96 23.49
N SER E 360 1.20 -37.97 23.29
CA SER E 360 1.47 -39.31 23.80
C SER E 360 2.04 -40.24 22.75
N LEU E 361 2.39 -39.72 21.57
CA LEU E 361 2.86 -40.57 20.49
C LEU E 361 4.20 -41.21 20.83
N ASN E 362 5.17 -40.41 21.27
CA ASN E 362 6.50 -40.94 21.54
C ASN E 362 6.49 -41.89 22.73
N ARG E 363 5.75 -41.55 23.79
CA ARG E 363 5.70 -42.42 24.97
C ARG E 363 5.04 -43.75 24.66
N LEU E 364 3.95 -43.72 23.89
CA LEU E 364 3.25 -44.96 23.56
C LEU E 364 4.05 -45.82 22.59
N ASP E 365 4.75 -45.19 21.65
CA ASP E 365 5.52 -45.94 20.66
C ASP E 365 6.65 -46.73 21.32
N PHE E 366 7.33 -46.13 22.29
CA PHE E 366 8.43 -46.81 22.98
C PHE E 366 7.95 -47.96 23.86
N ILE E 367 6.65 -47.99 24.19
CA ILE E 367 6.14 -49.05 25.05
C ILE E 367 6.25 -50.41 24.35
N THR E 368 5.89 -50.46 23.07
CA THR E 368 5.96 -51.71 22.31
C THR E 368 7.40 -52.06 21.95
N GLY F 35 2.64 -19.77 31.82
CA GLY F 35 3.45 -20.06 30.65
C GLY F 35 3.28 -19.03 29.54
N ALA F 36 2.98 -17.79 29.93
CA ALA F 36 2.81 -16.72 28.94
C ALA F 36 4.11 -16.44 28.19
N LEU F 37 5.24 -16.43 28.91
CA LEU F 37 6.51 -16.19 28.26
C LEU F 37 6.85 -17.30 27.26
N ALA F 38 6.62 -18.55 27.64
CA ALA F 38 6.85 -19.65 26.71
C ALA F 38 5.92 -19.60 25.51
N ALA F 39 4.64 -19.25 25.74
CA ALA F 39 3.68 -19.17 24.65
C ALA F 39 4.05 -18.06 23.67
N LEU F 40 4.51 -16.91 24.18
CA LEU F 40 4.88 -15.80 23.30
C LEU F 40 6.08 -16.13 22.43
N LEU F 41 7.02 -16.91 22.96
CA LEU F 41 8.23 -17.31 22.23
C LEU F 41 8.17 -18.77 21.82
N LEU F 42 6.97 -19.26 21.46
CA LEU F 42 6.78 -20.66 21.11
C LEU F 42 7.33 -21.02 19.74
N GLN F 43 7.76 -20.04 18.96
CA GLN F 43 8.30 -20.34 17.63
C GLN F 43 9.67 -21.00 17.77
N LEU F 44 9.86 -22.12 17.08
CA LEU F 44 11.11 -22.86 17.11
C LEU F 44 11.80 -22.74 15.76
N LYS F 45 13.08 -22.38 15.77
CA LYS F 45 13.85 -22.34 14.53
C LYS F 45 13.97 -23.75 13.96
N LEU F 46 13.71 -23.87 12.66
CA LEU F 46 13.75 -25.16 11.97
C LEU F 46 14.49 -24.99 10.63
N GLU F 47 15.59 -24.26 10.66
CA GLU F 47 16.36 -23.99 9.45
C GLU F 47 17.77 -23.62 9.85
N LEU F 48 18.75 -24.43 9.47
CA LEU F 48 20.12 -24.17 9.83
C LEU F 48 20.65 -22.93 9.11
N PRO F 49 21.56 -22.18 9.73
CA PRO F 49 22.12 -20.99 9.06
C PRO F 49 22.82 -21.29 7.76
N PHE F 50 23.41 -22.48 7.61
CA PHE F 50 24.09 -22.82 6.37
C PHE F 50 23.11 -22.85 5.19
N ASP F 51 21.90 -23.37 5.41
CA ASP F 51 20.89 -23.36 4.36
C ASP F 51 20.53 -21.93 3.96
N ARG F 52 20.40 -21.03 4.95
CA ARG F 52 20.11 -19.64 4.65
C ARG F 52 21.23 -19.00 3.84
N VAL F 53 22.48 -19.28 4.21
CA VAL F 53 23.61 -18.73 3.46
C VAL F 53 23.61 -19.23 2.02
N VAL F 54 23.37 -20.53 1.84
CA VAL F 54 23.34 -21.08 0.49
C VAL F 54 22.21 -20.45 -0.33
N THR F 55 21.03 -20.32 0.27
CA THR F 55 19.91 -19.71 -0.45
C THR F 55 20.21 -18.28 -0.86
N ILE F 56 20.75 -17.47 0.07
CA ILE F 56 21.06 -16.09 -0.24
C ILE F 56 22.12 -16.01 -1.33
N GLY F 57 23.14 -16.86 -1.25
CA GLY F 57 24.21 -16.81 -2.24
C GLY F 57 23.83 -17.37 -3.60
N THR F 58 22.78 -18.19 -3.67
CA THR F 58 22.44 -18.85 -4.92
C THR F 58 21.24 -18.25 -5.63
N VAL F 59 20.15 -17.97 -4.93
CA VAL F 59 18.88 -17.64 -5.56
C VAL F 59 18.64 -16.13 -5.60
N LEU F 60 18.85 -15.44 -4.47
CA LEU F 60 18.40 -14.05 -4.36
C LEU F 60 19.18 -13.12 -5.29
N VAL F 61 20.50 -13.29 -5.38
CA VAL F 61 21.31 -12.36 -6.17
C VAL F 61 20.95 -12.37 -7.66
N PRO F 62 20.79 -13.52 -8.32
CA PRO F 62 20.44 -13.49 -9.74
C PRO F 62 19.16 -12.75 -10.04
N ILE F 63 18.17 -12.77 -9.15
CA ILE F 63 16.94 -12.01 -9.38
C ILE F 63 17.24 -10.52 -9.40
N LEU F 64 18.09 -10.05 -8.49
CA LEU F 64 18.47 -8.63 -8.50
C LEU F 64 19.22 -8.27 -9.77
N LEU F 65 20.14 -9.14 -10.21
CA LEU F 65 20.85 -8.86 -11.45
C LEU F 65 19.92 -8.81 -12.65
N VAL F 66 18.96 -9.74 -12.71
CA VAL F 66 18.00 -9.77 -13.82
C VAL F 66 17.14 -8.52 -13.82
N THR F 67 16.66 -8.09 -12.64
CA THR F 67 15.82 -6.89 -12.61
C THR F 67 16.63 -5.64 -12.95
N LEU F 68 17.92 -5.59 -12.57
CA LEU F 68 18.76 -4.49 -12.99
C LEU F 68 18.93 -4.46 -14.50
N VAL F 69 19.15 -5.64 -15.11
CA VAL F 69 19.30 -5.72 -16.56
C VAL F 69 18.02 -5.27 -17.25
N PHE F 70 16.86 -5.72 -16.75
CA PHE F 70 15.59 -5.32 -17.34
C PHE F 70 15.37 -3.83 -17.24
N THR F 71 15.68 -3.24 -16.07
CA THR F 71 15.51 -1.80 -15.90
C THR F 71 16.40 -1.02 -16.86
N LYS F 72 17.65 -1.47 -17.03
CA LYS F 72 18.54 -0.79 -17.97
C LYS F 72 18.04 -0.97 -19.40
N ASN F 73 17.55 -2.16 -19.74
CA ASN F 73 17.19 -2.46 -21.13
C ASN F 73 15.89 -1.78 -21.55
N PHE F 74 15.00 -1.47 -20.60
CA PHE F 74 13.75 -0.80 -20.93
C PHE F 74 13.85 0.72 -20.82
N ALA F 75 15.01 1.30 -21.11
CA ALA F 75 15.18 2.74 -21.07
C ALA F 75 15.75 3.30 -22.37
N GLU F 76 15.76 2.52 -23.45
CA GLU F 76 16.30 2.96 -24.72
C GLU F 76 15.62 2.19 -25.85
N GLU F 77 15.81 2.69 -27.07
CA GLU F 77 15.29 1.99 -28.24
C GLU F 77 16.07 0.69 -28.47
N PRO F 78 15.43 -0.31 -29.08
CA PRO F 78 16.11 -1.61 -29.22
C PRO F 78 17.25 -1.61 -30.22
N ILE F 79 17.07 -1.01 -31.39
CA ILE F 79 18.05 -1.08 -32.47
C ILE F 79 18.18 0.27 -33.16
N TYR F 80 19.42 0.65 -33.46
CA TYR F 80 19.74 1.87 -34.21
C TYR F 80 20.46 1.46 -35.48
N CYS F 81 20.03 1.98 -36.63
CA CYS F 81 20.82 1.81 -37.84
C CYS F 81 20.37 2.76 -38.95
N TYR F 82 21.09 2.68 -40.07
CA TYR F 82 21.15 3.65 -41.14
C TYR F 82 19.96 3.46 -42.09
N THR F 83 19.77 4.42 -42.99
CA THR F 83 18.67 4.40 -43.94
C THR F 83 19.04 5.26 -45.14
N PRO F 84 18.81 4.77 -46.36
CA PRO F 84 19.17 5.56 -47.55
C PRO F 84 18.38 6.87 -47.63
N HIS F 85 18.75 7.68 -48.62
CA HIS F 85 18.20 9.03 -48.72
C HIS F 85 16.77 9.01 -49.27
N ASN F 86 16.48 8.11 -50.20
CA ASN F 86 15.18 8.11 -50.87
C ASN F 86 14.05 7.63 -49.96
N PHE F 87 14.37 6.93 -48.87
CA PHE F 87 13.34 6.37 -48.00
C PHE F 87 12.57 7.47 -47.29
N THR F 88 11.27 7.25 -47.11
CA THR F 88 10.44 8.12 -46.30
C THR F 88 10.48 7.61 -44.85
N ARG F 89 9.61 8.17 -44.00
CA ARG F 89 9.64 7.80 -42.58
C ARG F 89 9.07 6.41 -42.35
N ASP F 90 7.94 6.09 -42.97
CA ASP F 90 7.29 4.80 -42.73
C ASP F 90 8.15 3.65 -43.23
N GLN F 91 8.79 3.80 -44.38
CA GLN F 91 9.66 2.74 -44.89
C GLN F 91 10.86 2.54 -43.97
N ALA F 92 11.39 3.63 -43.41
CA ALA F 92 12.49 3.50 -42.46
C ALA F 92 12.03 2.76 -41.20
N LEU F 93 10.83 3.06 -40.72
CA LEU F 93 10.30 2.34 -39.55
C LEU F 93 10.15 0.86 -39.85
N TYR F 94 9.62 0.53 -41.04
CA TYR F 94 9.51 -0.88 -41.42
C TYR F 94 10.87 -1.54 -41.50
N ALA F 95 11.87 -0.83 -42.04
CA ALA F 95 13.20 -1.41 -42.14
C ALA F 95 13.77 -1.73 -40.78
N ARG F 96 13.65 -0.79 -39.83
CA ARG F 96 14.11 -1.04 -38.46
C ARG F 96 13.40 -2.24 -37.86
N GLY F 97 12.06 -2.26 -37.96
CA GLY F 97 11.31 -3.33 -37.34
C GLY F 97 11.60 -4.69 -37.94
N TYR F 98 11.69 -4.76 -39.27
CA TYR F 98 11.96 -6.03 -39.95
C TYR F 98 13.35 -6.54 -39.62
N CYS F 99 14.35 -5.65 -39.61
CA CYS F 99 15.71 -6.08 -39.31
C CYS F 99 15.86 -6.47 -37.84
N TRP F 100 15.02 -5.91 -36.96
CA TRP F 100 15.02 -6.37 -35.57
C TRP F 100 14.33 -7.71 -35.43
N THR F 101 13.23 -7.92 -36.14
CA THR F 101 12.45 -9.15 -35.97
C THR F 101 13.17 -10.35 -36.59
N GLU F 102 13.69 -10.19 -37.81
CA GLU F 102 14.36 -11.32 -38.47
C GLU F 102 15.64 -11.70 -37.73
N LEU F 103 16.50 -10.71 -37.46
CA LEU F 103 17.74 -10.92 -36.73
C LEU F 103 18.60 -11.98 -37.40
N ARG F 104 18.91 -11.76 -38.67
CA ARG F 104 19.70 -12.68 -39.47
C ARG F 104 20.82 -11.91 -40.17
N ASP F 105 22.01 -12.48 -40.18
CA ASP F 105 23.17 -11.87 -40.82
C ASP F 105 23.14 -12.16 -42.32
N ALA F 106 24.11 -11.59 -43.03
CA ALA F 106 24.23 -11.80 -44.47
C ALA F 106 25.69 -11.63 -44.86
N LEU F 107 26.10 -12.35 -45.90
CA LEU F 107 27.46 -12.30 -46.42
C LEU F 107 27.43 -12.33 -47.93
N PRO F 108 28.42 -11.73 -48.59
CA PRO F 108 28.44 -11.76 -50.05
C PRO F 108 28.85 -13.12 -50.59
N GLY F 109 28.18 -13.54 -51.66
CA GLY F 109 28.51 -14.78 -52.33
C GLY F 109 28.06 -16.04 -51.65
N VAL F 110 27.25 -15.94 -50.59
CA VAL F 110 26.76 -17.08 -49.84
C VAL F 110 25.24 -17.05 -49.84
N ASP F 111 24.63 -18.19 -50.11
CA ASP F 111 23.18 -18.28 -50.10
C ASP F 111 22.64 -18.16 -48.68
N ALA F 112 21.33 -17.94 -48.57
CA ALA F 112 20.70 -17.71 -47.29
C ALA F 112 20.69 -18.95 -46.39
N SER F 113 21.00 -20.13 -46.92
CA SER F 113 20.94 -21.35 -46.13
C SER F 113 22.05 -21.44 -45.10
N LEU F 114 23.11 -20.63 -45.22
CA LEU F 114 24.25 -20.70 -44.31
C LEU F 114 24.49 -19.38 -43.57
N TRP F 115 23.49 -18.53 -43.47
CA TRP F 115 23.65 -17.24 -42.82
C TRP F 115 23.63 -17.40 -41.31
N PRO F 116 24.64 -16.92 -40.59
CA PRO F 116 24.66 -17.06 -39.13
C PRO F 116 23.56 -16.26 -38.47
N SER F 117 23.18 -16.71 -37.27
CA SER F 117 22.12 -16.08 -36.49
C SER F 117 22.69 -15.55 -35.17
N LEU F 118 21.93 -14.66 -34.55
CA LEU F 118 22.29 -14.04 -33.27
C LEU F 118 21.10 -14.04 -32.32
N PHE F 119 20.43 -15.19 -32.20
CA PHE F 119 19.13 -15.24 -31.56
C PHE F 119 19.21 -14.98 -30.06
N GLU F 120 20.15 -15.61 -29.36
CA GLU F 120 20.14 -15.59 -27.90
C GLU F 120 20.41 -14.21 -27.31
N HIS F 121 20.92 -13.27 -28.11
CA HIS F 121 21.05 -11.89 -27.64
C HIS F 121 19.71 -11.30 -27.24
N LYS F 122 18.61 -11.82 -27.79
CA LYS F 122 17.27 -11.39 -27.44
C LYS F 122 16.62 -12.28 -26.39
N PHE F 123 17.16 -13.48 -26.17
CA PHE F 123 16.54 -14.49 -25.32
C PHE F 123 17.23 -14.67 -23.96
N LEU F 124 18.40 -14.06 -23.77
CA LEU F 124 19.16 -14.31 -22.54
C LEU F 124 18.41 -13.99 -21.26
N PRO F 125 17.76 -12.83 -21.09
CA PRO F 125 17.14 -12.53 -19.78
C PRO F 125 16.09 -13.53 -19.34
N TYR F 126 15.28 -14.05 -20.27
CA TYR F 126 14.28 -15.04 -19.90
C TYR F 126 14.92 -16.34 -19.44
N ALA F 127 16.00 -16.75 -20.11
CA ALA F 127 16.74 -17.92 -19.65
C ALA F 127 17.33 -17.70 -18.27
N LEU F 128 17.84 -16.49 -18.00
CA LEU F 128 18.36 -16.19 -16.67
C LEU F 128 17.26 -16.27 -15.61
N LEU F 129 16.08 -15.73 -15.93
CA LEU F 129 14.96 -15.82 -15.00
C LEU F 129 14.57 -17.28 -14.73
N ALA F 130 14.50 -18.09 -15.78
CA ALA F 130 14.16 -19.50 -15.60
C ALA F 130 15.21 -20.23 -14.76
N PHE F 131 16.49 -19.95 -15.01
CA PHE F 131 17.55 -20.61 -14.24
C PHE F 131 17.59 -20.13 -12.80
N ALA F 132 17.19 -18.90 -12.52
CA ALA F 132 17.08 -18.44 -11.15
C ALA F 132 15.86 -19.04 -10.44
N ALA F 133 14.80 -19.33 -11.19
CA ALA F 133 13.59 -19.87 -10.57
C ALA F 133 13.64 -21.38 -10.37
N ILE F 134 14.39 -22.10 -11.21
CA ILE F 134 14.39 -23.56 -11.11
C ILE F 134 15.09 -24.03 -9.84
N MET F 135 16.13 -23.32 -9.40
CA MET F 135 17.01 -23.78 -8.32
C MET F 135 16.34 -23.71 -6.95
N TYR F 136 15.08 -23.31 -6.88
CA TYR F 136 14.36 -23.16 -5.62
C TYR F 136 13.59 -24.41 -5.21
N VAL F 137 13.66 -25.48 -6.01
CA VAL F 137 12.90 -26.70 -5.69
C VAL F 137 13.35 -27.35 -4.38
N PRO F 138 14.65 -27.60 -4.15
CA PRO F 138 15.04 -28.33 -2.93
C PRO F 138 14.62 -27.65 -1.63
N ALA F 139 14.66 -26.32 -1.59
CA ALA F 139 14.26 -25.61 -0.37
C ALA F 139 12.80 -25.86 -0.05
N LEU F 140 11.95 -25.90 -1.07
CA LEU F 140 10.54 -26.20 -0.85
C LEU F 140 10.33 -27.67 -0.51
N GLY F 141 11.07 -28.56 -1.16
CA GLY F 141 10.92 -29.98 -0.90
C GLY F 141 11.31 -30.37 0.51
N TRP F 142 12.40 -29.79 1.02
CA TRP F 142 12.82 -30.08 2.39
C TRP F 142 11.74 -29.66 3.38
N GLU F 143 11.14 -28.49 3.18
CA GLU F 143 10.06 -28.06 4.06
C GLU F 143 8.88 -29.01 3.98
N PHE F 144 8.48 -29.37 2.76
CA PHE F 144 7.31 -30.25 2.60
C PHE F 144 7.55 -31.61 3.24
N LEU F 145 8.79 -32.09 3.21
CA LEU F 145 9.09 -33.42 3.72
C LEU F 145 9.47 -33.45 5.19
N ALA F 146 9.80 -32.30 5.80
CA ALA F 146 10.18 -32.34 7.21
C ALA F 146 9.59 -31.20 8.04
N SER F 147 8.44 -30.65 7.65
CA SER F 147 7.81 -29.62 8.46
C SER F 147 7.35 -30.16 9.81
N THR F 148 6.77 -31.36 9.83
CA THR F 148 6.03 -31.84 10.99
C THR F 148 6.83 -32.82 11.86
N ARG F 149 7.53 -33.77 11.25
CA ARG F 149 8.17 -34.83 12.02
C ARG F 149 9.25 -34.29 12.94
N LEU F 150 10.09 -33.38 12.44
CA LEU F 150 11.18 -32.86 13.25
C LEU F 150 10.65 -32.05 14.43
N THR F 151 9.66 -31.20 14.20
CA THR F 151 9.12 -30.38 15.27
C THR F 151 8.28 -31.20 16.26
N SER F 152 7.75 -32.35 15.83
CA SER F 152 7.09 -33.24 16.78
C SER F 152 8.09 -34.01 17.63
N GLU F 153 9.20 -34.45 17.02
CA GLU F 153 10.17 -35.25 17.74
C GLU F 153 11.03 -34.41 18.68
N LEU F 154 11.37 -33.19 18.30
CA LEU F 154 12.25 -32.36 19.12
C LEU F 154 11.63 -31.97 20.45
N ASN F 155 10.30 -31.91 20.52
CA ASN F 155 9.63 -31.53 21.77
C ASN F 155 9.90 -32.53 22.88
N PHE F 156 9.97 -33.82 22.55
CA PHE F 156 10.26 -34.83 23.58
C PHE F 156 11.64 -34.60 24.19
N LEU F 157 12.64 -34.35 23.35
CA LEU F 157 14.00 -34.12 23.86
C LEU F 157 14.07 -32.83 24.67
N LEU F 158 13.37 -31.78 24.23
CA LEU F 158 13.35 -30.55 25.01
C LEU F 158 12.62 -30.73 26.34
N GLN F 159 11.60 -31.58 26.37
CA GLN F 159 10.82 -31.78 27.59
C GLN F 159 11.57 -32.64 28.60
N GLU F 160 12.31 -33.66 28.12
CA GLU F 160 12.93 -34.61 29.03
C GLU F 160 14.08 -34.02 29.83
N ILE F 161 14.52 -32.79 29.52
CA ILE F 161 15.66 -32.20 30.22
C ILE F 161 15.36 -32.07 31.71
N ASP F 162 14.11 -31.76 32.07
CA ASP F 162 13.73 -31.66 33.48
C ASP F 162 13.92 -33.00 34.19
N ASN F 163 13.56 -34.09 33.53
CA ASN F 163 13.72 -35.41 34.16
C ASN F 163 15.19 -35.74 34.40
N CYS F 164 16.06 -35.41 33.45
CA CYS F 164 17.47 -35.71 33.59
C CYS F 164 18.21 -34.75 34.51
N TYR F 165 17.55 -33.67 34.94
CA TYR F 165 18.19 -32.73 35.86
C TYR F 165 18.48 -33.38 37.21
N HIS F 166 17.53 -34.18 37.71
CA HIS F 166 17.70 -34.85 38.99
C HIS F 166 18.46 -36.16 38.83
N ASN F 208 14.23 -45.88 33.18
CA ASN F 208 15.18 -45.88 32.08
C ASN F 208 14.49 -45.67 30.73
N LEU F 209 13.53 -44.73 30.70
CA LEU F 209 12.82 -44.43 29.46
C LEU F 209 13.76 -43.87 28.41
N PHE F 210 14.63 -42.94 28.80
CA PHE F 210 15.61 -42.39 27.85
C PHE F 210 16.75 -43.36 27.57
N GLU F 211 17.10 -44.21 28.54
CA GLU F 211 18.20 -45.14 28.34
C GLU F 211 17.92 -46.08 27.17
N LYS F 212 16.69 -46.60 27.08
CA LYS F 212 16.31 -47.43 25.94
C LYS F 212 15.89 -46.60 24.74
N TYR F 213 15.63 -45.30 24.92
CA TYR F 213 15.18 -44.47 23.80
C TYR F 213 16.28 -44.32 22.76
N LEU F 214 17.53 -44.10 23.19
CA LEU F 214 18.61 -43.90 22.24
C LEU F 214 18.94 -45.17 21.47
N GLU F 215 18.68 -46.33 22.05
CA GLU F 215 18.95 -47.58 21.35
C GLU F 215 18.10 -47.71 20.09
N ARG F 216 16.81 -47.41 20.19
CA ARG F 216 15.94 -47.46 19.02
C ARG F 216 16.17 -46.26 18.11
N ARG F 217 16.31 -45.06 18.69
CA ARG F 217 16.44 -43.85 17.88
C ARG F 217 17.79 -43.78 17.18
N GLY F 218 18.84 -44.30 17.81
CA GLY F 218 20.18 -44.20 17.25
C GLY F 218 20.46 -45.12 16.08
N ARG F 219 19.56 -46.06 15.80
CA ARG F 219 19.75 -47.00 14.70
C ARG F 219 18.90 -46.66 13.49
N SER F 220 18.21 -45.53 13.51
CA SER F 220 17.43 -45.06 12.37
C SER F 220 18.27 -44.09 11.55
N ASN F 221 18.14 -44.18 10.22
CA ASN F 221 18.93 -43.36 9.31
C ASN F 221 18.04 -42.66 8.28
N PHE F 222 16.80 -42.38 8.62
CA PHE F 222 15.89 -41.74 7.67
C PHE F 222 16.28 -40.28 7.44
N LEU F 223 16.53 -39.54 8.53
CA LEU F 223 16.91 -38.13 8.39
C LEU F 223 18.24 -37.98 7.67
N ALA F 224 19.20 -38.85 7.99
CA ALA F 224 20.49 -38.80 7.29
C ALA F 224 20.34 -39.12 5.81
N LYS F 225 19.45 -40.05 5.47
CA LYS F 225 19.20 -40.37 4.08
C LYS F 225 18.47 -39.25 3.34
N LEU F 226 17.92 -38.27 4.06
CA LEU F 226 17.23 -37.14 3.45
C LEU F 226 18.08 -35.89 3.40
N TYR F 227 18.83 -35.60 4.45
CA TYR F 227 19.69 -34.42 4.46
C TYR F 227 20.79 -34.54 3.41
N LEU F 228 21.34 -35.74 3.23
CA LEU F 228 22.35 -35.96 2.20
C LEU F 228 21.77 -35.76 0.81
N ALA F 229 20.54 -36.20 0.60
CA ALA F 229 19.93 -36.11 -0.73
C ALA F 229 19.70 -34.66 -1.14
N ARG F 230 19.33 -33.79 -0.19
CA ARG F 230 19.06 -32.40 -0.52
C ARG F 230 20.31 -31.69 -1.02
N HIS F 231 21.44 -31.93 -0.38
CA HIS F 231 22.66 -31.21 -0.75
C HIS F 231 23.24 -31.72 -2.07
N VAL F 232 23.24 -33.04 -2.28
CA VAL F 232 23.81 -33.59 -3.50
C VAL F 232 22.96 -33.20 -4.71
N LEU F 233 21.65 -33.03 -4.52
CA LEU F 233 20.79 -32.65 -5.63
C LEU F 233 21.06 -31.22 -6.10
N ILE F 234 21.51 -30.35 -5.20
CA ILE F 234 21.89 -29.00 -5.60
C ILE F 234 23.07 -29.04 -6.56
N LEU F 235 24.05 -29.90 -6.28
CA LEU F 235 25.23 -30.00 -7.13
C LEU F 235 24.87 -30.47 -8.54
N LEU F 236 23.93 -31.41 -8.65
CA LEU F 236 23.58 -31.96 -9.96
C LEU F 236 22.89 -30.92 -10.83
N LEU F 237 21.94 -30.18 -10.27
CA LEU F 237 21.23 -29.16 -11.05
C LEU F 237 22.08 -27.95 -11.35
N SER F 238 23.26 -27.83 -10.73
CA SER F 238 24.15 -26.70 -10.99
C SER F 238 24.99 -26.88 -12.24
N ALA F 239 24.91 -28.04 -12.89
CA ALA F 239 25.69 -28.27 -14.11
C ALA F 239 25.04 -27.66 -15.33
N VAL F 240 23.75 -27.34 -15.28
CA VAL F 240 23.04 -26.76 -16.42
C VAL F 240 23.37 -25.27 -16.56
N PRO F 241 23.20 -24.44 -15.52
CA PRO F 241 23.50 -23.02 -15.70
C PRO F 241 24.96 -22.73 -16.03
N ILE F 242 25.89 -23.52 -15.48
CA ILE F 242 27.31 -23.29 -15.77
C ILE F 242 27.63 -23.64 -17.21
N SER F 243 27.07 -24.73 -17.71
CA SER F 243 27.40 -25.18 -19.07
C SER F 243 26.93 -24.19 -20.12
N TYR F 244 25.72 -23.65 -19.96
CA TYR F 244 25.17 -22.76 -20.99
C TYR F 244 25.84 -21.40 -20.95
N LEU F 245 26.08 -20.84 -19.76
CA LEU F 245 26.69 -19.53 -19.67
C LEU F 245 28.15 -19.55 -20.10
N CYS F 246 28.86 -20.65 -19.82
CA CYS F 246 30.26 -20.74 -20.21
C CYS F 246 30.41 -20.75 -21.73
N THR F 247 29.52 -21.44 -22.44
CA THR F 247 29.60 -21.50 -23.90
C THR F 247 29.04 -20.26 -24.58
N TYR F 248 28.48 -19.33 -23.82
CA TYR F 248 28.00 -18.06 -24.36
C TYR F 248 28.98 -16.92 -24.17
N TYR F 249 29.79 -16.96 -23.11
CA TYR F 249 30.71 -15.86 -22.82
C TYR F 249 31.85 -15.79 -23.82
N ALA F 250 32.30 -16.93 -24.34
CA ALA F 250 33.49 -16.98 -25.17
C ALA F 250 33.21 -17.54 -26.57
N THR F 251 31.99 -17.37 -27.06
CA THR F 251 31.63 -17.82 -28.39
C THR F 251 31.13 -16.69 -29.29
N GLN F 252 30.28 -15.81 -28.77
CA GLN F 252 29.64 -14.76 -29.55
C GLN F 252 30.16 -13.40 -29.11
N LYS F 253 30.86 -12.72 -30.02
CA LYS F 253 31.33 -11.36 -29.78
C LYS F 253 30.87 -10.38 -30.84
N GLN F 254 30.04 -10.82 -31.80
CA GLN F 254 29.61 -9.94 -32.87
C GLN F 254 28.69 -8.84 -32.35
N ASN F 255 28.80 -7.66 -32.96
CA ASN F 255 27.97 -6.52 -32.58
C ASN F 255 27.32 -5.82 -33.77
N GLU F 256 27.82 -6.00 -34.99
CA GLU F 256 27.25 -5.39 -36.18
C GLU F 256 27.01 -6.46 -37.23
N PHE F 257 26.01 -6.21 -38.09
CA PHE F 257 25.70 -7.12 -39.18
C PHE F 257 25.04 -6.34 -40.30
N THR F 258 25.00 -6.96 -41.48
CA THR F 258 24.44 -6.33 -42.68
C THR F 258 23.10 -6.96 -42.97
N CYS F 259 22.04 -6.40 -42.37
CA CYS F 259 20.69 -6.86 -42.63
C CYS F 259 20.31 -6.59 -44.08
N ALA F 260 19.64 -7.56 -44.71
CA ALA F 260 19.26 -7.47 -46.12
C ALA F 260 17.77 -7.78 -46.23
N LEU F 261 16.95 -6.74 -46.34
CA LEU F 261 15.52 -6.89 -46.52
C LEU F 261 15.20 -6.96 -48.00
N GLY F 262 14.43 -7.98 -48.39
CA GLY F 262 14.09 -8.14 -49.80
C GLY F 262 12.64 -7.81 -50.13
N ALA F 263 12.42 -6.63 -50.70
CA ALA F 263 11.12 -6.22 -51.20
C ALA F 263 11.26 -4.92 -51.99
N SER F 264 10.63 -4.82 -53.16
CA SER F 264 10.62 -3.59 -53.94
C SER F 264 9.24 -3.33 -54.52
N PRO F 265 8.24 -3.01 -53.67
CA PRO F 265 6.96 -2.53 -54.22
C PRO F 265 7.07 -1.09 -54.69
N ASP F 266 7.61 -0.88 -55.88
CA ASP F 266 7.74 0.47 -56.41
C ASP F 266 6.38 1.07 -56.78
N PRO F 273 17.52 -6.87 -56.52
CA PRO F 273 17.82 -5.44 -56.38
C PRO F 273 17.42 -4.90 -55.02
N ALA F 274 17.37 -5.77 -54.01
CA ALA F 274 17.01 -5.37 -52.67
C ALA F 274 18.09 -4.50 -52.05
N VAL F 275 17.65 -3.55 -51.23
CA VAL F 275 18.60 -2.65 -50.55
C VAL F 275 19.24 -3.38 -49.38
N ARG F 276 20.33 -2.80 -48.88
CA ARG F 276 21.09 -3.38 -47.77
C ARG F 276 21.41 -2.29 -46.75
N VAL F 277 21.25 -2.64 -45.47
CA VAL F 277 21.57 -1.74 -44.36
C VAL F 277 22.41 -2.50 -43.35
N SER F 278 23.16 -1.74 -42.55
CA SER F 278 23.99 -2.29 -41.49
C SER F 278 23.50 -1.76 -40.15
N CYS F 279 23.23 -2.65 -39.20
CA CYS F 279 22.60 -2.27 -37.96
C CYS F 279 23.48 -2.63 -36.75
N LYS F 280 23.18 -1.96 -35.64
CA LYS F 280 23.96 -2.03 -34.41
C LYS F 280 23.05 -2.42 -33.25
N LEU F 281 23.58 -3.23 -32.33
CA LEU F 281 22.82 -3.70 -31.18
C LEU F 281 23.38 -3.10 -29.90
N PRO F 282 22.75 -2.07 -29.34
CA PRO F 282 23.25 -1.50 -28.09
C PRO F 282 22.71 -2.19 -26.85
N SER F 283 22.72 -3.52 -26.84
CA SER F 283 22.26 -4.29 -25.68
C SER F 283 23.18 -5.49 -25.45
N VAL F 284 24.46 -5.35 -25.80
CA VAL F 284 25.40 -6.46 -25.69
C VAL F 284 26.58 -6.16 -24.78
N GLN F 285 26.94 -4.89 -24.54
CA GLN F 285 28.10 -4.59 -23.73
C GLN F 285 27.86 -4.77 -22.24
N LEU F 286 26.61 -4.83 -21.81
CA LEU F 286 26.28 -5.02 -20.40
C LEU F 286 25.92 -6.46 -20.07
N GLN F 287 25.23 -7.16 -20.97
CA GLN F 287 24.91 -8.56 -20.73
C GLN F 287 26.15 -9.44 -20.74
N ARG F 288 27.26 -8.96 -21.31
CA ARG F 288 28.50 -9.72 -21.27
C ARG F 288 29.09 -9.75 -19.86
N ILE F 289 29.04 -8.61 -19.17
CA ILE F 289 29.62 -8.53 -17.83
C ILE F 289 28.79 -9.33 -16.83
N ILE F 290 27.46 -9.25 -16.93
CA ILE F 290 26.59 -9.95 -15.99
C ILE F 290 26.78 -11.46 -16.13
N ALA F 291 26.93 -11.95 -17.36
CA ALA F 291 27.14 -13.37 -17.56
C ALA F 291 28.50 -13.85 -17.08
N GLY F 292 29.41 -12.94 -16.76
CA GLY F 292 30.71 -13.32 -16.24
C GLY F 292 30.74 -13.38 -14.73
N VAL F 293 30.08 -12.42 -14.07
CA VAL F 293 30.01 -12.42 -12.62
C VAL F 293 29.23 -13.63 -12.11
N ASP F 294 28.11 -13.94 -12.77
CA ASP F 294 27.27 -15.04 -12.32
C ASP F 294 27.99 -16.38 -12.38
N ILE F 295 28.97 -16.52 -13.27
CA ILE F 295 29.73 -17.76 -13.34
C ILE F 295 30.59 -17.94 -12.10
N VAL F 296 31.29 -16.89 -11.68
CA VAL F 296 32.17 -16.99 -10.51
C VAL F 296 31.36 -17.20 -9.24
N LEU F 297 30.29 -16.42 -9.07
CA LEU F 297 29.50 -16.50 -7.84
C LEU F 297 28.86 -17.87 -7.66
N LEU F 298 28.34 -18.44 -8.76
CA LEU F 298 27.69 -19.74 -8.66
C LEU F 298 28.69 -20.87 -8.50
N CYS F 299 29.93 -20.69 -8.98
CA CYS F 299 30.93 -21.74 -8.87
C CYS F 299 31.49 -21.84 -7.46
N VAL F 300 31.63 -20.71 -6.76
CA VAL F 300 32.15 -20.72 -5.40
C VAL F 300 31.22 -21.46 -4.47
N MET F 301 29.90 -21.21 -4.59
CA MET F 301 28.94 -21.91 -3.73
C MET F 301 28.93 -23.40 -3.98
N ASN F 302 29.32 -23.83 -5.19
CA ASN F 302 29.42 -25.26 -5.47
C ASN F 302 30.57 -25.89 -4.70
N LEU F 303 31.68 -25.17 -4.57
CA LEU F 303 32.85 -25.71 -3.87
C LEU F 303 32.64 -25.73 -2.37
N ILE F 304 32.02 -24.68 -1.80
CA ILE F 304 31.87 -24.58 -0.36
C ILE F 304 30.96 -25.68 0.17
N ILE F 305 30.04 -26.18 -0.65
CA ILE F 305 29.16 -27.27 -0.22
C ILE F 305 29.95 -28.56 -0.06
N LEU F 306 30.89 -28.83 -0.98
CA LEU F 306 31.61 -30.09 -0.95
C LEU F 306 32.48 -30.22 0.30
N VAL F 307 33.15 -29.14 0.70
CA VAL F 307 34.07 -29.21 1.83
C VAL F 307 33.30 -29.42 3.14
N ASN F 308 32.13 -28.79 3.27
CA ASN F 308 31.36 -28.93 4.51
C ASN F 308 30.77 -30.32 4.65
N LEU F 309 30.37 -30.93 3.54
CA LEU F 309 29.75 -32.26 3.60
C LEU F 309 30.73 -33.30 4.11
N ILE F 310 31.97 -33.26 3.64
CA ILE F 310 32.97 -34.25 4.06
C ILE F 310 33.31 -34.06 5.55
N HIS F 311 33.50 -32.81 5.97
CA HIS F 311 33.92 -32.54 7.34
C HIS F 311 32.86 -32.99 8.35
N LEU F 312 31.58 -32.70 8.07
CA LEU F 312 30.54 -32.95 9.05
C LEU F 312 30.32 -34.45 9.27
N PHE F 313 30.33 -35.23 8.19
CA PHE F 313 29.95 -36.63 8.28
C PHE F 313 31.13 -37.58 8.51
N ILE F 314 32.36 -37.09 8.46
CA ILE F 314 33.51 -37.98 8.58
C ILE F 314 34.43 -37.55 9.71
N PHE F 315 34.98 -36.33 9.61
CA PHE F 315 36.01 -35.91 10.54
C PHE F 315 35.47 -35.54 11.92
N ARG F 316 34.27 -34.96 11.99
CA ARG F 316 33.74 -34.50 13.27
C ARG F 316 33.30 -35.70 14.11
N LYS F 317 33.91 -35.84 15.28
CA LYS F 317 33.63 -36.94 16.21
C LYS F 317 33.11 -36.40 17.54
N SER F 318 32.19 -35.45 17.49
CA SER F 318 31.60 -34.86 18.69
C SER F 318 30.10 -34.74 18.53
N ASN F 319 29.38 -35.00 19.63
CA ASN F 319 27.93 -34.87 19.67
C ASN F 319 27.56 -33.94 20.82
N PHE F 320 26.65 -33.00 20.54
CA PHE F 320 26.28 -32.02 21.55
C PHE F 320 25.55 -32.67 22.72
N ILE F 321 24.65 -33.61 22.44
CA ILE F 321 23.87 -34.24 23.50
C ILE F 321 24.76 -35.08 24.42
N PHE F 322 25.71 -35.82 23.82
CA PHE F 322 26.58 -36.67 24.63
C PHE F 322 27.48 -35.87 25.55
N ASP F 323 27.67 -34.58 25.26
CA ASP F 323 28.53 -33.74 26.09
C ASP F 323 27.77 -33.11 27.24
N LYS F 324 26.46 -32.93 27.10
CA LYS F 324 25.65 -32.23 28.10
C LYS F 324 24.76 -33.17 28.90
N LEU F 325 24.95 -34.48 28.77
CA LEU F 325 24.17 -35.46 29.52
C LEU F 325 24.96 -36.16 30.60
N HIS F 326 26.22 -36.52 30.34
CA HIS F 326 27.13 -37.12 31.31
C HIS F 326 26.63 -38.45 31.86
N LYS F 327 25.70 -39.11 31.15
CA LYS F 327 25.20 -40.42 31.58
C LYS F 327 24.83 -41.21 30.33
N VAL F 328 25.79 -41.98 29.82
CA VAL F 328 25.59 -42.83 28.65
C VAL F 328 26.21 -44.19 28.93
N GLY F 329 25.52 -45.26 28.51
CA GLY F 329 26.04 -46.59 28.70
C GLY F 329 27.16 -46.91 27.72
N ILE F 330 27.92 -47.95 28.07
CA ILE F 330 29.00 -48.40 27.19
C ILE F 330 28.46 -49.04 25.92
N LYS F 331 27.18 -49.44 25.91
CA LYS F 331 26.60 -50.04 24.71
C LYS F 331 26.53 -49.03 23.57
N THR F 332 26.26 -47.77 23.90
CA THR F 332 26.15 -46.72 22.88
C THR F 332 27.50 -46.21 22.39
N ARG F 333 28.60 -46.65 22.99
CA ARG F 333 29.92 -46.16 22.63
C ARG F 333 30.39 -46.69 21.27
N ARG F 334 30.47 -48.01 21.12
CA ARG F 334 31.01 -48.58 19.90
C ARG F 334 30.15 -48.25 18.68
N GLN F 335 28.83 -48.15 18.86
CA GLN F 335 27.97 -47.91 17.71
C GLN F 335 28.17 -46.51 17.13
N TRP F 336 28.43 -45.52 18.00
CA TRP F 336 28.57 -44.15 17.52
C TRP F 336 29.80 -43.98 16.63
N ARG F 337 30.91 -44.62 16.99
CA ARG F 337 32.12 -44.52 16.19
C ARG F 337 32.19 -45.54 15.07
N ARG F 338 31.20 -46.43 14.96
CA ARG F 338 31.18 -47.41 13.87
C ARG F 338 30.65 -46.79 12.58
N SER F 339 29.42 -46.29 12.61
CA SER F 339 28.78 -45.66 11.46
C SER F 339 28.30 -44.27 11.84
N GLN F 340 28.52 -43.31 10.94
CA GLN F 340 28.10 -41.93 11.16
C GLN F 340 26.71 -41.65 10.59
N PHE F 341 26.09 -42.62 9.92
CA PHE F 341 24.75 -42.46 9.35
C PHE F 341 23.71 -42.74 10.44
N CYS F 342 23.68 -41.85 11.43
CA CYS F 342 22.80 -42.01 12.58
C CYS F 342 21.85 -40.82 12.67
N ASP F 343 20.63 -41.10 13.13
CA ASP F 343 19.64 -40.04 13.31
C ASP F 343 20.05 -39.07 14.41
N ILE F 344 20.76 -39.55 15.43
CA ILE F 344 21.18 -38.68 16.52
C ILE F 344 22.18 -37.64 16.03
N ASN F 345 22.93 -37.94 14.96
CA ASN F 345 23.89 -36.98 14.44
C ASN F 345 23.21 -35.73 13.91
N ILE F 346 22.13 -35.91 13.14
CA ILE F 346 21.41 -34.76 12.61
C ILE F 346 20.71 -34.00 13.73
N LEU F 347 20.14 -34.72 14.70
CA LEU F 347 19.47 -34.07 15.81
C LEU F 347 20.43 -33.30 16.71
N ALA F 348 21.73 -33.63 16.67
CA ALA F 348 22.70 -32.93 17.51
C ALA F 348 22.81 -31.46 17.13
N MET F 349 22.86 -31.16 15.84
CA MET F 349 23.04 -29.78 15.40
C MET F 349 21.82 -28.92 15.75
N PHE F 350 20.61 -29.46 15.56
CA PHE F 350 19.41 -28.68 15.82
C PHE F 350 19.28 -28.32 17.29
N CYS F 351 19.63 -29.24 18.18
CA CYS F 351 19.60 -28.94 19.62
C CYS F 351 20.61 -27.85 19.97
N ASN F 352 21.79 -27.88 19.33
CA ASN F 352 22.82 -26.90 19.63
C ASN F 352 22.35 -25.49 19.25
N GLU F 353 21.70 -25.34 18.10
CA GLU F 353 21.24 -24.03 17.66
C GLU F 353 20.00 -23.55 18.41
N ASN F 354 19.37 -24.41 19.20
CA ASN F 354 18.22 -24.04 20.01
C ASN F 354 18.51 -24.16 21.50
N ARG F 355 19.76 -23.93 21.90
CA ARG F 355 20.16 -24.02 23.29
C ARG F 355 19.51 -22.97 24.17
N ASP F 356 18.90 -21.93 23.58
CA ASP F 356 18.25 -20.91 24.38
C ASP F 356 17.04 -21.47 25.12
N HIS F 357 16.28 -22.34 24.48
CA HIS F 357 15.03 -22.83 25.04
C HIS F 357 15.21 -23.73 26.25
N ILE F 358 16.42 -24.21 26.51
CA ILE F 358 16.71 -25.01 27.70
C ILE F 358 17.46 -24.15 28.70
N LYS F 359 16.90 -24.02 29.90
CA LYS F 359 17.44 -23.13 30.93
C LYS F 359 18.37 -23.82 31.90
N SER F 360 18.54 -25.13 31.79
CA SER F 360 19.42 -25.89 32.68
C SER F 360 20.81 -26.12 32.09
N LEU F 361 21.09 -25.55 30.92
CA LEU F 361 22.36 -25.80 30.26
C LEU F 361 23.54 -25.24 31.05
N ASN F 362 23.45 -23.98 31.46
CA ASN F 362 24.56 -23.33 32.15
C ASN F 362 24.78 -23.97 33.53
N ARG F 363 23.71 -24.26 34.25
CA ARG F 363 23.85 -24.87 35.57
C ARG F 363 24.45 -26.27 35.49
N LEU F 364 24.02 -27.06 34.50
CA LEU F 364 24.56 -28.41 34.36
C LEU F 364 25.99 -28.40 33.86
N ASP F 365 26.34 -27.44 33.00
CA ASP F 365 27.68 -27.38 32.45
C ASP F 365 28.72 -27.11 33.53
N PHE F 366 28.40 -26.21 34.47
CA PHE F 366 29.34 -25.89 35.53
C PHE F 366 29.52 -27.03 36.53
N ILE F 367 28.60 -28.00 36.55
CA ILE F 367 28.71 -29.11 37.48
C ILE F 367 29.94 -29.95 37.17
N THR F 368 30.18 -30.24 35.89
CA THR F 368 31.33 -31.04 35.49
C THR F 368 32.62 -30.22 35.59
N GLY G 35 3.91 -11.72 35.46
CA GLY G 35 5.04 -11.35 34.62
C GLY G 35 4.63 -10.79 33.27
N ALA G 36 3.44 -10.17 33.24
CA ALA G 36 2.95 -9.58 32.00
C ALA G 36 3.85 -8.41 31.55
N LEU G 37 4.28 -7.59 32.49
CA LEU G 37 5.15 -6.46 32.15
C LEU G 37 6.48 -6.95 31.58
N ALA G 38 7.07 -7.98 32.21
CA ALA G 38 8.32 -8.53 31.70
C ALA G 38 8.13 -9.16 30.32
N ALA G 39 7.02 -9.88 30.13
CA ALA G 39 6.75 -10.52 28.84
C ALA G 39 6.56 -9.50 27.74
N LEU G 40 5.87 -8.39 28.03
CA LEU G 40 5.64 -7.38 27.02
C LEU G 40 6.92 -6.69 26.60
N LEU G 41 7.89 -6.57 27.50
CA LEU G 41 9.17 -5.94 27.22
C LEU G 41 10.31 -6.97 27.23
N LEU G 42 10.03 -8.16 26.69
CA LEU G 42 11.00 -9.24 26.68
C LEU G 42 12.08 -9.07 25.62
N GLN G 43 11.97 -8.06 24.76
CA GLN G 43 12.97 -7.84 23.73
C GLN G 43 14.23 -7.27 24.34
N LEU G 44 15.36 -7.94 24.13
CA LEU G 44 16.64 -7.53 24.66
C LEU G 44 17.48 -6.90 23.54
N LYS G 45 18.04 -5.73 23.80
CA LYS G 45 18.90 -5.10 22.82
C LYS G 45 20.16 -5.93 22.60
N LEU G 46 20.52 -6.13 21.33
CA LEU G 46 21.67 -6.91 20.97
C LEU G 46 22.67 -6.15 20.09
N GLU G 47 22.26 -5.02 19.53
CA GLU G 47 23.11 -4.24 18.63
C GLU G 47 23.71 -3.06 19.40
N LEU G 48 25.03 -2.97 19.41
CA LEU G 48 25.69 -1.87 20.08
C LEU G 48 25.46 -0.56 19.31
N PRO G 49 25.40 0.57 20.02
CA PRO G 49 25.23 1.86 19.33
C PRO G 49 26.35 2.18 18.35
N PHE G 50 27.59 1.77 18.67
CA PHE G 50 28.70 2.05 17.77
C PHE G 50 28.53 1.34 16.44
N ASP G 51 28.04 0.09 16.47
CA ASP G 51 27.76 -0.62 15.24
C ASP G 51 26.68 0.08 14.42
N ARG G 52 25.64 0.57 15.09
CA ARG G 52 24.58 1.31 14.39
C ARG G 52 25.13 2.57 13.75
N VAL G 53 26.00 3.29 14.46
CA VAL G 53 26.59 4.51 13.90
C VAL G 53 27.44 4.17 12.68
N VAL G 54 28.27 3.13 12.77
CA VAL G 54 29.11 2.75 11.65
C VAL G 54 28.27 2.36 10.44
N THR G 55 27.20 1.58 10.67
CA THR G 55 26.35 1.16 9.56
C THR G 55 25.66 2.36 8.91
N ILE G 56 25.08 3.24 9.72
CA ILE G 56 24.34 4.37 9.16
C ILE G 56 25.28 5.35 8.48
N GLY G 57 26.54 5.38 8.90
CA GLY G 57 27.50 6.25 8.25
C GLY G 57 28.19 5.67 7.04
N THR G 58 28.16 4.34 6.90
CA THR G 58 28.88 3.69 5.80
C THR G 58 27.96 3.21 4.68
N VAL G 59 26.84 2.58 5.00
CA VAL G 59 26.02 1.88 4.00
C VAL G 59 24.86 2.74 3.53
N LEU G 60 24.12 3.36 4.45
CA LEU G 60 22.84 3.98 4.09
C LEU G 60 23.03 5.18 3.17
N VAL G 61 24.01 6.05 3.47
CA VAL G 61 24.17 7.29 2.70
C VAL G 61 24.48 7.03 1.22
N PRO G 62 25.40 6.13 0.86
CA PRO G 62 25.66 5.90 -0.57
C PRO G 62 24.44 5.48 -1.36
N ILE G 63 23.51 4.73 -0.74
CA ILE G 63 22.29 4.36 -1.47
C ILE G 63 21.47 5.59 -1.81
N LEU G 64 21.35 6.53 -0.86
CA LEU G 64 20.64 7.77 -1.14
C LEU G 64 21.32 8.58 -2.24
N LEU G 65 22.66 8.65 -2.20
CA LEU G 65 23.37 9.38 -3.25
C LEU G 65 23.17 8.72 -4.61
N VAL G 66 23.20 7.38 -4.67
CA VAL G 66 23.01 6.68 -5.92
C VAL G 66 21.61 6.91 -6.47
N THR G 67 20.60 6.86 -5.60
CA THR G 67 19.24 7.08 -6.09
C THR G 67 19.03 8.53 -6.54
N LEU G 68 19.68 9.49 -5.88
CA LEU G 68 19.63 10.86 -6.36
C LEU G 68 20.28 11.00 -7.73
N VAL G 69 21.43 10.36 -7.92
CA VAL G 69 22.11 10.41 -9.22
C VAL G 69 21.24 9.78 -10.31
N PHE G 70 20.60 8.65 -10.00
CA PHE G 70 19.73 8.00 -10.97
C PHE G 70 18.54 8.88 -11.33
N THR G 71 17.93 9.52 -10.32
CA THR G 71 16.80 10.40 -10.59
C THR G 71 17.22 11.57 -11.47
N LYS G 72 18.38 12.16 -11.21
CA LYS G 72 18.87 13.24 -12.06
C LYS G 72 19.16 12.74 -13.48
N ASN G 73 19.75 11.54 -13.60
CA ASN G 73 20.20 11.06 -14.90
C ASN G 73 19.05 10.62 -15.79
N PHE G 74 17.94 10.18 -15.20
CA PHE G 74 16.79 9.73 -15.98
C PHE G 74 15.76 10.82 -16.22
N ALA G 75 16.20 12.08 -16.34
CA ALA G 75 15.29 13.19 -16.60
C ALA G 75 15.72 14.04 -17.80
N GLU G 76 16.64 13.56 -18.63
CA GLU G 76 17.11 14.31 -19.78
C GLU G 76 17.55 13.33 -20.86
N GLU G 77 18.00 13.89 -21.99
CA GLU G 77 18.56 13.07 -23.05
C GLU G 77 19.94 12.56 -22.66
N PRO G 78 20.36 11.42 -23.22
CA PRO G 78 21.69 10.90 -22.86
C PRO G 78 22.84 11.70 -23.45
N ILE G 79 22.75 12.08 -24.73
CA ILE G 79 23.86 12.74 -25.41
C ILE G 79 23.31 13.76 -26.40
N TYR G 80 23.93 14.93 -26.42
CA TYR G 80 23.63 15.98 -27.39
C TYR G 80 24.78 16.05 -28.38
N CYS G 81 24.47 15.92 -29.67
CA CYS G 81 25.50 15.86 -30.69
C CYS G 81 25.04 16.64 -31.93
N TYR G 82 26.02 17.12 -32.70
CA TYR G 82 25.75 17.97 -33.85
C TYR G 82 25.36 17.10 -35.06
N THR G 83 25.00 17.77 -36.16
CA THR G 83 24.56 17.08 -37.36
C THR G 83 24.69 17.97 -38.59
N PRO G 84 25.24 17.46 -39.70
CA PRO G 84 25.35 18.28 -40.93
C PRO G 84 24.01 18.65 -41.52
N HIS G 85 24.02 19.46 -42.59
CA HIS G 85 22.79 19.97 -43.18
C HIS G 85 22.08 18.92 -44.04
N ASN G 86 22.84 18.11 -44.77
CA ASN G 86 22.23 17.19 -45.72
C ASN G 86 21.53 16.00 -45.06
N PHE G 87 21.83 15.73 -43.79
CA PHE G 87 21.25 14.58 -43.11
C PHE G 87 19.75 14.73 -42.95
N THR G 88 19.02 13.64 -43.19
CA THR G 88 17.59 13.58 -42.92
C THR G 88 17.39 13.30 -41.44
N ARG G 89 16.13 13.06 -41.05
CA ARG G 89 15.84 12.87 -39.63
C ARG G 89 16.30 11.51 -39.13
N ASP G 90 16.07 10.45 -39.91
CA ASP G 90 16.39 9.11 -39.46
C ASP G 90 17.90 8.89 -39.34
N GLN G 91 18.67 9.42 -40.29
CA GLN G 91 20.12 9.32 -40.18
C GLN G 91 20.65 10.09 -38.98
N ALA G 92 20.06 11.24 -38.68
CA ALA G 92 20.43 11.97 -37.47
C ALA G 92 20.12 11.16 -36.22
N LEU G 93 18.97 10.47 -36.21
CA LEU G 93 18.65 9.60 -35.08
C LEU G 93 19.66 8.47 -34.96
N TYR G 94 20.08 7.91 -36.09
CA TYR G 94 21.08 6.84 -36.05
C TYR G 94 22.42 7.33 -35.52
N ALA G 95 22.82 8.54 -35.91
CA ALA G 95 24.15 9.02 -35.55
C ALA G 95 24.32 9.16 -34.04
N ARG G 96 23.32 9.72 -33.37
CA ARG G 96 23.40 9.89 -31.92
C ARG G 96 23.56 8.55 -31.23
N GLY G 97 22.73 7.58 -31.60
CA GLY G 97 22.79 6.27 -30.97
C GLY G 97 24.10 5.55 -31.24
N TYR G 98 24.60 5.64 -32.47
CA TYR G 98 25.86 4.99 -32.81
C TYR G 98 27.02 5.59 -32.01
N CYS G 99 27.08 6.92 -31.94
CA CYS G 99 28.17 7.55 -31.21
C CYS G 99 28.04 7.35 -29.71
N TRP G 100 26.82 7.15 -29.21
CA TRP G 100 26.64 6.84 -27.79
C TRP G 100 27.04 5.40 -27.50
N THR G 101 26.75 4.47 -28.41
CA THR G 101 27.08 3.07 -28.19
C THR G 101 28.58 2.84 -28.27
N GLU G 102 29.24 3.40 -29.30
CA GLU G 102 30.67 3.18 -29.43
C GLU G 102 31.45 3.86 -28.31
N LEU G 103 31.17 5.14 -28.06
CA LEU G 103 31.80 5.93 -27.00
C LEU G 103 33.33 5.88 -27.13
N ARG G 104 33.80 6.16 -28.34
CA ARG G 104 35.22 6.11 -28.67
C ARG G 104 35.65 7.45 -29.27
N ASP G 105 36.80 7.94 -28.82
CA ASP G 105 37.33 9.20 -29.31
C ASP G 105 38.05 9.00 -30.64
N ALA G 106 38.48 10.11 -31.24
CA ALA G 106 39.23 10.07 -32.48
C ALA G 106 40.19 11.25 -32.51
N LEU G 107 41.29 11.09 -33.24
CA LEU G 107 42.30 12.13 -33.38
C LEU G 107 42.84 12.12 -34.80
N PRO G 108 43.30 13.27 -35.30
CA PRO G 108 43.85 13.31 -36.66
C PRO G 108 45.24 12.71 -36.73
N GLY G 109 45.48 11.93 -37.79
CA GLY G 109 46.78 11.35 -38.03
C GLY G 109 47.12 10.15 -37.18
N VAL G 110 46.18 9.63 -36.40
CA VAL G 110 46.41 8.49 -35.53
C VAL G 110 45.42 7.39 -35.90
N ASP G 111 45.91 6.15 -36.00
CA ASP G 111 45.06 5.03 -36.32
C ASP G 111 44.15 4.70 -35.14
N ALA G 112 43.17 3.83 -35.40
CA ALA G 112 42.16 3.49 -34.40
C ALA G 112 42.72 2.65 -33.25
N SER G 113 43.96 2.16 -33.36
CA SER G 113 44.52 1.30 -32.32
C SER G 113 44.90 2.07 -31.06
N LEU G 114 44.91 3.40 -31.10
CA LEU G 114 45.33 4.20 -29.94
C LEU G 114 44.29 5.24 -29.55
N TRP G 115 43.03 5.03 -29.91
CA TRP G 115 41.98 6.00 -29.60
C TRP G 115 41.50 5.81 -28.15
N PRO G 116 41.51 6.86 -27.34
CA PRO G 116 41.07 6.73 -25.94
C PRO G 116 39.57 6.44 -25.83
N SER G 117 39.21 5.84 -24.71
CA SER G 117 37.84 5.46 -24.41
C SER G 117 37.34 6.19 -23.16
N LEU G 118 36.03 6.15 -22.96
CA LEU G 118 35.39 6.83 -21.83
C LEU G 118 34.30 5.94 -21.21
N PHE G 119 34.60 4.65 -21.04
CA PHE G 119 33.57 3.69 -20.65
C PHE G 119 33.09 3.91 -19.22
N GLU G 120 33.99 4.31 -18.31
CA GLU G 120 33.58 4.44 -16.92
C GLU G 120 32.60 5.59 -16.72
N HIS G 121 32.62 6.59 -17.60
CA HIS G 121 31.63 7.66 -17.54
C HIS G 121 30.21 7.10 -17.62
N LYS G 122 30.02 6.01 -18.34
CA LYS G 122 28.75 5.31 -18.43
C LYS G 122 28.59 4.23 -17.39
N PHE G 123 29.70 3.63 -16.95
CA PHE G 123 29.66 2.48 -16.05
C PHE G 123 29.69 2.84 -14.57
N LEU G 124 29.80 4.12 -14.22
CA LEU G 124 30.06 4.50 -12.83
C LEU G 124 29.01 4.03 -11.82
N PRO G 125 27.71 4.31 -11.97
CA PRO G 125 26.78 4.09 -10.84
C PRO G 125 26.70 2.65 -10.36
N TYR G 126 26.83 1.68 -11.25
CA TYR G 126 26.73 0.27 -10.83
C TYR G 126 27.87 -0.10 -9.89
N ALA G 127 29.03 0.55 -10.03
CA ALA G 127 30.13 0.29 -9.11
C ALA G 127 29.75 0.67 -7.69
N LEU G 128 29.14 1.84 -7.51
CA LEU G 128 28.66 2.23 -6.19
C LEU G 128 27.56 1.31 -5.69
N LEU G 129 26.66 0.89 -6.60
CA LEU G 129 25.59 -0.02 -6.21
C LEU G 129 26.15 -1.33 -5.66
N ALA G 130 27.22 -1.85 -6.28
CA ALA G 130 27.84 -3.07 -5.77
C ALA G 130 28.64 -2.80 -4.49
N PHE G 131 29.26 -1.62 -4.40
CA PHE G 131 30.05 -1.29 -3.23
C PHE G 131 29.18 -1.24 -1.98
N ALA G 132 27.96 -0.75 -2.11
CA ALA G 132 27.04 -0.72 -0.97
C ALA G 132 26.88 -2.11 -0.37
N ALA G 133 26.57 -3.10 -1.21
CA ALA G 133 26.34 -4.45 -0.70
C ALA G 133 27.62 -5.08 -0.16
N ILE G 134 28.74 -4.91 -0.87
CA ILE G 134 29.97 -5.56 -0.42
C ILE G 134 30.43 -4.95 0.90
N MET G 135 30.08 -3.68 1.15
CA MET G 135 30.35 -3.08 2.46
C MET G 135 29.36 -3.56 3.51
N TYR G 136 28.11 -3.83 3.12
CA TYR G 136 27.10 -4.25 4.09
C TYR G 136 27.26 -5.70 4.53
N VAL G 137 27.98 -6.53 3.78
CA VAL G 137 28.07 -7.96 4.10
C VAL G 137 28.43 -8.25 5.56
N PRO G 138 29.49 -7.67 6.14
CA PRO G 138 29.90 -8.09 7.50
C PRO G 138 28.84 -7.89 8.57
N ALA G 139 28.03 -6.84 8.46
CA ALA G 139 27.00 -6.60 9.47
C ALA G 139 25.98 -7.74 9.49
N LEU G 140 25.59 -8.22 8.31
CA LEU G 140 24.73 -9.40 8.25
C LEU G 140 25.47 -10.65 8.68
N GLY G 141 26.78 -10.73 8.41
CA GLY G 141 27.53 -11.91 8.77
C GLY G 141 27.64 -12.12 10.27
N TRP G 142 27.78 -11.03 11.03
CA TRP G 142 28.02 -11.16 12.47
C TRP G 142 26.83 -11.78 13.20
N GLU G 143 25.60 -11.50 12.74
CA GLU G 143 24.42 -11.96 13.45
C GLU G 143 24.32 -13.49 13.44
N PHE G 144 24.64 -14.12 12.31
CA PHE G 144 24.51 -15.57 12.19
C PHE G 144 25.39 -16.30 13.19
N LEU G 145 26.42 -15.65 13.73
CA LEU G 145 27.27 -16.25 14.74
C LEU G 145 27.00 -15.74 16.14
N ALA G 146 26.46 -14.54 16.30
CA ALA G 146 26.24 -13.96 17.62
C ALA G 146 24.78 -13.95 18.05
N SER G 147 23.90 -14.65 17.33
CA SER G 147 22.48 -14.59 17.66
C SER G 147 22.17 -15.23 19.01
N THR G 148 22.64 -16.45 19.24
CA THR G 148 22.07 -17.31 20.28
C THR G 148 22.86 -17.33 21.58
N ARG G 149 24.17 -17.60 21.51
CA ARG G 149 24.96 -17.80 22.71
C ARG G 149 25.01 -16.54 23.57
N LEU G 150 25.13 -15.37 22.93
CA LEU G 150 25.15 -14.12 23.67
C LEU G 150 23.84 -13.91 24.41
N THR G 151 22.71 -14.17 23.75
CA THR G 151 21.42 -14.04 24.39
C THR G 151 21.30 -14.98 25.59
N SER G 152 21.72 -16.24 25.41
CA SER G 152 21.61 -17.21 26.50
C SER G 152 22.45 -16.79 27.70
N GLU G 153 23.71 -16.39 27.44
CA GLU G 153 24.59 -16.00 28.54
C GLU G 153 24.08 -14.74 29.24
N LEU G 154 23.61 -13.75 28.46
CA LEU G 154 23.07 -12.54 29.07
C LEU G 154 21.85 -12.84 29.92
N ASN G 155 20.97 -13.72 29.44
CA ASN G 155 19.79 -14.08 30.21
C ASN G 155 20.18 -14.77 31.51
N PHE G 156 21.15 -15.69 31.45
CA PHE G 156 21.59 -16.37 32.67
C PHE G 156 22.19 -15.38 33.66
N LEU G 157 23.03 -14.47 33.18
CA LEU G 157 23.65 -13.50 34.09
C LEU G 157 22.61 -12.59 34.73
N LEU G 158 21.66 -12.10 33.92
CA LEU G 158 20.62 -11.23 34.45
C LEU G 158 19.76 -11.95 35.47
N GLN G 159 19.48 -13.24 35.23
CA GLN G 159 18.78 -14.04 36.23
C GLN G 159 19.60 -14.16 37.51
N GLU G 160 20.91 -14.33 37.36
CA GLU G 160 21.78 -14.49 38.54
C GLU G 160 21.83 -13.22 39.38
N ILE G 161 21.76 -12.05 38.74
CA ILE G 161 21.89 -10.78 39.48
C ILE G 161 20.90 -10.71 40.63
N ASP G 162 19.74 -11.38 40.50
CA ASP G 162 18.79 -11.43 41.60
C ASP G 162 19.39 -12.14 42.82
N ASN G 163 20.10 -13.23 42.59
CA ASN G 163 20.64 -14.02 43.70
C ASN G 163 21.67 -13.23 44.50
N CYS G 164 22.52 -12.45 43.83
CA CYS G 164 23.58 -11.72 44.51
C CYS G 164 23.07 -10.55 45.34
N TYR G 165 21.78 -10.20 45.22
CA TYR G 165 21.24 -9.10 46.00
C TYR G 165 21.29 -9.40 47.50
N HIS G 166 20.95 -10.62 47.89
CA HIS G 166 20.97 -11.01 49.29
C HIS G 166 22.39 -11.13 49.83
N ASN G 208 28.76 -21.08 46.18
CA ASN G 208 29.77 -20.37 45.41
C ASN G 208 29.71 -20.74 43.94
N LEU G 209 28.49 -20.91 43.42
CA LEU G 209 28.31 -21.24 42.02
C LEU G 209 28.80 -20.11 41.12
N PHE G 210 28.43 -18.87 41.44
CA PHE G 210 28.87 -17.74 40.66
C PHE G 210 30.32 -17.37 40.94
N GLU G 211 30.81 -17.67 42.16
CA GLU G 211 32.22 -17.40 42.47
C GLU G 211 33.14 -18.22 41.58
N LYS G 212 32.82 -19.50 41.37
CA LYS G 212 33.61 -20.35 40.50
C LYS G 212 33.31 -20.12 39.03
N TYR G 213 32.19 -19.47 38.70
CA TYR G 213 31.82 -19.26 37.31
C TYR G 213 32.82 -18.34 36.61
N LEU G 214 33.28 -17.29 37.30
CA LEU G 214 34.19 -16.35 36.68
C LEU G 214 35.54 -16.99 36.36
N GLU G 215 35.95 -18.00 37.12
CA GLU G 215 37.21 -18.68 36.84
C GLU G 215 37.16 -19.37 35.48
N ARG G 216 36.07 -20.08 35.20
CA ARG G 216 35.95 -20.75 33.91
C ARG G 216 35.64 -19.77 32.79
N ARG G 217 34.73 -18.82 33.05
CA ARG G 217 34.30 -17.89 32.00
C ARG G 217 35.37 -16.88 31.66
N GLY G 218 36.20 -16.49 32.63
CA GLY G 218 37.19 -15.47 32.39
C GLY G 218 38.37 -15.91 31.55
N ARG G 219 38.54 -17.22 31.33
CA ARG G 219 39.62 -17.74 30.50
C ARG G 219 39.16 -18.14 29.11
N SER G 220 37.93 -17.84 28.74
CA SER G 220 37.49 -18.00 27.36
C SER G 220 37.74 -16.71 26.60
N ASN G 221 38.08 -16.85 25.31
CA ASN G 221 38.35 -15.69 24.46
C ASN G 221 37.67 -15.83 23.11
N PHE G 222 36.58 -16.58 23.04
CA PHE G 222 35.90 -16.78 21.77
C PHE G 222 35.23 -15.49 21.28
N LEU G 223 34.52 -14.81 22.17
CA LEU G 223 33.86 -13.55 21.79
C LEU G 223 34.88 -12.48 21.43
N ALA G 224 35.97 -12.39 22.20
CA ALA G 224 37.01 -11.41 21.89
C ALA G 224 37.66 -11.70 20.54
N LYS G 225 37.89 -12.98 20.23
CA LYS G 225 38.47 -13.35 18.95
C LYS G 225 37.51 -13.12 17.79
N LEU G 226 36.23 -12.90 18.06
CA LEU G 226 35.24 -12.65 17.02
C LEU G 226 34.92 -11.17 16.85
N TYR G 227 34.82 -10.42 17.96
CA TYR G 227 34.55 -8.99 17.86
C TYR G 227 35.69 -8.26 17.18
N LEU G 228 36.93 -8.65 17.47
CA LEU G 228 38.07 -8.04 16.81
C LEU G 228 38.08 -8.34 15.32
N ALA G 229 37.69 -9.56 14.94
CA ALA G 229 37.72 -9.95 13.54
C ALA G 229 36.72 -9.14 12.72
N ARG G 230 35.55 -8.84 13.29
CA ARG G 230 34.54 -8.10 12.55
C ARG G 230 35.01 -6.70 12.19
N HIS G 231 35.66 -6.02 13.13
CA HIS G 231 36.06 -4.63 12.89
C HIS G 231 37.24 -4.55 11.94
N VAL G 232 38.22 -5.45 12.08
CA VAL G 232 39.41 -5.38 11.24
C VAL G 232 39.05 -5.69 9.79
N LEU G 233 38.02 -6.52 9.56
CA LEU G 233 37.64 -6.85 8.19
C LEU G 233 37.06 -5.65 7.46
N ILE G 234 36.40 -4.74 8.18
CA ILE G 234 35.88 -3.53 7.55
C ILE G 234 37.02 -2.67 7.01
N LEU G 235 38.11 -2.56 7.79
CA LEU G 235 39.25 -1.77 7.36
C LEU G 235 39.89 -2.35 6.10
N LEU G 236 40.01 -3.68 6.04
CA LEU G 236 40.64 -4.30 4.87
C LEU G 236 39.78 -4.14 3.62
N LEU G 237 38.46 -4.28 3.76
CA LEU G 237 37.56 -4.14 2.62
C LEU G 237 37.42 -2.70 2.15
N SER G 238 37.95 -1.72 2.89
CA SER G 238 37.85 -0.33 2.51
C SER G 238 38.93 0.09 1.52
N ALA G 239 39.86 -0.79 1.18
CA ALA G 239 40.91 -0.43 0.24
C ALA G 239 40.41 -0.42 -1.20
N VAL G 240 39.38 -1.20 -1.52
CA VAL G 240 38.87 -1.30 -2.88
C VAL G 240 38.08 -0.05 -3.27
N PRO G 241 37.03 0.35 -2.55
CA PRO G 241 36.25 1.51 -3.02
C PRO G 241 37.04 2.81 -3.06
N ILE G 242 37.96 3.01 -2.12
CA ILE G 242 38.73 4.26 -2.11
C ILE G 242 39.72 4.31 -3.27
N SER G 243 40.36 3.17 -3.57
CA SER G 243 41.39 3.16 -4.60
C SER G 243 40.81 3.48 -5.97
N TYR G 244 39.62 2.94 -6.28
CA TYR G 244 39.03 3.16 -7.60
C TYR G 244 38.52 4.59 -7.74
N LEU G 245 37.97 5.15 -6.66
CA LEU G 245 37.42 6.51 -6.74
C LEU G 245 38.54 7.55 -6.83
N CYS G 246 39.65 7.33 -6.13
CA CYS G 246 40.75 8.29 -6.16
C CYS G 246 41.39 8.35 -7.54
N THR G 247 41.46 7.22 -8.24
CA THR G 247 42.03 7.19 -9.58
C THR G 247 41.04 7.59 -10.66
N TYR G 248 39.81 7.95 -10.29
CA TYR G 248 38.82 8.47 -11.22
C TYR G 248 38.62 9.97 -11.08
N TYR G 249 38.81 10.52 -9.87
CA TYR G 249 38.58 11.95 -9.66
C TYR G 249 39.58 12.80 -10.42
N ALA G 250 40.86 12.39 -10.45
CA ALA G 250 41.93 13.21 -10.98
C ALA G 250 42.60 12.56 -12.18
N THR G 251 41.84 11.79 -12.96
CA THR G 251 42.36 11.16 -14.16
C THR G 251 41.63 11.60 -15.42
N GLN G 252 40.30 11.59 -15.41
CA GLN G 252 39.50 11.91 -16.58
C GLN G 252 38.72 13.19 -16.35
N LYS G 253 38.99 14.20 -17.17
CA LYS G 253 38.25 15.46 -17.13
C LYS G 253 37.67 15.83 -18.49
N GLN G 254 37.78 14.94 -19.49
CA GLN G 254 37.28 15.24 -20.81
C GLN G 254 35.77 15.31 -20.82
N ASN G 255 35.24 16.20 -21.67
CA ASN G 255 33.80 16.38 -21.82
C ASN G 255 33.35 16.44 -23.27
N GLU G 256 34.25 16.64 -24.23
CA GLU G 256 33.91 16.68 -25.65
C GLU G 256 34.85 15.76 -26.42
N PHE G 257 34.36 15.22 -27.53
CA PHE G 257 35.16 14.37 -28.39
C PHE G 257 34.60 14.43 -29.80
N THR G 258 35.40 13.97 -30.76
CA THR G 258 35.04 14.01 -32.17
C THR G 258 34.72 12.58 -32.62
N CYS G 259 33.46 12.19 -32.46
CA CYS G 259 33.01 10.88 -32.93
C CYS G 259 33.08 10.82 -34.45
N ALA G 260 33.56 9.69 -34.97
CA ALA G 260 33.75 9.50 -36.40
C ALA G 260 33.04 8.21 -36.82
N LEU G 261 31.81 8.33 -37.31
CA LEU G 261 31.06 7.19 -37.81
C LEU G 261 31.49 6.91 -39.24
N GLY G 262 31.83 5.65 -39.51
CA GLY G 262 32.30 5.27 -40.84
C GLY G 262 31.30 4.47 -41.65
N ALA G 263 30.62 5.12 -42.57
CA ALA G 263 29.71 4.47 -43.52
C ALA G 263 29.27 5.46 -44.58
N SER G 264 29.28 5.06 -45.85
CA SER G 264 28.76 5.90 -46.94
C SER G 264 27.92 5.06 -47.89
N PRO G 265 26.78 4.52 -47.43
CA PRO G 265 25.89 3.81 -48.36
C PRO G 265 24.89 4.76 -49.02
N ASP G 266 25.37 5.50 -50.02
CA ASP G 266 24.54 6.47 -50.72
C ASP G 266 23.45 5.79 -51.54
N PRO G 273 35.93 8.59 -46.72
CA PRO G 273 35.12 9.80 -46.86
C PRO G 273 34.01 9.88 -45.81
N ALA G 274 34.23 9.23 -44.67
CA ALA G 274 33.25 9.24 -43.60
C ALA G 274 33.11 10.62 -42.98
N VAL G 275 31.90 10.98 -42.59
CA VAL G 275 31.65 12.27 -41.97
C VAL G 275 32.11 12.26 -40.53
N ARG G 276 32.23 13.44 -39.94
CA ARG G 276 32.68 13.62 -38.57
C ARG G 276 31.76 14.59 -37.85
N VAL G 277 31.42 14.27 -36.61
CA VAL G 277 30.54 15.10 -35.79
C VAL G 277 31.19 15.30 -34.43
N SER G 278 30.75 16.35 -33.74
CA SER G 278 31.22 16.67 -32.40
C SER G 278 30.06 16.50 -31.42
N CYS G 279 30.27 15.70 -30.39
CA CYS G 279 29.23 15.32 -29.44
C CYS G 279 29.42 16.06 -28.12
N LYS G 280 28.57 15.73 -27.14
CA LYS G 280 28.65 16.34 -25.83
C LYS G 280 27.97 15.43 -24.81
N LEU G 281 28.54 15.35 -23.61
CA LEU G 281 28.05 14.47 -22.56
C LEU G 281 27.56 15.30 -21.37
N PRO G 282 26.26 15.57 -21.25
CA PRO G 282 25.74 16.33 -20.11
C PRO G 282 25.42 15.45 -18.91
N SER G 283 26.33 14.54 -18.58
CA SER G 283 26.18 13.66 -17.41
C SER G 283 27.51 13.51 -16.69
N VAL G 284 28.30 14.58 -16.64
CA VAL G 284 29.63 14.52 -16.03
C VAL G 284 29.84 15.57 -14.95
N GLN G 285 29.12 16.68 -14.95
CA GLN G 285 29.37 17.72 -13.96
C GLN G 285 28.80 17.41 -12.59
N LEU G 286 27.91 16.43 -12.49
CA LEU G 286 27.33 16.02 -11.21
C LEU G 286 27.97 14.78 -10.64
N GLN G 287 28.32 13.80 -11.49
CA GLN G 287 29.01 12.61 -11.01
C GLN G 287 30.40 12.92 -10.47
N ARG G 288 30.98 14.06 -10.85
CA ARG G 288 32.27 14.44 -10.31
C ARG G 288 32.16 14.85 -8.85
N ILE G 289 31.12 15.59 -8.49
CA ILE G 289 30.97 16.06 -7.12
C ILE G 289 30.62 14.91 -6.18
N ILE G 290 29.77 14.00 -6.63
CA ILE G 290 29.37 12.86 -5.79
C ILE G 290 30.58 11.99 -5.46
N ALA G 291 31.47 11.80 -6.45
CA ALA G 291 32.67 11.01 -6.21
C ALA G 291 33.65 11.70 -5.27
N GLY G 292 33.47 12.98 -4.99
CA GLY G 292 34.34 13.69 -4.06
C GLY G 292 33.86 13.62 -2.64
N VAL G 293 32.55 13.73 -2.44
CA VAL G 293 31.98 13.62 -1.10
C VAL G 293 32.16 12.22 -0.56
N ASP G 294 31.97 11.20 -1.41
CA ASP G 294 32.07 9.82 -0.95
C ASP G 294 33.48 9.49 -0.45
N ILE G 295 34.51 10.14 -1.00
CA ILE G 295 35.86 9.89 -0.55
C ILE G 295 36.06 10.38 0.88
N VAL G 296 35.60 11.60 1.17
CA VAL G 296 35.80 12.16 2.50
C VAL G 296 34.97 11.40 3.54
N LEU G 297 33.70 11.13 3.23
CA LEU G 297 32.83 10.47 4.20
C LEU G 297 33.33 9.08 4.55
N LEU G 298 33.81 8.33 3.55
CA LEU G 298 34.27 6.97 3.81
C LEU G 298 35.62 6.96 4.52
N CYS G 299 36.45 7.99 4.31
CA CYS G 299 37.77 8.01 4.92
C CYS G 299 37.70 8.36 6.40
N VAL G 300 36.78 9.24 6.78
CA VAL G 300 36.63 9.62 8.18
C VAL G 300 36.18 8.42 9.02
N MET G 301 35.22 7.66 8.51
CA MET G 301 34.74 6.49 9.24
C MET G 301 35.83 5.44 9.40
N ASN G 302 36.82 5.43 8.50
CA ASN G 302 37.94 4.51 8.65
C ASN G 302 38.83 4.91 9.83
N LEU G 303 38.99 6.21 10.05
CA LEU G 303 39.85 6.67 11.14
C LEU G 303 39.18 6.48 12.50
N ILE G 304 37.88 6.74 12.59
CA ILE G 304 37.19 6.67 13.87
C ILE G 304 37.17 5.26 14.42
N ILE G 305 37.23 4.25 13.54
CA ILE G 305 37.27 2.86 14.00
C ILE G 305 38.60 2.57 14.68
N LEU G 306 39.70 3.07 14.13
CA LEU G 306 41.02 2.74 14.65
C LEU G 306 41.21 3.28 16.07
N VAL G 307 40.75 4.51 16.33
CA VAL G 307 40.98 5.11 17.64
C VAL G 307 40.18 4.39 18.73
N ASN G 308 38.96 3.96 18.40
CA ASN G 308 38.13 3.30 19.40
C ASN G 308 38.66 1.91 19.75
N LEU G 309 39.22 1.21 18.76
CA LEU G 309 39.72 -0.14 19.01
C LEU G 309 40.89 -0.14 19.99
N ILE G 310 41.81 0.82 19.84
CA ILE G 310 42.96 0.88 20.74
C ILE G 310 42.52 1.23 22.16
N HIS G 311 41.63 2.22 22.29
CA HIS G 311 41.20 2.65 23.61
C HIS G 311 40.48 1.55 24.38
N LEU G 312 39.60 0.81 23.71
CA LEU G 312 38.78 -0.18 24.41
C LEU G 312 39.62 -1.32 24.97
N PHE G 313 40.58 -1.82 24.21
CA PHE G 313 41.30 -3.03 24.58
C PHE G 313 42.62 -2.78 25.30
N ILE G 314 43.05 -1.53 25.42
CA ILE G 314 44.36 -1.27 26.02
C ILE G 314 44.23 -0.30 27.21
N PHE G 315 43.74 0.91 26.94
CA PHE G 315 43.77 1.96 27.96
C PHE G 315 42.69 1.78 29.02
N ARG G 316 41.50 1.30 28.65
CA ARG G 316 40.41 1.21 29.60
C ARG G 316 40.65 0.06 30.57
N LYS G 317 40.75 0.39 31.86
CA LYS G 317 40.98 -0.58 32.93
C LYS G 317 39.82 -0.59 33.91
N SER G 318 38.59 -0.59 33.40
CA SER G 318 37.40 -0.61 34.22
C SER G 318 36.39 -1.61 33.66
N ASN G 319 35.76 -2.37 34.56
CA ASN G 319 34.73 -3.34 34.21
C ASN G 319 33.45 -2.98 34.95
N PHE G 320 32.35 -2.88 34.19
CA PHE G 320 31.07 -2.50 34.79
C PHE G 320 30.58 -3.54 35.78
N ILE G 321 30.73 -4.83 35.45
CA ILE G 321 30.21 -5.89 36.31
C ILE G 321 30.96 -5.92 37.64
N PHE G 322 32.27 -5.64 37.63
CA PHE G 322 33.04 -5.68 38.86
C PHE G 322 32.68 -4.55 39.80
N ASP G 323 32.33 -3.38 39.26
CA ASP G 323 32.04 -2.23 40.11
C ASP G 323 30.75 -2.42 40.90
N LYS G 324 29.75 -3.06 40.29
CA LYS G 324 28.44 -3.20 40.92
C LYS G 324 28.27 -4.50 41.69
N LEU G 325 29.32 -5.31 41.81
CA LEU G 325 29.26 -6.55 42.56
C LEU G 325 29.86 -6.44 43.95
N HIS G 326 30.98 -5.72 44.09
CA HIS G 326 31.64 -5.49 45.37
C HIS G 326 32.10 -6.79 46.03
N LYS G 327 32.22 -7.88 45.27
CA LYS G 327 32.66 -9.16 45.82
C LYS G 327 33.41 -9.91 44.72
N VAL G 328 34.73 -9.74 44.72
CA VAL G 328 35.61 -10.44 43.79
C VAL G 328 36.79 -11.01 44.58
N GLY G 329 37.17 -12.24 44.24
CA GLY G 329 38.28 -12.87 44.94
C GLY G 329 39.62 -12.29 44.55
N ILE G 330 40.59 -12.50 45.43
CA ILE G 330 41.96 -12.06 45.13
C ILE G 330 42.54 -12.83 43.96
N LYS G 331 42.09 -14.07 43.76
CA LYS G 331 42.55 -14.84 42.61
C LYS G 331 42.12 -14.19 41.30
N THR G 332 40.96 -13.55 41.29
CA THR G 332 40.42 -12.92 40.09
C THR G 332 41.00 -11.53 39.84
N ARG G 333 41.86 -11.01 40.72
CA ARG G 333 42.32 -9.64 40.58
C ARG G 333 43.41 -9.53 39.51
N ARG G 334 44.52 -10.24 39.70
CA ARG G 334 45.64 -10.07 38.78
C ARG G 334 45.35 -10.63 37.39
N GLN G 335 44.43 -11.58 37.25
CA GLN G 335 44.14 -12.14 35.94
C GLN G 335 43.54 -11.09 35.02
N TRP G 336 42.66 -10.23 35.55
CA TRP G 336 42.02 -9.22 34.73
C TRP G 336 43.03 -8.20 34.20
N ARG G 337 44.01 -7.81 35.03
CA ARG G 337 45.00 -6.83 34.62
C ARG G 337 46.16 -7.46 33.84
N ARG G 338 46.19 -8.78 33.70
CA ARG G 338 47.26 -9.43 32.95
C ARG G 338 46.99 -9.38 31.45
N SER G 339 45.87 -9.97 31.01
CA SER G 339 45.49 -10.01 29.62
C SER G 339 44.11 -9.39 29.44
N GLN G 340 43.94 -8.60 28.39
CA GLN G 340 42.67 -7.95 28.09
C GLN G 340 41.77 -8.78 27.18
N PHE G 341 42.26 -9.92 26.68
CA PHE G 341 41.46 -10.79 25.81
C PHE G 341 40.61 -11.73 26.64
N CYS G 342 39.68 -11.14 27.41
CA CYS G 342 38.82 -11.87 28.31
C CYS G 342 37.38 -11.81 27.81
N ASP G 343 36.67 -12.93 27.94
CA ASP G 343 35.27 -12.97 27.55
C ASP G 343 34.41 -12.05 28.40
N ILE G 344 34.79 -11.84 29.66
CA ILE G 344 34.02 -10.95 30.53
C ILE G 344 34.11 -9.51 30.06
N ASN G 345 35.20 -9.14 29.37
CA ASN G 345 35.34 -7.76 28.91
C ASN G 345 34.26 -7.39 27.90
N ILE G 346 33.98 -8.27 26.95
CA ILE G 346 32.93 -8.00 25.97
C ILE G 346 31.56 -8.04 26.63
N LEU G 347 31.35 -8.98 27.56
CA LEU G 347 30.07 -9.08 28.24
C LEU G 347 29.79 -7.89 29.14
N ALA G 348 30.83 -7.21 29.63
CA ALA G 348 30.63 -6.07 30.51
C ALA G 348 29.91 -4.93 29.79
N MET G 349 30.31 -4.66 28.55
CA MET G 349 29.71 -3.55 27.80
C MET G 349 28.23 -3.80 27.54
N PHE G 350 27.87 -5.03 27.19
CA PHE G 350 26.47 -5.34 26.89
C PHE G 350 25.58 -5.16 28.12
N CYS G 351 26.08 -5.53 29.30
CA CYS G 351 25.30 -5.35 30.52
C CYS G 351 25.08 -3.87 30.82
N ASN G 352 26.08 -3.04 30.54
CA ASN G 352 25.95 -1.61 30.81
C ASN G 352 24.82 -0.98 30.00
N GLU G 353 24.71 -1.35 28.73
CA GLU G 353 23.66 -0.79 27.89
C GLU G 353 22.29 -1.40 28.16
N ASN G 354 22.22 -2.48 28.95
CA ASN G 354 20.96 -3.10 29.32
C ASN G 354 20.70 -3.00 30.81
N ARG G 355 21.16 -1.92 31.45
CA ARG G 355 20.98 -1.73 32.88
C ARG G 355 19.52 -1.49 33.27
N ASP G 356 18.64 -1.25 32.29
CA ASP G 356 17.23 -1.04 32.62
C ASP G 356 16.60 -2.32 33.17
N HIS G 357 16.96 -3.48 32.61
CA HIS G 357 16.30 -4.72 32.95
C HIS G 357 16.62 -5.21 34.36
N ILE G 358 17.62 -4.65 35.03
CA ILE G 358 17.93 -4.99 36.41
C ILE G 358 17.40 -3.88 37.31
N LYS G 359 16.57 -4.26 38.29
CA LYS G 359 15.88 -3.30 39.13
C LYS G 359 16.62 -2.98 40.43
N SER G 360 17.63 -3.77 40.79
CA SER G 360 18.39 -3.55 42.01
C SER G 360 19.63 -2.71 41.82
N LEU G 361 19.79 -2.09 40.64
CA LEU G 361 21.00 -1.32 40.36
C LEU G 361 21.11 -0.10 41.28
N ASN G 362 20.04 0.70 41.37
CA ASN G 362 20.10 1.92 42.16
C ASN G 362 20.19 1.62 43.65
N ARG G 363 19.45 0.61 44.12
CA ARG G 363 19.49 0.27 45.54
C ARG G 363 20.87 -0.25 45.95
N LEU G 364 21.49 -1.08 45.11
CA LEU G 364 22.80 -1.63 45.44
C LEU G 364 23.88 -0.56 45.34
N ASP G 365 23.76 0.35 44.38
CA ASP G 365 24.78 1.38 44.19
C ASP G 365 24.86 2.31 45.39
N PHE G 366 23.71 2.68 45.94
CA PHE G 366 23.69 3.59 47.09
C PHE G 366 24.22 2.94 48.35
N ILE G 367 24.31 1.61 48.40
CA ILE G 367 24.82 0.93 49.58
C ILE G 367 26.28 1.29 49.85
N THR G 368 27.09 1.29 48.80
CA THR G 368 28.50 1.62 48.93
C THR G 368 28.70 3.13 49.10
#